data_1P4E
#
_entry.id   1P4E
#
_cell.length_a   79.760
_cell.length_b   116.715
_cell.length_c   142.053
_cell.angle_alpha   90.00
_cell.angle_beta   97.64
_cell.angle_gamma   90.00
#
_symmetry.space_group_name_H-M   'P 1 21 1'
#
loop_
_entity.id
_entity.type
_entity.pdbx_description
1 polymer "5'-D(*TP*AP*AP*GP*TP*TP*CP*CP*TP*AP*TP*TP*C)-3'"
2 polymer "5'-D(*TP*TP*TP*AP*AP*AP*AP*GP*AP*AP*TP*AP*GP*GP*AP*AP*CP*TP*TP*C)-3'"
3 polymer 33-MER
4 polymer 'Recombinase FLP protein'
5 polymer 'Recombinase FLP protein'
6 non-polymer PHOSPHONATE
7 water water
#
loop_
_entity_poly.entity_id
_entity_poly.type
_entity_poly.pdbx_seq_one_letter_code
_entity_poly.pdbx_strand_id
1 'polydeoxyribonucleotide' (DT)(DA)(DA)(DG)(DT)(DT)(DC)(DC)(DT)(DA)(DT)(DT)(DC) E,F
2 'polydeoxyribonucleotide' (DT)(DT)(DT)(DA)(DA)(DA)(DA)(DG)(DA)(DA)(DT)(DA)(DG)(DG)(DA)(DA)(DC)(DT)(DT)(DC) I,J
3 'polydeoxyribonucleotide'
;(DT)(DA)(DA)(DG)(DT)(DT)(DC)(DC)(DT)(DA)(DT)(DT)(DC)(DT)(DT)(DT)(DA)(DA)(DA)(DA)
(DG)(DA)(DA)(DT)(DA)(DG)(DG)(DA)(DA)(DC)(DT)(DT)(DC)
;
G,H
4 'polypeptide(L)'
;SQFDILCKTPPKVLVRQFVERFERPSGEKIASCAAELTYLCWMITHNGTAIKRATFMSYNTIISNSLSFDIVNKSLQFKY
KTQKATILEASLKKLIPAWEFTIIPYNGQKHQSDITDIVSSLQLQFESSEEADKGNSHSKKMLKALLSEGESIWEITEKI
LNSFEYTSRFTKTKTLYQFLFLATFINCGRFSDIKNVDPKSFKLVQNKYLGVIIQCLVTETKTSVSRHIYFFSARGRIDP
LVYLDEFLRNSEPVLKRVNRTGNSSSNKQEYQLLKDNLVRSYNKALKKNAPYPIFAIKNGPKSHIGRHLMTSFLSMKGLT
ELTNVVGNFSDKRASAVARTTYTHQITAIPDHYFALVSRYYAYDPISKEMIALKDETNPIEEWQHIEQLKGSAEGSIRYP
AWNGIISQEVLDYLSSYINRRIGHHHHHH
;
A,B
5 'polypeptide(L)'
;SQFDILCKTPPKVLVRQFVERFERPSGEKIASCAAELTYLCWMITHNGTAIKRATFMSYNTIISNSLSFDIVNKSLQFKY
KTQKATILEASLKKLIPAWEFTIIPYNGQKHQSDITDIVSSLQLQFESSEEADKGNSHSKKMLKALLSEGESIWEITEKI
LNSFEYTSRFTKTKTLYQFLFLATFINCGRFSDIKNVDPKSFKLVQNKYLGVIIQCLVTETKTSVSRHIYFFSARGRIDP
LVYLDEFLRNSEPVLKRVNRTGNSSSNKQEYQLLKDNLVRSYNKALKKNAPYPIFAIKNGPKSHIGRHLMTSFLSMKGLT
ELTNVVGNFSDKRASAVARTT(PTR)THQITAIPDHYFALVSRYYAYDPISKEMIALKDETNPIEEWQHIEQLKGSAEGS
IRYPAWNGIISQEVLDYLSSYINRRIGHHHHHH
;
C,D
#
# COMPACT_ATOMS: atom_id res chain seq x y z
N SER G 1 2.17 -12.75 -43.61
CA SER G 1 1.00 -12.95 -42.72
C SER G 1 -0.01 -11.82 -42.87
N GLN G 2 -1.25 -12.05 -42.44
CA GLN G 2 -2.28 -11.04 -42.55
C GLN G 2 -1.87 -9.79 -41.79
N PHE G 3 -1.48 -9.96 -40.54
CA PHE G 3 -1.09 -8.82 -39.73
C PHE G 3 0.02 -8.01 -40.40
N ASP G 4 0.97 -8.67 -41.04
CA ASP G 4 2.05 -7.94 -41.69
C ASP G 4 1.48 -7.07 -42.80
N ILE G 5 0.54 -7.63 -43.56
CA ILE G 5 -0.09 -6.91 -44.66
C ILE G 5 -0.85 -5.72 -44.10
N LEU G 6 -1.48 -5.90 -42.95
CA LEU G 6 -2.24 -4.83 -42.33
C LEU G 6 -1.28 -3.67 -42.09
N CYS G 7 -0.15 -3.96 -41.47
CA CYS G 7 0.85 -2.95 -41.17
C CYS G 7 1.42 -2.28 -42.41
N LYS G 8 1.41 -3.00 -43.52
CA LYS G 8 1.93 -2.46 -44.78
C LYS G 8 0.91 -1.56 -45.48
N THR G 9 -0.38 -1.83 -45.25
CA THR G 9 -1.46 -1.06 -45.87
C THR G 9 -1.69 0.31 -45.23
N PRO G 10 -1.72 1.37 -46.06
CA PRO G 10 -1.94 2.74 -45.57
C PRO G 10 -3.35 2.88 -45.02
N PRO G 11 -3.50 3.56 -43.87
CA PRO G 11 -4.81 3.75 -43.25
C PRO G 11 -5.92 4.11 -44.23
N LYS G 12 -5.75 5.21 -44.96
CA LYS G 12 -6.76 5.63 -45.91
C LYS G 12 -7.12 4.50 -46.87
N VAL G 13 -6.13 3.68 -47.21
CA VAL G 13 -6.34 2.55 -48.11
C VAL G 13 -7.23 1.50 -47.46
N LEU G 14 -6.97 1.21 -46.18
CA LEU G 14 -7.76 0.23 -45.46
C LEU G 14 -9.22 0.62 -45.48
N VAL G 15 -9.51 1.84 -45.04
CA VAL G 15 -10.87 2.34 -45.02
C VAL G 15 -11.44 2.27 -46.44
N ARG G 16 -10.57 2.46 -47.42
CA ARG G 16 -10.99 2.41 -48.82
C ARG G 16 -11.46 0.99 -49.09
N GLN G 17 -10.53 0.05 -49.01
CA GLN G 17 -10.80 -1.37 -49.26
C GLN G 17 -12.03 -1.88 -48.53
N PHE G 18 -12.27 -1.36 -47.32
CA PHE G 18 -13.42 -1.79 -46.54
C PHE G 18 -14.71 -1.30 -47.17
N VAL G 19 -14.75 0.00 -47.50
CA VAL G 19 -15.92 0.61 -48.11
C VAL G 19 -16.29 -0.07 -49.43
N GLU G 20 -15.28 -0.33 -50.27
CA GLU G 20 -15.50 -0.98 -51.56
C GLU G 20 -16.33 -2.25 -51.44
N ARG G 21 -16.03 -3.04 -50.42
CA ARG G 21 -16.74 -4.29 -50.20
C ARG G 21 -18.26 -4.14 -50.14
N PHE G 22 -18.73 -2.95 -49.78
CA PHE G 22 -20.17 -2.71 -49.66
C PHE G 22 -20.87 -1.98 -50.80
N GLU G 23 -20.14 -1.66 -51.85
CA GLU G 23 -20.76 -0.96 -52.99
C GLU G 23 -21.38 -2.00 -53.90
N ARG G 24 -20.65 -3.08 -54.14
CA ARG G 24 -21.13 -4.19 -54.95
C ARG G 24 -21.28 -5.37 -53.99
N PRO G 25 -22.27 -5.31 -53.09
CA PRO G 25 -22.53 -6.36 -52.09
C PRO G 25 -22.32 -7.78 -52.58
N SER G 26 -21.11 -8.30 -52.32
CA SER G 26 -20.73 -9.64 -52.73
C SER G 26 -20.34 -10.50 -51.53
N GLY G 27 -20.82 -11.74 -51.50
CA GLY G 27 -20.48 -12.62 -50.40
C GLY G 27 -18.98 -12.78 -50.34
N GLU G 28 -18.35 -12.91 -51.50
CA GLU G 28 -16.90 -13.08 -51.59
C GLU G 28 -16.14 -11.89 -51.02
N LYS G 29 -16.74 -10.71 -51.09
CA LYS G 29 -16.09 -9.50 -50.59
C LYS G 29 -16.39 -9.17 -49.13
N ILE G 30 -17.65 -9.23 -48.73
CA ILE G 30 -18.02 -8.94 -47.35
C ILE G 30 -17.42 -9.94 -46.37
N ALA G 31 -17.30 -11.19 -46.79
CA ALA G 31 -16.75 -12.23 -45.93
C ALA G 31 -15.24 -12.11 -45.68
N SER G 32 -14.59 -11.17 -46.38
CA SER G 32 -13.15 -10.98 -46.21
C SER G 32 -12.82 -9.67 -45.52
N CYS G 33 -13.80 -9.05 -44.88
CA CYS G 33 -13.59 -7.76 -44.20
C CYS G 33 -13.08 -7.91 -42.78
N ALA G 34 -12.97 -9.15 -42.31
CA ALA G 34 -12.52 -9.45 -40.95
C ALA G 34 -11.29 -8.66 -40.48
N ALA G 35 -10.18 -8.77 -41.20
CA ALA G 35 -8.96 -8.05 -40.82
C ALA G 35 -9.22 -6.57 -40.72
N GLU G 36 -9.76 -6.01 -41.79
CA GLU G 36 -10.08 -4.59 -41.84
C GLU G 36 -11.01 -4.18 -40.70
N LEU G 37 -12.09 -4.94 -40.53
CA LEU G 37 -13.06 -4.65 -39.48
C LEU G 37 -12.41 -4.65 -38.10
N THR G 38 -11.50 -5.59 -37.87
CA THR G 38 -10.78 -5.70 -36.61
C THR G 38 -10.03 -4.40 -36.37
N TYR G 39 -9.20 -4.03 -37.34
CA TYR G 39 -8.42 -2.81 -37.27
C TYR G 39 -9.32 -1.62 -36.92
N LEU G 40 -10.40 -1.47 -37.68
CA LEU G 40 -11.34 -0.38 -37.46
C LEU G 40 -11.96 -0.35 -36.08
N CYS G 41 -12.55 -1.48 -35.67
CA CYS G 41 -13.18 -1.52 -34.36
C CYS G 41 -12.19 -1.11 -33.28
N TRP G 42 -10.92 -1.44 -33.48
CA TRP G 42 -9.89 -1.08 -32.51
C TRP G 42 -9.61 0.41 -32.57
N MET G 43 -9.22 0.89 -33.75
CA MET G 43 -8.93 2.30 -33.94
C MET G 43 -10.04 3.18 -33.40
N ILE G 44 -11.27 2.73 -33.59
CA ILE G 44 -12.42 3.47 -33.09
C ILE G 44 -12.41 3.49 -31.56
N THR G 45 -12.54 2.32 -30.96
CA THR G 45 -12.59 2.20 -29.50
C THR G 45 -11.34 2.70 -28.77
N HIS G 46 -10.25 2.93 -29.49
CA HIS G 46 -9.03 3.40 -28.84
C HIS G 46 -8.51 4.71 -29.39
N ASN G 47 -9.32 5.36 -30.21
CA ASN G 47 -8.96 6.64 -30.79
C ASN G 47 -7.58 6.66 -31.46
N GLY G 48 -7.36 5.76 -32.41
CA GLY G 48 -6.11 5.74 -33.14
C GLY G 48 -4.91 5.03 -32.54
N THR G 49 -4.99 4.65 -31.26
CA THR G 49 -3.89 3.94 -30.62
C THR G 49 -3.53 2.71 -31.47
N ALA G 50 -2.25 2.34 -31.50
CA ALA G 50 -1.83 1.18 -32.28
C ALA G 50 -2.36 -0.12 -31.69
N ILE G 51 -2.36 -1.18 -32.49
CA ILE G 51 -2.82 -2.47 -32.02
C ILE G 51 -1.67 -3.46 -32.11
N LYS G 52 -1.53 -4.31 -31.10
CA LYS G 52 -0.46 -5.30 -31.05
C LYS G 52 -0.80 -6.55 -31.86
N ARG G 53 0.23 -7.11 -32.50
CA ARG G 53 0.08 -8.31 -33.31
C ARG G 53 -0.81 -9.37 -32.67
N ALA G 54 -0.42 -9.80 -31.47
CA ALA G 54 -1.19 -10.83 -30.78
C ALA G 54 -2.64 -10.43 -30.61
N THR G 55 -2.88 -9.21 -30.14
CA THR G 55 -4.24 -8.76 -29.92
C THR G 55 -5.00 -8.75 -31.22
N PHE G 56 -4.38 -8.24 -32.27
CA PHE G 56 -5.05 -8.22 -33.54
C PHE G 56 -5.41 -9.65 -33.95
N MET G 57 -4.42 -10.54 -33.90
CA MET G 57 -4.63 -11.94 -34.26
C MET G 57 -5.85 -12.50 -33.55
N SER G 58 -5.88 -12.34 -32.23
CA SER G 58 -6.99 -12.83 -31.42
C SER G 58 -8.35 -12.30 -31.84
N TYR G 59 -8.45 -10.98 -31.90
CA TYR G 59 -9.69 -10.33 -32.27
C TYR G 59 -10.12 -10.70 -33.68
N ASN G 60 -9.16 -10.75 -34.60
CA ASN G 60 -9.49 -11.10 -35.97
C ASN G 60 -10.13 -12.48 -36.03
N THR G 61 -9.62 -13.40 -35.21
CA THR G 61 -10.17 -14.75 -35.20
C THR G 61 -11.60 -14.66 -34.72
N ILE G 62 -11.79 -13.97 -33.59
CA ILE G 62 -13.13 -13.83 -33.01
C ILE G 62 -14.12 -13.25 -34.01
N ILE G 63 -13.71 -12.22 -34.73
CA ILE G 63 -14.59 -11.63 -35.72
C ILE G 63 -14.88 -12.66 -36.82
N SER G 64 -13.83 -13.25 -37.38
CA SER G 64 -14.00 -14.24 -38.42
C SER G 64 -15.01 -15.33 -38.03
N ASN G 65 -14.85 -15.89 -36.84
CA ASN G 65 -15.75 -16.94 -36.38
C ASN G 65 -17.20 -16.50 -36.19
N SER G 66 -17.42 -15.20 -35.98
CA SER G 66 -18.79 -14.71 -35.73
C SER G 66 -19.43 -13.91 -36.86
N LEU G 67 -18.61 -13.43 -37.80
CA LEU G 67 -19.13 -12.63 -38.89
C LEU G 67 -20.28 -13.32 -39.62
N SER G 68 -21.37 -12.58 -39.81
CA SER G 68 -22.56 -13.07 -40.52
C SER G 68 -23.27 -11.85 -41.07
N PHE G 69 -23.91 -11.98 -42.23
CA PHE G 69 -24.56 -10.82 -42.82
C PHE G 69 -25.68 -11.14 -43.80
N ASP G 70 -26.55 -10.16 -44.00
CA ASP G 70 -27.67 -10.27 -44.92
C ASP G 70 -27.45 -9.19 -45.98
N ILE G 71 -27.15 -9.63 -47.20
CA ILE G 71 -26.90 -8.69 -48.28
C ILE G 71 -28.16 -7.94 -48.70
N VAL G 72 -29.32 -8.57 -48.51
CA VAL G 72 -30.58 -7.95 -48.88
C VAL G 72 -31.01 -6.85 -47.90
N ASN G 73 -31.01 -7.17 -46.60
CA ASN G 73 -31.40 -6.20 -45.59
C ASN G 73 -30.24 -5.28 -45.22
N LYS G 74 -29.12 -5.49 -45.89
CA LYS G 74 -27.92 -4.71 -45.67
C LYS G 74 -27.58 -4.59 -44.18
N SER G 75 -27.48 -5.75 -43.53
CA SER G 75 -27.14 -5.84 -42.12
C SER G 75 -25.93 -6.77 -41.95
N LEU G 76 -25.14 -6.51 -40.91
CA LEU G 76 -23.95 -7.31 -40.65
C LEU G 76 -23.62 -7.30 -39.17
N GLN G 77 -23.36 -8.47 -38.60
CA GLN G 77 -23.04 -8.56 -37.18
C GLN G 77 -21.82 -9.44 -36.90
N PHE G 78 -21.27 -9.26 -35.71
CA PHE G 78 -20.11 -10.03 -35.29
C PHE G 78 -19.79 -9.72 -33.82
N LYS G 79 -18.95 -10.54 -33.22
CA LYS G 79 -18.56 -10.36 -31.83
C LYS G 79 -17.25 -9.59 -31.73
N TYR G 80 -17.12 -8.84 -30.64
CA TYR G 80 -15.92 -8.05 -30.41
C TYR G 80 -15.82 -7.74 -28.93
N LYS G 81 -14.62 -7.90 -28.36
CA LYS G 81 -14.44 -7.62 -26.95
C LYS G 81 -14.60 -6.13 -26.70
N THR G 82 -15.83 -5.74 -26.34
CA THR G 82 -16.12 -4.34 -26.03
C THR G 82 -17.41 -4.26 -25.25
N GLN G 83 -17.63 -3.12 -24.60
CA GLN G 83 -18.85 -2.92 -23.83
C GLN G 83 -19.61 -1.70 -24.31
N LYS G 84 -18.98 -0.93 -25.17
CA LYS G 84 -19.60 0.26 -25.75
C LYS G 84 -19.92 -0.05 -27.21
N ALA G 85 -20.67 -1.15 -27.41
CA ALA G 85 -21.07 -1.61 -28.72
C ALA G 85 -21.74 -0.52 -29.54
N THR G 86 -22.61 0.24 -28.89
CA THR G 86 -23.35 1.31 -29.55
C THR G 86 -22.41 2.30 -30.25
N ILE G 87 -21.51 2.90 -29.50
CA ILE G 87 -20.56 3.86 -30.06
C ILE G 87 -19.92 3.28 -31.31
N LEU G 88 -19.54 2.01 -31.21
CA LEU G 88 -18.90 1.31 -32.31
C LEU G 88 -19.84 1.11 -33.50
N GLU G 89 -21.05 0.62 -33.23
CA GLU G 89 -22.04 0.39 -34.27
C GLU G 89 -22.28 1.69 -35.04
N ALA G 90 -22.47 2.77 -34.29
CA ALA G 90 -22.69 4.08 -34.90
C ALA G 90 -21.55 4.47 -35.82
N SER G 91 -20.33 4.50 -35.28
CA SER G 91 -19.15 4.85 -36.07
C SER G 91 -19.07 4.04 -37.35
N LEU G 92 -19.39 2.75 -37.26
CA LEU G 92 -19.36 1.90 -38.43
C LEU G 92 -20.38 2.37 -39.45
N LYS G 93 -21.61 2.60 -39.00
CA LYS G 93 -22.67 3.06 -39.88
C LYS G 93 -22.25 4.32 -40.65
N LYS G 94 -21.69 5.28 -39.94
CA LYS G 94 -21.25 6.53 -40.56
C LYS G 94 -20.34 6.28 -41.76
N LEU G 95 -19.62 5.16 -41.73
CA LEU G 95 -18.70 4.84 -42.81
C LEU G 95 -19.43 4.14 -43.96
N ILE G 96 -20.56 3.51 -43.63
CA ILE G 96 -21.38 2.80 -44.61
C ILE G 96 -22.83 2.92 -44.13
N PRO G 97 -23.45 4.09 -44.35
CA PRO G 97 -24.82 4.48 -44.00
C PRO G 97 -25.92 3.48 -44.36
N ALA G 98 -25.84 2.91 -45.56
CA ALA G 98 -26.84 1.97 -46.03
C ALA G 98 -27.01 0.77 -45.10
N TRP G 99 -25.90 0.35 -44.48
CA TRP G 99 -25.92 -0.81 -43.60
C TRP G 99 -26.18 -0.58 -42.12
N GLU G 100 -26.66 -1.63 -41.47
CA GLU G 100 -26.98 -1.64 -40.05
C GLU G 100 -26.04 -2.68 -39.40
N PHE G 101 -25.22 -2.23 -38.45
CA PHE G 101 -24.29 -3.14 -37.79
C PHE G 101 -24.76 -3.53 -36.39
N THR G 102 -24.35 -4.71 -35.93
CA THR G 102 -24.71 -5.19 -34.61
C THR G 102 -23.52 -5.86 -33.94
N ILE G 103 -22.93 -5.20 -32.96
CA ILE G 103 -21.79 -5.77 -32.26
C ILE G 103 -22.30 -6.63 -31.12
N ILE G 104 -21.88 -7.88 -31.10
CA ILE G 104 -22.29 -8.82 -30.06
C ILE G 104 -21.15 -9.04 -29.08
N PRO G 105 -21.39 -8.80 -27.78
CA PRO G 105 -20.37 -8.99 -26.74
C PRO G 105 -19.76 -10.38 -26.80
N TYR G 106 -18.44 -10.46 -26.63
CA TYR G 106 -17.75 -11.75 -26.65
C TYR G 106 -18.02 -12.50 -25.36
N ASN G 107 -18.28 -11.75 -24.28
CA ASN G 107 -18.52 -12.31 -22.95
C ASN G 107 -20.00 -12.43 -22.60
N GLY G 108 -20.38 -13.59 -22.07
CA GLY G 108 -21.76 -13.82 -21.69
C GLY G 108 -22.26 -13.01 -20.51
N GLN G 109 -23.45 -12.44 -20.67
CA GLN G 109 -24.08 -11.62 -19.64
C GLN G 109 -25.46 -12.22 -19.37
N SER G 113 -26.73 -17.24 -19.60
CA SER G 113 -26.86 -17.95 -18.34
C SER G 113 -28.32 -18.13 -17.93
N ASP G 114 -28.99 -19.08 -18.58
CA ASP G 114 -30.40 -19.37 -18.30
C ASP G 114 -30.53 -20.59 -17.38
N ILE G 115 -31.34 -20.44 -16.34
CA ILE G 115 -31.56 -21.48 -15.35
C ILE G 115 -31.77 -22.89 -15.90
N THR G 116 -32.88 -23.11 -16.59
CA THR G 116 -33.21 -24.42 -17.15
C THR G 116 -32.02 -25.13 -17.79
N ASP G 117 -31.10 -24.37 -18.36
CA ASP G 117 -29.92 -24.95 -18.99
C ASP G 117 -28.99 -25.35 -17.86
N ILE G 118 -28.69 -24.37 -17.00
CA ILE G 118 -27.83 -24.59 -15.85
C ILE G 118 -28.30 -25.84 -15.12
N VAL G 119 -29.61 -25.93 -14.93
CA VAL G 119 -30.20 -27.05 -14.25
C VAL G 119 -29.93 -28.36 -14.97
N SER G 120 -30.46 -28.49 -16.18
CA SER G 120 -30.29 -29.72 -16.97
C SER G 120 -28.83 -30.13 -17.01
N SER G 121 -27.96 -29.13 -17.05
CA SER G 121 -26.52 -29.38 -17.07
C SER G 121 -26.11 -29.98 -15.71
N LEU G 122 -26.64 -29.42 -14.62
CA LEU G 122 -26.34 -29.90 -13.28
C LEU G 122 -26.94 -31.28 -13.13
N GLN G 123 -28.17 -31.44 -13.62
CA GLN G 123 -28.87 -32.71 -13.54
C GLN G 123 -28.03 -33.78 -14.22
N LEU G 124 -27.36 -33.39 -15.29
CA LEU G 124 -26.51 -34.28 -16.06
C LEU G 124 -25.35 -34.71 -15.18
N GLN G 125 -24.64 -33.73 -14.63
CA GLN G 125 -23.49 -33.98 -13.77
C GLN G 125 -23.86 -34.83 -12.56
N PHE G 126 -25.00 -34.52 -11.94
CA PHE G 126 -25.48 -35.25 -10.78
C PHE G 126 -25.48 -36.74 -11.03
N GLU G 127 -25.84 -37.14 -12.26
CA GLU G 127 -25.92 -38.55 -12.64
C GLU G 127 -24.57 -39.23 -12.92
N SER G 128 -23.69 -38.52 -13.61
CA SER G 128 -22.38 -39.08 -13.93
C SER G 128 -21.22 -38.15 -13.55
N GLY G 135 -11.95 -28.99 -10.84
CA GLY G 135 -12.13 -28.58 -12.22
C GLY G 135 -11.49 -29.53 -13.22
N ASN G 136 -11.84 -29.40 -14.49
CA ASN G 136 -11.30 -30.26 -15.54
C ASN G 136 -9.85 -29.90 -15.84
N SER G 137 -9.09 -29.63 -14.77
CA SER G 137 -7.68 -29.28 -14.93
C SER G 137 -6.76 -30.44 -14.56
N HIS G 138 -6.60 -31.34 -15.51
CA HIS G 138 -5.75 -32.52 -15.41
C HIS G 138 -4.32 -32.01 -15.56
N SER G 139 -4.22 -30.75 -15.96
CA SER G 139 -2.94 -30.10 -16.16
C SER G 139 -2.35 -29.79 -14.79
N LYS G 140 -3.17 -29.23 -13.91
CA LYS G 140 -2.72 -28.88 -12.57
C LYS G 140 -2.43 -30.13 -11.77
N LYS G 141 -3.11 -31.22 -12.11
CA LYS G 141 -2.92 -32.48 -11.40
C LYS G 141 -1.52 -33.00 -11.66
N MET G 142 -1.10 -33.00 -12.93
CA MET G 142 0.21 -33.49 -13.29
C MET G 142 1.31 -32.60 -12.75
N LEU G 143 1.09 -31.29 -12.81
CA LEU G 143 2.10 -30.36 -12.32
C LEU G 143 2.39 -30.61 -10.84
N LYS G 144 1.36 -30.94 -10.08
CA LYS G 144 1.55 -31.23 -8.67
C LYS G 144 2.44 -32.46 -8.56
N ALA G 145 2.07 -33.52 -9.28
CA ALA G 145 2.84 -34.75 -9.27
C ALA G 145 4.31 -34.45 -9.53
N LEU G 146 4.58 -33.91 -10.72
CA LEU G 146 5.93 -33.56 -11.13
C LEU G 146 6.77 -33.11 -9.93
N LEU G 147 6.23 -32.20 -9.15
CA LEU G 147 6.91 -31.66 -7.98
C LEU G 147 6.73 -32.53 -6.73
N SER G 148 5.58 -33.18 -6.64
CA SER G 148 5.25 -34.02 -5.48
C SER G 148 6.03 -35.32 -5.35
N GLU G 149 6.27 -35.99 -6.47
CA GLU G 149 7.01 -37.24 -6.42
C GLU G 149 8.43 -37.04 -5.90
N GLY G 150 9.31 -38.02 -6.14
CA GLY G 150 10.68 -37.93 -5.65
C GLY G 150 11.51 -36.71 -6.05
N GLU G 151 12.16 -36.82 -7.21
CA GLU G 151 13.04 -35.80 -7.79
C GLU G 151 12.90 -34.36 -7.32
N SER G 152 14.05 -33.69 -7.17
CA SER G 152 14.13 -32.30 -6.76
C SER G 152 13.99 -31.44 -8.01
N ILE G 153 13.79 -30.14 -7.82
CA ILE G 153 13.64 -29.24 -8.96
C ILE G 153 14.82 -29.40 -9.91
N TRP G 154 16.03 -29.37 -9.36
CA TRP G 154 17.22 -29.50 -10.19
C TRP G 154 17.29 -30.84 -10.93
N GLU G 155 16.80 -31.90 -10.31
CA GLU G 155 16.82 -33.21 -10.96
C GLU G 155 15.88 -33.17 -12.17
N ILE G 156 14.69 -32.58 -11.98
CA ILE G 156 13.70 -32.47 -13.05
C ILE G 156 14.24 -31.62 -14.18
N THR G 157 14.93 -30.55 -13.82
CA THR G 157 15.50 -29.63 -14.79
C THR G 157 16.49 -30.36 -15.69
N GLU G 158 17.38 -31.11 -15.07
CA GLU G 158 18.40 -31.85 -15.81
C GLU G 158 17.78 -32.89 -16.74
N LYS G 159 16.79 -33.61 -16.23
CA LYS G 159 16.13 -34.63 -17.02
C LYS G 159 15.49 -34.03 -18.27
N ILE G 160 14.78 -32.92 -18.11
CA ILE G 160 14.14 -32.27 -19.25
C ILE G 160 15.22 -31.81 -20.20
N LEU G 161 16.22 -31.12 -19.64
CA LEU G 161 17.32 -30.61 -20.43
C LEU G 161 17.90 -31.73 -21.29
N ASN G 162 17.99 -32.92 -20.68
CA ASN G 162 18.54 -34.11 -21.32
C ASN G 162 17.69 -34.66 -22.46
N SER G 163 16.37 -34.65 -22.29
CA SER G 163 15.45 -35.18 -23.28
C SER G 163 15.66 -34.67 -24.71
N PHE G 164 16.38 -33.55 -24.87
CA PHE G 164 16.63 -33.01 -26.20
C PHE G 164 17.98 -33.48 -26.74
N GLU G 165 18.89 -33.82 -25.83
CA GLU G 165 20.25 -34.25 -26.16
C GLU G 165 20.42 -35.15 -27.40
N TYR G 166 19.54 -36.12 -27.59
CA TYR G 166 19.69 -36.98 -28.76
C TYR G 166 18.49 -36.92 -29.69
N THR G 167 17.33 -36.68 -29.13
CA THR G 167 16.13 -36.61 -29.93
C THR G 167 16.13 -35.50 -30.98
N SER G 168 17.01 -34.52 -30.82
CA SER G 168 17.07 -33.40 -31.76
C SER G 168 17.67 -33.79 -33.11
N ARG G 169 17.14 -33.23 -34.19
CA ARG G 169 17.62 -33.53 -35.53
C ARG G 169 18.87 -32.75 -35.93
N PHE G 170 19.08 -31.57 -35.34
CA PHE G 170 20.25 -30.76 -35.64
C PHE G 170 20.89 -30.29 -34.35
N THR G 171 22.15 -29.88 -34.45
CA THR G 171 22.86 -29.38 -33.28
C THR G 171 22.25 -28.04 -32.89
N LYS G 172 21.87 -27.26 -33.91
CA LYS G 172 21.28 -25.95 -33.65
C LYS G 172 20.00 -26.09 -32.83
N THR G 173 19.07 -26.92 -33.28
CA THR G 173 17.82 -27.10 -32.56
C THR G 173 18.08 -27.64 -31.16
N LYS G 174 19.01 -28.57 -31.06
CA LYS G 174 19.35 -29.14 -29.75
C LYS G 174 19.83 -27.99 -28.86
N THR G 175 20.77 -27.22 -29.41
CA THR G 175 21.35 -26.08 -28.73
C THR G 175 20.27 -25.08 -28.30
N LEU G 176 19.39 -24.74 -29.22
CA LEU G 176 18.33 -23.79 -28.95
C LEU G 176 17.37 -24.29 -27.86
N TYR G 177 16.86 -25.50 -28.01
CA TYR G 177 15.94 -26.03 -27.02
C TYR G 177 16.52 -25.97 -25.62
N GLN G 178 17.71 -26.54 -25.43
CA GLN G 178 18.33 -26.54 -24.11
C GLN G 178 18.58 -25.13 -23.59
N PHE G 179 19.07 -24.25 -24.44
CA PHE G 179 19.32 -22.87 -24.04
C PHE G 179 18.02 -22.22 -23.58
N LEU G 180 17.02 -22.27 -24.45
CA LEU G 180 15.72 -21.67 -24.13
C LEU G 180 15.18 -22.23 -22.83
N PHE G 181 15.13 -23.55 -22.70
CA PHE G 181 14.62 -24.14 -21.48
C PHE G 181 15.36 -23.67 -20.25
N LEU G 182 16.67 -23.83 -20.25
CA LEU G 182 17.45 -23.42 -19.09
C LEU G 182 17.30 -21.93 -18.83
N ALA G 183 17.22 -21.14 -19.89
CA ALA G 183 17.07 -19.69 -19.77
C ALA G 183 15.77 -19.38 -19.07
N THR G 184 14.69 -19.99 -19.54
CA THR G 184 13.38 -19.75 -18.94
C THR G 184 13.33 -20.12 -17.47
N PHE G 185 13.94 -21.25 -17.12
CA PHE G 185 13.94 -21.69 -15.72
C PHE G 185 14.72 -20.71 -14.86
N ILE G 186 15.96 -20.46 -15.26
CA ILE G 186 16.84 -19.56 -14.56
C ILE G 186 16.27 -18.16 -14.27
N ASN G 187 15.56 -17.59 -15.24
CA ASN G 187 14.99 -16.26 -15.09
C ASN G 187 13.51 -16.26 -14.75
N CYS G 188 12.92 -17.43 -14.67
CA CYS G 188 11.50 -17.53 -14.37
C CYS G 188 10.77 -16.68 -15.39
N GLY G 189 11.28 -16.66 -16.61
CA GLY G 189 10.67 -15.86 -17.66
C GLY G 189 9.89 -16.69 -18.66
N ARG G 190 9.07 -16.01 -19.47
CA ARG G 190 8.27 -16.68 -20.50
C ARG G 190 9.13 -16.78 -21.75
N PHE G 191 8.63 -17.48 -22.76
CA PHE G 191 9.36 -17.62 -24.01
C PHE G 191 9.77 -16.26 -24.50
N SER G 192 8.78 -15.38 -24.66
CA SER G 192 8.98 -14.02 -25.13
C SER G 192 10.01 -13.24 -24.32
N ASP G 193 10.10 -13.49 -23.02
CA ASP G 193 11.07 -12.79 -22.18
C ASP G 193 12.47 -13.12 -22.64
N ILE G 194 12.64 -14.30 -23.20
CA ILE G 194 13.96 -14.70 -23.66
C ILE G 194 14.16 -14.29 -25.12
N LYS G 195 13.13 -14.51 -25.92
CA LYS G 195 13.15 -14.17 -27.34
C LYS G 195 13.36 -12.69 -27.65
N ASN G 196 12.66 -11.81 -26.94
CA ASN G 196 12.77 -10.37 -27.18
C ASN G 196 13.94 -9.65 -26.54
N VAL G 197 14.90 -10.39 -25.99
CA VAL G 197 16.06 -9.76 -25.39
C VAL G 197 16.81 -9.00 -26.48
N ASP G 198 17.31 -7.82 -26.15
CA ASP G 198 18.07 -7.03 -27.10
C ASP G 198 19.51 -7.50 -26.99
N PRO G 199 19.97 -8.32 -27.94
CA PRO G 199 21.34 -8.83 -27.89
C PRO G 199 22.41 -7.76 -27.61
N LYS G 200 22.11 -6.52 -27.98
CA LYS G 200 23.06 -5.44 -27.76
C LYS G 200 23.09 -4.93 -26.33
N SER G 201 22.24 -5.48 -25.47
CA SER G 201 22.19 -5.04 -24.08
C SER G 201 22.98 -5.91 -23.11
N PHE G 202 23.67 -6.93 -23.61
CA PHE G 202 24.45 -7.81 -22.73
C PHE G 202 25.53 -7.00 -22.00
N LYS G 203 25.63 -7.19 -20.68
CA LYS G 203 26.62 -6.49 -19.88
C LYS G 203 27.11 -7.39 -18.78
N LEU G 204 28.26 -7.05 -18.23
CA LEU G 204 28.81 -7.80 -17.11
C LEU G 204 28.47 -6.96 -15.90
N VAL G 205 27.75 -7.54 -14.95
CA VAL G 205 27.35 -6.81 -13.75
C VAL G 205 27.92 -7.50 -12.53
N GLN G 206 28.32 -6.72 -11.53
CA GLN G 206 28.90 -7.32 -10.33
C GLN G 206 27.86 -7.88 -9.37
N ASN G 207 28.22 -8.98 -8.73
CA ASN G 207 27.37 -9.68 -7.78
C ASN G 207 28.29 -10.14 -6.66
N LYS G 208 28.05 -9.65 -5.46
CA LYS G 208 28.92 -9.99 -4.34
C LYS G 208 29.05 -11.46 -3.99
N TYR G 209 28.21 -12.31 -4.58
CA TYR G 209 28.29 -13.74 -4.29
C TYR G 209 28.97 -14.58 -5.38
N LEU G 210 28.75 -14.22 -6.63
CA LEU G 210 29.35 -14.95 -7.75
C LEU G 210 30.41 -14.15 -8.50
N GLY G 211 30.71 -12.95 -8.02
CA GLY G 211 31.69 -12.10 -8.71
C GLY G 211 30.92 -11.28 -9.73
N VAL G 212 30.65 -11.87 -10.89
CA VAL G 212 29.88 -11.20 -11.92
C VAL G 212 28.94 -12.17 -12.60
N ILE G 213 27.90 -11.62 -13.22
CA ILE G 213 26.94 -12.42 -13.93
C ILE G 213 26.60 -11.64 -15.18
N ILE G 214 26.11 -12.34 -16.19
CA ILE G 214 25.75 -11.69 -17.44
C ILE G 214 24.32 -11.18 -17.39
N GLN G 215 24.12 -9.92 -17.75
CA GLN G 215 22.80 -9.32 -17.72
C GLN G 215 22.41 -8.75 -19.08
N CYS G 216 21.18 -8.99 -19.49
CA CYS G 216 20.70 -8.43 -20.75
C CYS G 216 19.32 -7.85 -20.47
N LEU G 217 18.76 -7.12 -21.43
CA LEU G 217 17.47 -6.49 -21.21
C LEU G 217 16.34 -6.82 -22.18
N VAL G 218 15.14 -6.98 -21.66
CA VAL G 218 13.97 -7.24 -22.50
C VAL G 218 13.02 -6.09 -22.25
N THR G 219 12.57 -5.47 -23.34
CA THR G 219 11.67 -4.33 -23.23
C THR G 219 10.26 -4.72 -23.62
N GLU G 220 10.17 -5.50 -24.68
CA GLU G 220 8.88 -5.93 -25.22
C GLU G 220 8.30 -7.15 -24.49
N THR G 221 7.95 -6.96 -23.22
CA THR G 221 7.37 -8.03 -22.41
C THR G 221 5.85 -7.99 -22.47
N LYS G 222 5.21 -9.06 -21.99
CA LYS G 222 3.76 -9.15 -22.03
C LYS G 222 3.06 -7.96 -21.39
N THR G 223 3.49 -7.62 -20.18
CA THR G 223 2.93 -6.49 -19.43
C THR G 223 3.62 -5.17 -19.74
N SER G 224 4.47 -5.18 -20.76
CA SER G 224 5.17 -3.98 -21.16
C SER G 224 6.05 -3.39 -20.05
N VAL G 225 6.31 -4.18 -19.02
CA VAL G 225 7.18 -3.73 -17.93
C VAL G 225 8.52 -4.37 -18.20
N SER G 226 9.54 -3.56 -18.50
CA SER G 226 10.86 -4.11 -18.79
C SER G 226 11.47 -4.92 -17.64
N ARG G 227 12.31 -5.89 -18.01
CA ARG G 227 12.98 -6.73 -17.02
C ARG G 227 14.31 -7.19 -17.55
N HIS G 228 15.15 -7.66 -16.65
CA HIS G 228 16.46 -8.15 -17.03
C HIS G 228 16.46 -9.68 -17.12
N ILE G 229 17.32 -10.22 -17.98
CA ILE G 229 17.47 -11.65 -18.13
C ILE G 229 18.93 -11.94 -17.82
N TYR G 230 19.18 -12.96 -17.01
CA TYR G 230 20.55 -13.28 -16.62
C TYR G 230 21.09 -14.64 -17.01
N PHE G 231 22.41 -14.76 -16.89
CA PHE G 231 23.14 -15.98 -17.19
C PHE G 231 24.31 -15.96 -16.24
N PHE G 232 24.53 -17.06 -15.55
CA PHE G 232 25.61 -17.10 -14.59
C PHE G 232 26.15 -18.50 -14.40
N SER G 233 27.35 -18.55 -13.85
CA SER G 233 28.04 -19.80 -13.57
C SER G 233 27.26 -20.54 -12.50
N ALA G 234 27.10 -21.84 -12.67
CA ALA G 234 26.39 -22.64 -11.68
C ALA G 234 27.19 -23.89 -11.37
N ARG G 235 27.29 -24.22 -10.09
CA ARG G 235 28.02 -25.40 -9.66
C ARG G 235 27.18 -26.63 -9.99
N GLY G 236 27.84 -27.68 -10.48
CA GLY G 236 27.11 -28.90 -10.82
C GLY G 236 27.20 -29.26 -12.29
N ARG G 237 26.41 -30.24 -12.72
CA ARG G 237 26.41 -30.67 -14.12
C ARG G 237 25.70 -29.71 -15.06
N ILE G 238 24.89 -28.82 -14.52
CA ILE G 238 24.18 -27.85 -15.35
C ILE G 238 24.73 -26.46 -15.16
N ASP G 239 25.42 -25.95 -16.18
CA ASP G 239 26.02 -24.62 -16.11
C ASP G 239 25.46 -23.71 -17.19
N PRO G 240 24.61 -22.74 -16.78
CA PRO G 240 24.02 -21.80 -17.73
C PRO G 240 25.05 -21.22 -18.70
N LEU G 241 26.20 -20.81 -18.19
CA LEU G 241 27.23 -20.24 -19.06
C LEU G 241 27.59 -21.19 -20.20
N VAL G 242 27.63 -22.48 -19.90
CA VAL G 242 27.97 -23.48 -20.91
C VAL G 242 26.91 -23.52 -22.00
N TYR G 243 25.64 -23.53 -21.61
CA TYR G 243 24.56 -23.56 -22.59
C TYR G 243 24.49 -22.27 -23.36
N LEU G 244 24.89 -21.16 -22.72
CA LEU G 244 24.88 -19.87 -23.40
C LEU G 244 25.94 -19.95 -24.50
N ASP G 245 27.07 -20.56 -24.13
CA ASP G 245 28.18 -20.75 -25.05
C ASP G 245 27.73 -21.55 -26.26
N GLU G 246 27.12 -22.71 -26.01
CA GLU G 246 26.63 -23.56 -27.09
C GLU G 246 25.61 -22.82 -27.95
N PHE G 247 24.74 -22.06 -27.29
CA PHE G 247 23.73 -21.29 -28.01
C PHE G 247 24.40 -20.34 -28.99
N LEU G 248 25.24 -19.46 -28.44
CA LEU G 248 25.95 -18.47 -29.23
C LEU G 248 26.73 -19.03 -30.42
N ARG G 249 27.37 -20.18 -30.25
CA ARG G 249 28.17 -20.76 -31.33
C ARG G 249 27.38 -21.58 -32.36
N ASN G 250 26.05 -21.49 -32.35
CA ASN G 250 25.24 -22.25 -33.30
C ASN G 250 24.09 -21.44 -33.88
N SER G 251 23.76 -20.34 -33.23
CA SER G 251 22.68 -19.49 -33.70
C SER G 251 23.21 -18.10 -34.05
N GLU G 252 22.34 -17.31 -34.68
CA GLU G 252 22.67 -15.94 -35.12
C GLU G 252 21.54 -14.94 -34.81
N PRO G 253 21.89 -13.64 -34.71
CA PRO G 253 20.91 -12.59 -34.41
C PRO G 253 19.70 -12.59 -35.37
N VAL G 254 18.53 -12.30 -34.83
CA VAL G 254 17.31 -12.26 -35.63
C VAL G 254 16.75 -10.84 -35.65
N LEU G 255 16.37 -10.36 -36.83
CA LEU G 255 15.83 -9.01 -36.95
C LEU G 255 14.51 -8.91 -36.19
N LYS G 256 14.42 -7.92 -35.31
CA LYS G 256 13.21 -7.73 -34.51
C LYS G 256 11.95 -7.57 -35.36
N ARG G 257 11.04 -8.53 -35.24
CA ARG G 257 9.79 -8.48 -35.99
C ARG G 257 8.95 -7.34 -35.44
N VAL G 258 8.29 -6.61 -36.33
CA VAL G 258 7.43 -5.50 -35.91
C VAL G 258 6.17 -6.13 -35.33
N ASN G 259 5.73 -5.69 -34.16
CA ASN G 259 4.55 -6.30 -33.58
C ASN G 259 3.39 -5.38 -33.19
N ARG G 260 3.30 -4.22 -33.84
CA ARG G 260 2.22 -3.28 -33.59
C ARG G 260 2.11 -2.26 -34.72
N THR G 261 0.88 -1.86 -35.02
CA THR G 261 0.60 -0.92 -36.10
C THR G 261 1.29 0.44 -36.03
N GLY G 262 1.89 0.78 -34.90
CA GLY G 262 2.57 2.06 -34.81
C GLY G 262 3.58 2.14 -35.95
N ASN G 263 3.98 3.32 -36.37
CA ASN G 263 4.95 3.42 -37.46
C ASN G 263 6.34 3.73 -36.92
N SER G 264 6.43 3.79 -35.59
CA SER G 264 7.67 4.10 -34.89
C SER G 264 8.87 3.28 -35.38
N SER G 265 9.80 3.95 -36.07
CA SER G 265 11.00 3.31 -36.60
C SER G 265 12.23 3.96 -35.97
N SER G 266 11.98 4.95 -35.11
CA SER G 266 13.03 5.70 -34.41
C SER G 266 13.83 4.83 -33.44
N ASN G 267 13.54 4.99 -32.15
CA ASN G 267 14.23 4.24 -31.09
C ASN G 267 13.60 2.88 -30.89
N LYS G 268 14.42 1.84 -30.99
CA LYS G 268 13.96 0.47 -30.81
C LYS G 268 15.13 -0.46 -31.10
N GLN G 269 14.97 -1.71 -30.68
CA GLN G 269 16.01 -2.71 -30.90
C GLN G 269 15.89 -3.17 -32.35
N GLU G 270 17.03 -3.37 -33.01
CA GLU G 270 17.01 -3.81 -34.40
C GLU G 270 17.11 -5.33 -34.50
N TYR G 271 17.46 -5.96 -33.38
CA TYR G 271 17.62 -7.39 -33.30
C TYR G 271 16.85 -7.98 -32.12
N GLN G 272 16.80 -9.31 -32.07
CA GLN G 272 16.15 -10.03 -30.99
C GLN G 272 16.97 -11.31 -30.82
N LEU G 273 16.95 -11.89 -29.62
CA LEU G 273 17.75 -13.08 -29.34
C LEU G 273 17.38 -14.39 -30.04
N LEU G 274 16.09 -14.71 -30.14
CA LEU G 274 15.66 -15.95 -30.77
C LEU G 274 14.64 -15.71 -31.86
N LYS G 275 14.28 -16.77 -32.58
CA LYS G 275 13.30 -16.65 -33.65
C LYS G 275 11.91 -16.85 -33.09
N ASP G 276 10.98 -16.03 -33.58
CA ASP G 276 9.61 -16.09 -33.13
C ASP G 276 8.99 -17.48 -33.24
N ASN G 277 9.31 -18.21 -34.29
CA ASN G 277 8.75 -19.55 -34.45
C ASN G 277 9.44 -20.64 -33.64
N LEU G 278 10.55 -20.31 -33.00
CA LEU G 278 11.28 -21.30 -32.20
C LEU G 278 10.34 -21.99 -31.22
N VAL G 279 9.39 -21.24 -30.68
CA VAL G 279 8.45 -21.79 -29.71
C VAL G 279 7.65 -22.97 -30.26
N ARG G 280 7.23 -22.91 -31.53
CA ARG G 280 6.43 -24.00 -32.08
C ARG G 280 7.21 -25.29 -32.09
N SER G 281 8.40 -25.25 -32.66
CA SER G 281 9.23 -26.44 -32.73
C SER G 281 9.60 -26.91 -31.33
N TYR G 282 9.89 -25.96 -30.45
CA TYR G 282 10.27 -26.26 -29.08
C TYR G 282 9.16 -27.02 -28.35
N ASN G 283 7.94 -26.50 -28.47
CA ASN G 283 6.81 -27.16 -27.82
C ASN G 283 6.59 -28.52 -28.45
N LYS G 284 6.65 -28.56 -29.78
CA LYS G 284 6.46 -29.81 -30.50
C LYS G 284 7.46 -30.85 -30.01
N ALA G 285 8.69 -30.40 -29.76
CA ALA G 285 9.75 -31.27 -29.28
C ALA G 285 9.45 -31.72 -27.85
N LEU G 286 9.19 -30.74 -27.00
CA LEU G 286 8.88 -31.02 -25.60
C LEU G 286 7.73 -32.02 -25.54
N LYS G 287 6.76 -31.86 -26.44
CA LYS G 287 5.58 -32.73 -26.51
C LYS G 287 5.95 -34.18 -26.79
N LYS G 288 6.80 -34.40 -27.80
CA LYS G 288 7.22 -35.75 -28.16
C LYS G 288 8.13 -36.41 -27.16
N ASN G 289 9.27 -35.79 -26.89
CA ASN G 289 10.22 -36.35 -25.95
C ASN G 289 9.70 -36.30 -24.53
N ALA G 290 8.38 -36.11 -24.39
CA ALA G 290 7.72 -36.03 -23.08
C ALA G 290 8.47 -36.71 -21.94
N PRO G 291 9.42 -35.98 -21.32
CA PRO G 291 10.21 -36.51 -20.20
C PRO G 291 9.33 -36.86 -19.03
N TYR G 292 8.18 -36.19 -18.95
CA TYR G 292 7.21 -36.43 -17.89
C TYR G 292 5.80 -36.40 -18.45
N PRO G 293 4.86 -37.04 -17.74
CA PRO G 293 3.45 -37.10 -18.17
C PRO G 293 2.84 -35.73 -18.49
N ILE G 294 3.06 -34.75 -17.61
CA ILE G 294 2.52 -33.40 -17.79
C ILE G 294 2.58 -32.93 -19.24
N PHE G 295 3.70 -33.18 -19.90
CA PHE G 295 3.89 -32.74 -21.28
C PHE G 295 3.03 -33.44 -22.33
N ALA G 296 2.31 -34.49 -21.92
CA ALA G 296 1.45 -35.20 -22.86
C ALA G 296 0.08 -34.54 -22.95
N ILE G 297 -0.26 -33.79 -21.92
CA ILE G 297 -1.55 -33.12 -21.88
C ILE G 297 -1.71 -32.00 -22.90
N LYS G 298 -2.77 -32.09 -23.70
CA LYS G 298 -3.02 -31.07 -24.71
C LYS G 298 -3.27 -29.74 -24.01
N ASN G 299 -2.65 -28.69 -24.52
CA ASN G 299 -2.78 -27.35 -23.93
C ASN G 299 -2.13 -27.23 -22.57
N GLY G 300 -1.38 -28.24 -22.19
CA GLY G 300 -0.69 -28.19 -20.91
C GLY G 300 0.51 -27.28 -21.08
N PRO G 301 1.15 -26.85 -19.99
CA PRO G 301 2.31 -25.97 -20.16
C PRO G 301 3.41 -26.68 -20.94
N LYS G 302 4.17 -25.91 -21.71
CA LYS G 302 5.28 -26.48 -22.50
C LYS G 302 6.51 -25.61 -22.28
N SER G 303 6.63 -24.54 -23.07
CA SER G 303 7.76 -23.63 -22.95
C SER G 303 7.65 -22.91 -21.63
N HIS G 304 6.42 -22.78 -21.16
CA HIS G 304 6.14 -22.11 -19.92
C HIS G 304 6.75 -22.86 -18.73
N ILE G 305 6.69 -24.19 -18.78
CA ILE G 305 7.19 -25.05 -17.69
C ILE G 305 8.31 -24.42 -16.85
N GLY G 306 9.31 -23.86 -17.50
CA GLY G 306 10.41 -23.24 -16.76
C GLY G 306 9.89 -22.23 -15.76
N ARG G 307 8.93 -21.43 -16.20
CA ARG G 307 8.30 -20.41 -15.37
C ARG G 307 7.70 -21.05 -14.12
N HIS G 308 6.78 -21.98 -14.34
CA HIS G 308 6.12 -22.68 -13.24
C HIS G 308 7.12 -23.33 -12.29
N LEU G 309 8.18 -23.91 -12.84
CA LEU G 309 9.18 -24.55 -12.02
C LEU G 309 9.86 -23.60 -11.05
N MET G 310 10.41 -22.50 -11.55
CA MET G 310 11.08 -21.54 -10.69
C MET G 310 10.12 -20.91 -9.68
N THR G 311 8.89 -20.61 -10.11
CA THR G 311 7.87 -20.02 -9.24
C THR G 311 7.63 -20.98 -8.06
N SER G 312 7.55 -22.27 -8.36
CA SER G 312 7.36 -23.27 -7.33
C SER G 312 8.61 -23.35 -6.48
N PHE G 313 9.77 -23.43 -7.12
CA PHE G 313 11.02 -23.49 -6.38
C PHE G 313 11.10 -22.41 -5.31
N LEU G 314 10.80 -21.17 -5.69
CA LEU G 314 10.86 -20.07 -4.74
C LEU G 314 9.83 -20.17 -3.62
N SER G 315 8.60 -20.52 -3.99
CA SER G 315 7.54 -20.67 -3.01
C SER G 315 7.90 -21.78 -2.01
N MET G 316 8.35 -22.91 -2.54
CA MET G 316 8.73 -24.05 -1.72
C MET G 316 9.83 -23.66 -0.74
N LYS G 317 10.84 -22.93 -1.23
CA LYS G 317 11.94 -22.48 -0.38
C LYS G 317 11.50 -21.35 0.54
N GLY G 318 10.21 -21.00 0.46
CA GLY G 318 9.69 -19.94 1.30
C GLY G 318 10.41 -18.64 1.05
N LEU G 319 10.40 -18.19 -0.21
CA LEU G 319 11.05 -16.95 -0.61
C LEU G 319 10.16 -16.20 -1.59
N THR G 320 8.85 -16.30 -1.36
CA THR G 320 7.88 -15.66 -2.22
C THR G 320 8.12 -14.16 -2.41
N GLU G 321 8.88 -13.55 -1.51
CA GLU G 321 9.18 -12.13 -1.61
C GLU G 321 9.93 -11.89 -2.92
N LEU G 322 10.74 -12.87 -3.30
CA LEU G 322 11.52 -12.78 -4.53
C LEU G 322 10.69 -13.07 -5.77
N THR G 323 9.77 -14.01 -5.66
CA THR G 323 8.92 -14.39 -6.78
C THR G 323 8.53 -13.23 -7.69
N ASN G 324 7.92 -12.20 -7.12
CA ASN G 324 7.49 -11.05 -7.91
C ASN G 324 8.60 -10.38 -8.71
N VAL G 325 9.71 -10.12 -8.05
CA VAL G 325 10.85 -9.49 -8.69
C VAL G 325 11.40 -10.37 -9.79
N VAL G 326 11.67 -11.62 -9.46
CA VAL G 326 12.23 -12.56 -10.43
C VAL G 326 11.29 -12.88 -11.59
N GLY G 327 10.02 -13.13 -11.27
CA GLY G 327 9.07 -13.47 -12.31
C GLY G 327 8.47 -12.27 -13.00
N ASN G 328 8.80 -11.08 -12.51
CA ASN G 328 8.30 -9.82 -13.06
C ASN G 328 6.78 -9.72 -13.09
N PHE G 329 6.18 -9.59 -11.90
CA PHE G 329 4.72 -9.46 -11.76
C PHE G 329 4.35 -8.07 -11.20
N SER G 330 3.06 -7.89 -10.88
CA SER G 330 2.52 -6.63 -10.34
C SER G 330 2.70 -6.44 -8.83
N ASP G 331 3.30 -5.31 -8.43
CA ASP G 331 3.51 -5.03 -7.00
C ASP G 331 2.99 -3.65 -6.57
N LYS G 332 3.04 -3.39 -5.26
CA LYS G 332 2.59 -2.12 -4.68
C LYS G 332 3.71 -1.45 -3.88
N GLN G 345 14.29 3.60 -13.69
CA GLN G 345 14.96 2.31 -13.49
C GLN G 345 13.95 1.16 -13.44
N ILE G 346 14.43 -0.04 -13.76
CA ILE G 346 13.59 -1.23 -13.72
C ILE G 346 14.08 -2.18 -12.62
N THR G 347 13.20 -2.42 -11.65
CA THR G 347 13.47 -3.28 -10.50
C THR G 347 14.37 -4.47 -10.86
N ALA G 348 15.47 -4.63 -10.11
CA ALA G 348 16.43 -5.69 -10.33
C ALA G 348 16.37 -6.80 -9.27
N ILE G 349 16.79 -7.99 -9.68
CA ILE G 349 16.78 -9.16 -8.82
C ILE G 349 17.83 -9.12 -7.71
N PRO G 350 17.42 -9.29 -6.45
CA PRO G 350 18.38 -9.26 -5.34
C PRO G 350 19.56 -10.20 -5.58
N ASP G 351 20.73 -9.77 -5.12
CA ASP G 351 21.95 -10.54 -5.26
C ASP G 351 21.84 -12.00 -4.83
N HIS G 352 21.29 -12.24 -3.66
CA HIS G 352 21.19 -13.62 -3.18
C HIS G 352 20.39 -14.59 -4.06
N TYR G 353 19.44 -14.08 -4.82
CA TYR G 353 18.66 -14.97 -5.70
C TYR G 353 19.61 -15.81 -6.52
N PHE G 354 20.53 -15.15 -7.22
CA PHE G 354 21.49 -15.84 -8.07
C PHE G 354 22.40 -16.75 -7.26
N ALA G 355 22.74 -16.31 -6.03
CA ALA G 355 23.59 -17.12 -5.18
C ALA G 355 22.94 -18.49 -5.07
N LEU G 356 21.64 -18.49 -4.75
CA LEU G 356 20.90 -19.72 -4.62
C LEU G 356 20.85 -20.52 -5.91
N VAL G 357 20.18 -19.98 -6.92
CA VAL G 357 20.05 -20.66 -8.20
C VAL G 357 21.36 -21.17 -8.79
N SER G 358 22.47 -20.53 -8.43
CA SER G 358 23.77 -20.95 -8.96
C SER G 358 24.24 -22.24 -8.31
N ARG G 359 23.68 -22.54 -7.15
CA ARG G 359 23.99 -23.75 -6.40
C ARG G 359 25.32 -23.71 -5.65
N TYR G 360 25.98 -22.55 -5.68
CA TYR G 360 27.25 -22.41 -4.97
C TYR G 360 26.96 -22.09 -3.52
N TYR G 361 25.70 -21.81 -3.23
CA TYR G 361 25.27 -21.48 -1.87
C TYR G 361 23.96 -22.19 -1.54
N ALA G 362 23.61 -22.18 -0.26
CA ALA G 362 22.37 -22.81 0.18
C ALA G 362 21.65 -21.81 1.07
N TYR G 363 20.32 -21.85 1.07
CA TYR G 363 19.54 -20.94 1.89
C TYR G 363 19.29 -21.55 3.26
N ASP G 364 19.71 -20.83 4.30
CA ASP G 364 19.51 -21.27 5.67
C ASP G 364 18.29 -20.57 6.27
N PRO G 365 17.18 -21.30 6.42
CA PRO G 365 15.92 -20.80 6.97
C PRO G 365 16.03 -20.18 8.34
N ILE G 366 16.88 -20.78 9.17
CA ILE G 366 17.05 -20.32 10.54
C ILE G 366 17.64 -18.90 10.66
N SER G 367 18.66 -18.58 9.86
CA SER G 367 19.28 -17.26 9.94
C SER G 367 18.92 -16.36 8.75
N LYS G 368 18.54 -16.99 7.64
CA LYS G 368 18.15 -16.29 6.42
C LYS G 368 19.31 -15.78 5.56
N GLU G 369 20.49 -16.36 5.76
CA GLU G 369 21.66 -15.97 4.99
C GLU G 369 22.00 -17.07 3.99
N MET G 370 22.83 -16.73 3.01
CA MET G 370 23.24 -17.70 2.01
C MET G 370 24.57 -18.30 2.45
N ILE G 371 24.62 -19.62 2.53
CA ILE G 371 25.83 -20.30 2.95
C ILE G 371 26.47 -21.08 1.81
N ALA G 372 27.67 -20.69 1.42
CA ALA G 372 28.38 -21.37 0.34
C ALA G 372 28.71 -22.79 0.74
N LEU G 373 28.77 -23.66 -0.27
CA LEU G 373 29.09 -25.07 -0.04
C LEU G 373 30.60 -25.21 -0.07
N LYS G 374 31.16 -25.87 0.95
CA LYS G 374 32.61 -26.07 1.07
C LYS G 374 33.29 -26.66 -0.18
N ASP G 375 32.53 -26.79 -1.27
CA ASP G 375 33.08 -27.30 -2.51
C ASP G 375 34.25 -26.38 -2.86
N GLU G 376 35.37 -26.97 -3.27
CA GLU G 376 36.57 -26.21 -3.60
C GLU G 376 36.32 -24.90 -4.39
N THR G 377 35.94 -25.04 -5.66
CA THR G 377 35.71 -23.88 -6.52
C THR G 377 34.75 -22.83 -5.98
N ASN G 378 35.29 -21.64 -5.73
CA ASN G 378 34.49 -20.51 -5.27
C ASN G 378 34.41 -19.59 -6.47
N PRO G 379 33.19 -19.38 -6.99
CA PRO G 379 32.98 -18.52 -8.15
C PRO G 379 33.70 -17.17 -8.14
N ILE G 380 33.67 -16.47 -7.00
CA ILE G 380 34.31 -15.15 -6.90
C ILE G 380 35.78 -15.18 -7.28
N GLU G 381 36.54 -16.08 -6.66
CA GLU G 381 37.96 -16.19 -6.94
C GLU G 381 38.28 -16.57 -8.38
N GLU G 382 37.42 -17.35 -9.01
CA GLU G 382 37.67 -17.75 -10.39
C GLU G 382 37.45 -16.57 -11.33
N TRP G 383 36.50 -15.69 -11.00
CA TRP G 383 36.25 -14.53 -11.85
C TRP G 383 37.49 -13.65 -11.82
N GLN G 384 38.09 -13.51 -10.64
CA GLN G 384 39.29 -12.69 -10.48
C GLN G 384 40.41 -13.22 -11.36
N HIS G 385 40.59 -14.53 -11.38
CA HIS G 385 41.63 -15.14 -12.20
C HIS G 385 41.36 -14.81 -13.67
N ILE G 386 40.08 -14.83 -14.05
CA ILE G 386 39.67 -14.54 -15.41
C ILE G 386 39.80 -13.05 -15.72
N GLU G 387 39.40 -12.20 -14.77
CA GLU G 387 39.47 -10.76 -14.94
C GLU G 387 40.90 -10.27 -15.16
N GLN G 388 41.86 -10.96 -14.54
CA GLN G 388 43.27 -10.60 -14.63
C GLN G 388 43.89 -10.70 -16.03
N LEU G 389 44.14 -11.93 -16.48
CA LEU G 389 44.77 -12.14 -17.79
C LEU G 389 43.97 -11.56 -18.96
N LYS G 390 44.42 -10.40 -19.44
CA LYS G 390 43.77 -9.72 -20.56
C LYS G 390 44.42 -10.17 -21.87
N GLY G 391 44.42 -9.27 -22.85
CA GLY G 391 45.01 -9.58 -24.14
C GLY G 391 44.54 -10.89 -24.72
N SER G 392 43.23 -11.01 -24.94
CA SER G 392 42.66 -12.22 -25.51
C SER G 392 41.27 -11.95 -26.07
N ALA G 393 41.20 -11.05 -27.04
CA ALA G 393 39.93 -10.71 -27.68
C ALA G 393 39.41 -11.92 -28.47
N GLU G 394 39.89 -13.10 -28.09
CA GLU G 394 39.50 -14.35 -28.73
C GLU G 394 37.99 -14.54 -28.64
N GLY G 395 37.34 -13.73 -27.79
CA GLY G 395 35.91 -13.84 -27.66
C GLY G 395 35.29 -13.58 -29.03
N SER G 396 35.75 -12.53 -29.69
CA SER G 396 35.25 -12.16 -31.01
C SER G 396 35.58 -13.21 -32.06
N ILE G 397 36.48 -14.12 -31.72
CA ILE G 397 36.89 -15.18 -32.63
C ILE G 397 36.05 -16.43 -32.38
N ARG G 398 35.61 -16.59 -31.13
CA ARG G 398 34.80 -17.74 -30.74
C ARG G 398 33.33 -17.55 -31.09
N TYR G 399 32.88 -16.30 -31.06
CA TYR G 399 31.49 -15.98 -31.37
C TYR G 399 31.40 -14.99 -32.51
N PRO G 400 31.86 -15.40 -33.71
CA PRO G 400 31.83 -14.53 -34.89
C PRO G 400 30.48 -13.88 -35.23
N ALA G 401 29.41 -14.66 -35.20
CA ALA G 401 28.07 -14.15 -35.54
C ALA G 401 27.55 -13.04 -34.63
N TRP G 402 28.05 -12.97 -33.40
CA TRP G 402 27.61 -11.96 -32.43
C TRP G 402 28.63 -10.85 -32.28
N ASN G 403 29.75 -11.00 -32.97
CA ASN G 403 30.80 -10.01 -32.91
C ASN G 403 30.25 -8.69 -33.45
N GLY G 404 30.46 -7.62 -32.69
CA GLY G 404 29.95 -6.33 -33.10
C GLY G 404 28.54 -6.12 -32.60
N ILE G 405 27.90 -7.21 -32.15
CA ILE G 405 26.54 -7.14 -31.64
C ILE G 405 26.59 -7.21 -30.11
N ILE G 406 27.15 -8.30 -29.60
CA ILE G 406 27.26 -8.48 -28.16
C ILE G 406 28.56 -7.88 -27.67
N SER G 407 28.44 -7.04 -26.65
CA SER G 407 29.59 -6.38 -26.04
C SER G 407 30.80 -7.29 -26.06
N GLN G 408 31.96 -6.74 -26.46
CA GLN G 408 33.16 -7.55 -26.49
C GLN G 408 33.55 -7.95 -25.07
N GLU G 409 33.33 -7.05 -24.12
CA GLU G 409 33.67 -7.33 -22.73
C GLU G 409 32.96 -8.61 -22.29
N VAL G 410 31.74 -8.81 -22.80
CA VAL G 410 30.95 -10.00 -22.48
C VAL G 410 31.49 -11.22 -23.20
N LEU G 411 31.67 -11.10 -24.51
CA LEU G 411 32.18 -12.20 -25.30
C LEU G 411 33.52 -12.68 -24.79
N ASP G 412 34.37 -11.76 -24.34
CA ASP G 412 35.68 -12.14 -23.83
C ASP G 412 35.53 -12.88 -22.51
N TYR G 413 34.66 -12.39 -21.64
CA TYR G 413 34.45 -13.04 -20.35
C TYR G 413 33.96 -14.46 -20.55
N LEU G 414 32.88 -14.62 -21.31
CA LEU G 414 32.33 -15.94 -21.56
C LEU G 414 33.41 -16.83 -22.15
N SER G 415 34.00 -16.36 -23.26
CA SER G 415 35.05 -17.09 -23.93
C SER G 415 36.08 -17.62 -22.93
N SER G 416 36.61 -16.73 -22.08
CA SER G 416 37.60 -17.12 -21.09
C SER G 416 37.04 -18.22 -20.19
N TYR G 417 35.96 -17.90 -19.48
CA TYR G 417 35.31 -18.84 -18.59
C TYR G 417 35.24 -20.22 -19.23
N ILE G 418 34.77 -20.27 -20.47
CA ILE G 418 34.65 -21.52 -21.19
C ILE G 418 36.00 -22.23 -21.35
N ASN G 419 36.96 -21.53 -21.96
CA ASN G 419 38.30 -22.10 -22.17
C ASN G 419 38.94 -22.44 -20.83
N ARG G 420 38.84 -21.52 -19.89
CA ARG G 420 39.39 -21.64 -18.56
C ARG G 420 38.79 -22.84 -17.81
N ARG G 421 38.04 -23.67 -18.52
CA ARG G 421 37.45 -24.85 -17.90
C ARG G 421 37.11 -25.90 -18.94
N SER H 1 -26.75 17.12 30.47
CA SER H 1 -26.70 17.53 29.04
C SER H 1 -27.76 16.77 28.24
N GLN H 2 -28.07 17.26 27.04
CA GLN H 2 -29.06 16.61 26.19
C GLN H 2 -28.60 15.19 25.85
N PHE H 3 -27.36 15.06 25.39
CA PHE H 3 -26.86 13.74 25.04
C PHE H 3 -26.96 12.78 26.19
N ASP H 4 -26.69 13.24 27.40
CA ASP H 4 -26.78 12.34 28.54
C ASP H 4 -28.21 11.84 28.71
N ILE H 5 -29.16 12.75 28.55
CA ILE H 5 -30.57 12.39 28.67
C ILE H 5 -30.95 11.40 27.59
N LEU H 6 -30.39 11.59 26.41
CA LEU H 6 -30.68 10.68 25.30
C LEU H 6 -30.29 9.28 25.74
N CYS H 7 -29.07 9.14 26.23
CA CYS H 7 -28.54 7.86 26.68
C CYS H 7 -29.36 7.25 27.82
N LYS H 8 -30.01 8.10 28.60
CA LYS H 8 -30.81 7.64 29.74
C LYS H 8 -32.19 7.19 29.31
N THR H 9 -32.68 7.74 28.21
CA THR H 9 -34.01 7.42 27.70
C THR H 9 -34.07 6.09 26.94
N PRO H 10 -35.03 5.23 27.30
CA PRO H 10 -35.19 3.92 26.66
C PRO H 10 -35.64 4.09 25.21
N PRO H 11 -35.03 3.34 24.30
CA PRO H 11 -35.40 3.43 22.88
C PRO H 11 -36.89 3.54 22.63
N LYS H 12 -37.65 2.56 23.08
CA LYS H 12 -39.09 2.58 22.86
C LYS H 12 -39.68 3.91 23.34
N VAL H 13 -39.12 4.46 24.41
CA VAL H 13 -39.61 5.71 24.94
C VAL H 13 -39.32 6.86 23.99
N LEU H 14 -38.12 6.86 23.41
CA LEU H 14 -37.75 7.91 22.47
C LEU H 14 -38.76 7.95 21.33
N VAL H 15 -38.94 6.81 20.68
CA VAL H 15 -39.87 6.73 19.57
C VAL H 15 -41.25 7.16 20.05
N ARG H 16 -41.54 6.89 21.31
CA ARG H 16 -42.82 7.26 21.87
C ARG H 16 -42.90 8.78 21.87
N GLN H 17 -42.01 9.40 22.65
CA GLN H 17 -41.94 10.86 22.79
C GLN H 17 -41.95 11.58 21.44
N PHE H 18 -41.34 10.97 20.43
CA PHE H 18 -41.30 11.58 19.11
C PHE H 18 -42.68 11.58 18.47
N VAL H 19 -43.32 10.42 18.50
CA VAL H 19 -44.64 10.25 17.91
C VAL H 19 -45.66 11.19 18.55
N GLU H 20 -45.65 11.27 19.89
CA GLU H 20 -46.55 12.15 20.62
C GLU H 20 -46.57 13.58 20.08
N ARG H 21 -45.39 14.09 19.75
CA ARG H 21 -45.27 15.45 19.24
C ARG H 21 -46.16 15.72 18.02
N PHE H 22 -46.50 14.67 17.27
CA PHE H 22 -47.32 14.83 16.08
C PHE H 22 -48.81 14.49 16.19
N GLU H 23 -49.29 14.16 17.38
CA GLU H 23 -50.70 13.86 17.55
C GLU H 23 -51.45 15.15 17.77
N ARG H 24 -50.91 16.00 18.63
CA ARG H 24 -51.53 17.29 18.90
C ARG H 24 -50.55 18.34 18.34
N PRO H 25 -50.39 18.38 17.01
CA PRO H 25 -49.48 19.30 16.31
C PRO H 25 -49.29 20.68 16.95
N SER H 26 -48.25 20.81 17.75
CA SER H 26 -47.94 22.06 18.43
C SER H 26 -46.55 22.56 18.05
N GLY H 27 -46.44 23.87 17.87
CA GLY H 27 -45.15 24.42 17.54
C GLY H 27 -44.18 24.13 18.68
N GLU H 28 -44.65 24.27 19.91
CA GLU H 28 -43.82 24.04 21.09
C GLU H 28 -43.29 22.60 21.15
N LYS H 29 -44.06 21.67 20.59
CA LYS H 29 -43.66 20.26 20.62
C LYS H 29 -42.82 19.83 19.42
N ILE H 30 -43.25 20.18 18.22
CA ILE H 30 -42.50 19.79 17.02
C ILE H 30 -41.11 20.42 16.99
N ALA H 31 -40.98 21.63 17.51
CA ALA H 31 -39.70 22.32 17.50
C ALA H 31 -38.68 21.73 18.45
N SER H 32 -39.11 20.79 19.29
CA SER H 32 -38.19 20.17 20.24
C SER H 32 -37.86 18.72 19.89
N CYS H 33 -38.14 18.32 18.66
CA CYS H 33 -37.89 16.95 18.24
C CYS H 33 -36.46 16.73 17.73
N ALA H 34 -35.67 17.79 17.70
CA ALA H 34 -34.29 17.74 17.20
C ALA H 34 -33.44 16.58 17.72
N ALA H 35 -33.33 16.47 19.04
CA ALA H 35 -32.53 15.40 19.63
C ALA H 35 -33.05 14.06 19.16
N GLU H 36 -34.34 13.84 19.38
CA GLU H 36 -34.97 12.60 18.98
C GLU H 36 -34.79 12.31 17.51
N LEU H 37 -35.04 13.31 16.68
CA LEU H 37 -34.90 13.14 15.24
C LEU H 37 -33.48 12.75 14.86
N THR H 38 -32.51 13.34 15.54
CA THR H 38 -31.09 13.05 15.29
C THR H 38 -30.85 11.56 15.53
N TYR H 39 -31.21 11.12 16.73
CA TYR H 39 -31.07 9.74 17.13
C TYR H 39 -31.68 8.83 16.07
N LEU H 40 -32.93 9.12 15.71
CA LEU H 40 -33.63 8.30 14.73
C LEU H 40 -32.97 8.25 13.37
N CYS H 41 -32.65 9.41 12.81
CA CYS H 41 -32.02 9.42 11.50
C CYS H 41 -30.75 8.57 11.51
N TRP H 42 -30.05 8.58 12.63
CA TRP H 42 -28.83 7.81 12.76
C TRP H 42 -29.16 6.32 12.82
N MET H 43 -29.96 5.94 13.81
CA MET H 43 -30.35 4.55 13.98
C MET H 43 -30.85 3.95 12.67
N ILE H 44 -31.57 4.75 11.92
CA ILE H 44 -32.09 4.29 10.64
C ILE H 44 -30.93 4.05 9.68
N THR H 45 -30.20 5.10 9.35
CA THR H 45 -29.11 4.99 8.40
C THR H 45 -27.97 4.08 8.83
N HIS H 46 -27.95 3.64 10.08
CA HIS H 46 -26.88 2.76 10.52
C HIS H 46 -27.38 1.45 11.10
N ASN H 47 -28.65 1.18 10.93
CA ASN H 47 -29.25 -0.04 11.42
C ASN H 47 -28.97 -0.34 12.89
N GLY H 48 -29.29 0.59 13.76
CA GLY H 48 -29.10 0.37 15.19
C GLY H 48 -27.74 0.62 15.81
N THR H 49 -26.70 0.80 14.98
CA THR H 49 -25.37 1.07 15.51
C THR H 49 -25.44 2.26 16.47
N ALA H 50 -24.61 2.26 17.51
CA ALA H 50 -24.63 3.37 18.46
C ALA H 50 -24.11 4.66 17.86
N ILE H 51 -24.43 5.77 18.52
CA ILE H 51 -23.94 7.05 18.03
C ILE H 51 -23.03 7.68 19.09
N LYS H 52 -21.92 8.26 18.65
CA LYS H 52 -20.99 8.90 19.57
C LYS H 52 -21.44 10.32 19.98
N ARG H 53 -21.16 10.66 21.24
CA ARG H 53 -21.49 11.97 21.77
C ARG H 53 -21.19 13.13 20.82
N ALA H 54 -19.95 13.23 20.38
CA ALA H 54 -19.58 14.30 19.50
C ALA H 54 -20.41 14.31 18.24
N THR H 55 -20.57 13.14 17.62
CA THR H 55 -21.32 13.08 16.38
C THR H 55 -22.75 13.47 16.62
N PHE H 56 -23.32 12.98 17.70
CA PHE H 56 -24.68 13.36 18.00
C PHE H 56 -24.78 14.88 18.17
N MET H 57 -23.91 15.44 19.00
CA MET H 57 -23.90 16.88 19.24
C MET H 57 -23.89 17.63 17.93
N SER H 58 -22.98 17.27 17.04
CA SER H 58 -22.85 17.94 15.75
C SER H 58 -24.12 17.90 14.91
N TYR H 59 -24.63 16.69 14.72
CA TYR H 59 -25.82 16.47 13.93
C TYR H 59 -27.01 17.16 14.55
N ASN H 60 -27.12 17.09 15.87
CA ASN H 60 -28.25 17.72 16.52
C ASN H 60 -28.27 19.20 16.25
N THR H 61 -27.09 19.80 16.23
CA THR H 61 -27.01 21.22 15.96
C THR H 61 -27.51 21.48 14.55
N ILE H 62 -26.98 20.73 13.60
CA ILE H 62 -27.36 20.89 12.20
C ILE H 62 -28.87 20.75 12.01
N ILE H 63 -29.48 19.77 12.67
CA ILE H 63 -30.91 19.61 12.55
C ILE H 63 -31.59 20.83 13.18
N SER H 64 -31.23 21.18 14.41
CA SER H 64 -31.83 22.36 15.06
C SER H 64 -31.79 23.60 14.18
N ASN H 65 -30.63 23.90 13.63
CA ASN H 65 -30.52 25.08 12.77
C ASN H 65 -31.35 25.03 11.49
N SER H 66 -31.72 23.83 11.03
CA SER H 66 -32.47 23.73 9.77
C SER H 66 -33.94 23.32 9.91
N LEU H 67 -34.32 22.78 11.05
CA LEU H 67 -35.68 22.33 11.26
C LEU H 67 -36.69 23.42 10.93
N SER H 68 -37.69 23.06 10.14
CA SER H 68 -38.78 23.95 9.74
C SER H 68 -39.97 23.07 9.40
N PHE H 69 -41.18 23.55 9.67
CA PHE H 69 -42.34 22.73 9.40
C PHE H 69 -43.65 23.49 9.22
N ASP H 70 -44.60 22.82 8.56
CA ASP H 70 -45.93 23.39 8.31
C ASP H 70 -46.91 22.48 9.02
N ILE H 71 -47.52 22.97 10.09
CA ILE H 71 -48.47 22.17 10.84
C ILE H 71 -49.74 21.89 10.06
N VAL H 72 -50.11 22.78 9.15
CA VAL H 72 -51.31 22.61 8.34
C VAL H 72 -51.12 21.55 7.25
N ASN H 73 -50.06 21.67 6.45
CA ASN H 73 -49.81 20.70 5.39
C ASN H 73 -49.12 19.46 5.92
N LYS H 74 -48.91 19.42 7.24
CA LYS H 74 -48.26 18.30 7.90
C LYS H 74 -46.97 17.89 7.20
N SER H 75 -46.09 18.87 7.01
CA SER H 75 -44.80 18.63 6.37
C SER H 75 -43.69 19.14 7.30
N LEU H 76 -42.52 18.53 7.22
CA LEU H 76 -41.37 18.90 8.05
C LEU H 76 -40.07 18.58 7.34
N GLN H 77 -39.15 19.53 7.33
CA GLN H 77 -37.87 19.32 6.68
C GLN H 77 -36.68 19.75 7.53
N PHE H 78 -35.49 19.25 7.18
CA PHE H 78 -34.28 19.58 7.89
C PHE H 78 -33.09 18.98 7.15
N LYS H 79 -31.89 19.45 7.51
CA LYS H 79 -30.66 18.95 6.90
C LYS H 79 -30.03 17.83 7.74
N TYR H 80 -29.35 16.91 7.05
CA TYR H 80 -28.73 15.80 7.73
C TYR H 80 -27.62 15.27 6.82
N LYS H 81 -26.45 14.98 7.38
CA LYS H 81 -25.36 14.47 6.58
C LYS H 81 -25.71 13.07 6.09
N THR H 82 -26.27 12.98 4.89
CA THR H 82 -26.63 11.70 4.30
C THR H 82 -26.82 11.86 2.81
N GLN H 83 -26.81 10.74 2.10
CA GLN H 83 -26.99 10.78 0.65
C GLN H 83 -28.15 9.93 0.22
N LYS H 84 -28.67 9.15 1.16
CA LYS H 84 -29.81 8.28 0.91
C LYS H 84 -31.01 8.88 1.63
N ALA H 85 -31.27 10.15 1.32
CA ALA H 85 -32.37 10.92 1.90
C ALA H 85 -33.70 10.19 1.78
N THR H 86 -33.94 9.62 0.60
CA THR H 86 -35.18 8.89 0.35
C THR H 86 -35.46 7.80 1.38
N ILE H 87 -34.52 6.86 1.52
CA ILE H 87 -34.68 5.77 2.47
C ILE H 87 -35.08 6.33 3.83
N LEU H 88 -34.42 7.42 4.20
CA LEU H 88 -34.67 8.06 5.49
C LEU H 88 -36.06 8.69 5.56
N GLU H 89 -36.40 9.47 4.53
CA GLU H 89 -37.71 10.11 4.48
C GLU H 89 -38.80 9.06 4.63
N ALA H 90 -38.67 7.98 3.87
CA ALA H 90 -39.64 6.89 3.91
C ALA H 90 -39.79 6.35 5.32
N SER H 91 -38.68 5.90 5.89
CA SER H 91 -38.69 5.34 7.24
C SER H 91 -39.38 6.29 8.22
N LEU H 92 -39.12 7.59 8.08
CA LEU H 92 -39.73 8.56 8.97
C LEU H 92 -41.24 8.54 8.78
N LYS H 93 -41.68 8.60 7.53
CA LYS H 93 -43.09 8.60 7.22
C LYS H 93 -43.80 7.41 7.87
N LYS H 94 -43.22 6.22 7.74
CA LYS H 94 -43.80 5.02 8.31
C LYS H 94 -44.09 5.18 9.79
N LEU H 95 -43.32 6.03 10.45
CA LEU H 95 -43.50 6.25 11.88
C LEU H 95 -44.60 7.27 12.16
N ILE H 96 -44.84 8.13 11.17
CA ILE H 96 -45.84 9.19 11.25
C ILE H 96 -46.36 9.42 9.84
N PRO H 97 -47.23 8.51 9.37
CA PRO H 97 -47.89 8.47 8.03
C PRO H 97 -48.51 9.77 7.54
N ALA H 98 -49.20 10.47 8.44
CA ALA H 98 -49.85 11.73 8.12
C ALA H 98 -48.88 12.77 7.55
N TRP H 99 -47.66 12.77 8.05
CA TRP H 99 -46.67 13.74 7.61
C TRP H 99 -45.77 13.37 6.44
N GLU H 100 -45.25 14.41 5.80
CA GLU H 100 -44.36 14.29 4.65
C GLU H 100 -43.03 14.90 5.08
N PHE H 101 -41.95 14.12 5.06
CA PHE H 101 -40.63 14.61 5.45
C PHE H 101 -39.73 14.92 4.25
N THR H 102 -38.81 15.86 4.42
CA THR H 102 -37.89 16.21 3.36
C THR H 102 -36.50 16.41 3.92
N ILE H 103 -35.59 15.47 3.65
CA ILE H 103 -34.24 15.59 4.15
C ILE H 103 -33.43 16.35 3.14
N ILE H 104 -32.78 17.40 3.59
CA ILE H 104 -31.97 18.24 2.72
C ILE H 104 -30.49 17.99 3.01
N PRO H 105 -29.72 17.63 1.97
CA PRO H 105 -28.28 17.36 2.11
C PRO H 105 -27.55 18.53 2.77
N TYR H 106 -26.65 18.22 3.70
CA TYR H 106 -25.89 19.25 4.42
C TYR H 106 -24.84 19.77 3.48
N ASN H 107 -24.35 18.82 2.67
CA ASN H 107 -23.33 19.04 1.67
C ASN H 107 -23.99 18.90 0.30
N GLY H 108 -24.56 19.99 -0.20
CA GLY H 108 -25.21 19.94 -1.49
C GLY H 108 -24.26 19.64 -2.63
N GLN H 109 -24.73 19.83 -3.86
CA GLN H 109 -23.89 19.57 -5.02
C GLN H 109 -22.80 20.63 -5.03
N LYS H 110 -23.19 21.86 -4.68
CA LYS H 110 -22.33 23.05 -4.62
C LYS H 110 -21.87 23.59 -5.99
N SER H 113 -20.53 28.04 -7.93
CA SER H 113 -21.66 28.95 -7.74
C SER H 113 -21.94 29.75 -9.00
N ASP H 114 -22.56 30.92 -8.84
CA ASP H 114 -22.90 31.76 -9.98
C ASP H 114 -21.85 32.85 -10.22
N ILE H 115 -21.44 32.99 -11.48
CA ILE H 115 -20.44 33.95 -11.88
C ILE H 115 -20.57 35.35 -11.28
N THR H 116 -21.62 36.07 -11.68
CA THR H 116 -21.84 37.43 -11.18
C THR H 116 -21.57 37.62 -9.70
N ASP H 117 -21.83 36.58 -8.91
CA ASP H 117 -21.59 36.64 -7.47
C ASP H 117 -20.08 36.52 -7.28
N ILE H 118 -19.52 35.46 -7.85
CA ILE H 118 -18.09 35.20 -7.78
C ILE H 118 -17.36 36.47 -8.15
N VAL H 119 -17.82 37.11 -9.22
CA VAL H 119 -17.21 38.33 -9.70
C VAL H 119 -17.28 39.44 -8.69
N SER H 120 -18.51 39.89 -8.37
CA SER H 120 -18.70 40.97 -7.40
C SER H 120 -17.90 40.69 -6.14
N SER H 121 -17.79 39.42 -5.77
CA SER H 121 -17.04 39.04 -4.59
C SER H 121 -15.55 39.32 -4.85
N LEU H 122 -15.08 38.94 -6.04
CA LEU H 122 -13.69 39.16 -6.42
C LEU H 122 -13.43 40.66 -6.53
N GLN H 123 -14.38 41.37 -7.14
CA GLN H 123 -14.29 42.81 -7.32
C GLN H 123 -14.14 43.46 -5.95
N LEU H 124 -14.80 42.88 -4.96
CA LEU H 124 -14.76 43.38 -3.59
C LEU H 124 -13.33 43.21 -3.05
N GLN H 125 -12.84 41.98 -3.14
CA GLN H 125 -11.49 41.65 -2.68
C GLN H 125 -10.44 42.51 -3.38
N PHE H 126 -10.58 42.65 -4.69
CA PHE H 126 -9.63 43.45 -5.49
C PHE H 126 -9.40 44.82 -4.87
N GLU H 127 -10.45 45.42 -4.33
CA GLU H 127 -10.40 46.75 -3.73
C GLU H 127 -9.83 46.83 -2.32
N SER H 128 -10.42 46.01 -1.43
CA SER H 128 -10.05 45.92 -0.02
C SER H 128 -8.96 46.90 0.41
N GLY H 135 -7.81 34.62 8.70
CA GLY H 135 -7.96 34.10 10.04
C GLY H 135 -7.85 32.58 10.12
N ASN H 136 -7.80 31.94 8.95
CA ASN H 136 -7.68 30.48 8.86
C ASN H 136 -6.37 30.24 8.15
N SER H 137 -6.10 31.06 7.14
CA SER H 137 -4.85 30.98 6.40
C SER H 137 -3.91 31.86 7.20
N HIS H 138 -4.48 32.81 7.95
CA HIS H 138 -3.65 33.68 8.77
C HIS H 138 -3.13 32.84 9.91
N SER H 139 -3.78 31.70 10.10
CA SER H 139 -3.42 30.78 11.15
C SER H 139 -2.16 30.07 10.74
N LYS H 140 -2.13 29.59 9.50
CA LYS H 140 -0.96 28.87 8.99
C LYS H 140 0.22 29.81 8.85
N LYS H 141 -0.07 31.08 8.64
CA LYS H 141 0.98 32.08 8.48
C LYS H 141 1.74 32.24 9.80
N MET H 142 0.99 32.39 10.88
CA MET H 142 1.60 32.56 12.19
C MET H 142 2.34 31.31 12.66
N LEU H 143 1.77 30.14 12.41
CA LEU H 143 2.40 28.89 12.78
C LEU H 143 3.76 28.77 12.12
N LYS H 144 3.86 29.21 10.86
CA LYS H 144 5.16 29.15 10.18
C LYS H 144 6.13 30.04 10.92
N ALA H 145 5.72 31.28 11.20
CA ALA H 145 6.56 32.24 11.92
C ALA H 145 7.08 31.62 13.20
N LEU H 146 6.15 31.27 14.08
CA LEU H 146 6.47 30.65 15.36
C LEU H 146 7.71 29.76 15.24
N LEU H 147 7.72 28.89 14.23
CA LEU H 147 8.83 27.97 14.01
C LEU H 147 9.96 28.59 13.18
N SER H 148 9.60 29.50 12.29
CA SER H 148 10.56 30.14 11.40
C SER H 148 11.51 31.13 12.06
N GLU H 149 11.00 31.92 13.00
CA GLU H 149 11.86 32.90 13.66
C GLU H 149 12.99 32.22 14.44
N GLY H 150 13.62 32.96 15.35
CA GLY H 150 14.72 32.40 16.11
C GLY H 150 14.47 31.12 16.89
N GLU H 151 13.86 31.30 18.06
CA GLU H 151 13.53 30.24 19.00
C GLU H 151 13.46 28.80 18.50
N SER H 152 13.98 27.90 19.30
CA SER H 152 13.95 26.48 18.97
C SER H 152 12.65 25.92 19.52
N ILE H 153 12.30 24.70 19.11
CA ILE H 153 11.06 24.10 19.59
C ILE H 153 11.04 24.07 21.11
N TRP H 154 12.14 23.63 21.70
CA TRP H 154 12.19 23.58 23.15
C TRP H 154 12.08 24.96 23.83
N GLU H 155 12.60 26.00 23.20
CA GLU H 155 12.49 27.34 23.76
C GLU H 155 11.03 27.76 23.77
N ILE H 156 10.35 27.51 22.65
CA ILE H 156 8.92 27.84 22.51
C ILE H 156 8.07 27.07 23.53
N THR H 157 8.43 25.81 23.73
CA THR H 157 7.73 24.95 24.66
C THR H 157 7.82 25.51 26.07
N GLU H 158 9.02 25.89 26.47
CA GLU H 158 9.24 26.44 27.81
C GLU H 158 8.50 27.74 28.01
N LYS H 159 8.57 28.61 27.01
CA LYS H 159 7.89 29.89 27.10
C LYS H 159 6.37 29.73 27.30
N ILE H 160 5.76 28.84 26.53
CA ILE H 160 4.32 28.60 26.66
C ILE H 160 4.07 28.01 28.04
N LEU H 161 4.86 27.02 28.38
CA LEU H 161 4.72 26.36 29.66
C LEU H 161 4.73 27.40 30.79
N ASN H 162 5.61 28.39 30.69
CA ASN H 162 5.70 29.42 31.71
C ASN H 162 4.53 30.39 31.74
N SER H 163 3.99 30.75 30.56
CA SER H 163 2.86 31.68 30.50
C SER H 163 1.72 31.36 31.49
N PHE H 164 1.66 30.13 31.99
CA PHE H 164 0.62 29.79 32.94
C PHE H 164 1.10 29.96 34.39
N GLU H 165 2.41 29.90 34.57
CA GLU H 165 3.03 29.98 35.89
C GLU H 165 2.47 31.01 36.85
N TYR H 166 2.30 32.25 36.38
CA TYR H 166 1.80 33.34 37.21
C TYR H 166 0.44 33.90 36.84
N THR H 167 -0.13 33.46 35.73
CA THR H 167 -1.44 33.94 35.29
C THR H 167 -2.58 33.07 35.80
N SER H 168 -2.28 31.88 36.28
CA SER H 168 -3.33 30.99 36.77
C SER H 168 -3.90 31.42 38.11
N ARG H 169 -5.20 31.21 38.29
CA ARG H 169 -5.85 31.59 39.52
C ARG H 169 -5.69 30.57 40.64
N PHE H 170 -5.48 29.31 40.30
CA PHE H 170 -5.31 28.26 41.30
C PHE H 170 -4.10 27.41 40.97
N THR H 171 -3.61 26.69 41.95
CA THR H 171 -2.46 25.82 41.73
C THR H 171 -2.93 24.66 40.87
N LYS H 172 -4.15 24.20 41.12
CA LYS H 172 -4.68 23.09 40.34
C LYS H 172 -4.74 23.45 38.85
N THR H 173 -5.35 24.57 38.50
CA THR H 173 -5.42 24.95 37.10
C THR H 173 -4.03 25.15 36.51
N LYS H 174 -3.14 25.75 37.29
CA LYS H 174 -1.79 25.98 36.81
C LYS H 174 -1.18 24.60 36.49
N THR H 175 -1.30 23.71 37.47
CA THR H 175 -0.82 22.35 37.36
C THR H 175 -1.38 21.63 36.14
N LEU H 176 -2.70 21.72 35.98
CA LEU H 176 -3.38 21.08 34.87
C LEU H 176 -2.93 21.64 33.53
N TYR H 177 -2.96 22.95 33.38
CA TYR H 177 -2.53 23.52 32.10
C TYR H 177 -1.13 23.06 31.68
N GLN H 178 -0.16 23.22 32.58
CA GLN H 178 1.21 22.84 32.24
C GLN H 178 1.34 21.35 31.93
N PHE H 179 0.67 20.52 32.73
CA PHE H 179 0.71 19.08 32.51
C PHE H 179 0.13 18.76 31.13
N LEU H 180 -1.10 19.23 30.90
CA LEU H 180 -1.76 18.98 29.63
C LEU H 180 -0.88 19.45 28.48
N PHE H 181 -0.41 20.68 28.54
CA PHE H 181 0.40 21.17 27.45
C PHE H 181 1.63 20.32 27.20
N LEU H 182 2.41 20.05 28.25
CA LEU H 182 3.61 19.27 28.09
C LEU H 182 3.27 17.87 27.62
N ALA H 183 2.19 17.32 28.16
CA ALA H 183 1.76 15.98 27.78
C ALA H 183 1.46 15.93 26.28
N THR H 184 0.69 16.89 25.79
CA THR H 184 0.33 16.94 24.38
C THR H 184 1.55 17.06 23.47
N PHE H 185 2.52 17.87 23.87
CA PHE H 185 3.73 18.05 23.06
C PHE H 185 4.54 16.75 23.01
N ILE H 186 4.87 16.25 24.19
CA ILE H 186 5.62 15.02 24.35
C ILE H 186 5.06 13.81 23.57
N ASN H 187 3.74 13.64 23.55
CA ASN H 187 3.14 12.50 22.85
C ASN H 187 2.58 12.87 21.49
N CYS H 188 2.67 14.15 21.13
CA CYS H 188 2.13 14.58 19.85
C CYS H 188 0.68 14.15 19.81
N GLY H 189 0.01 14.21 20.95
CA GLY H 189 -1.37 13.80 21.03
C GLY H 189 -2.35 14.94 21.14
N ARG H 190 -3.63 14.65 20.95
CA ARG H 190 -4.69 15.64 21.03
C ARG H 190 -5.15 15.73 22.48
N PHE H 191 -5.94 16.75 22.80
CA PHE H 191 -6.46 16.90 24.14
C PHE H 191 -7.04 15.57 24.60
N SER H 192 -7.98 15.07 23.81
CA SER H 192 -8.66 13.80 24.09
C SER H 192 -7.70 12.62 24.30
N ASP H 193 -6.57 12.62 23.58
CA ASP H 193 -5.59 11.54 23.75
C ASP H 193 -5.06 11.54 25.17
N ILE H 194 -5.00 12.70 25.80
CA ILE H 194 -4.50 12.79 27.15
C ILE H 194 -5.64 12.57 28.12
N LYS H 195 -6.76 13.22 27.85
CA LYS H 195 -7.94 13.13 28.70
C LYS H 195 -8.51 11.73 28.88
N ASN H 196 -8.65 10.98 27.79
CA ASN H 196 -9.22 9.63 27.87
C ASN H 196 -8.28 8.51 28.31
N VAL H 197 -7.09 8.86 28.79
CA VAL H 197 -6.18 7.84 29.27
C VAL H 197 -6.83 7.08 30.43
N ASP H 198 -6.64 5.77 30.47
CA ASP H 198 -7.19 4.98 31.56
C ASP H 198 -6.14 5.00 32.66
N PRO H 199 -6.37 5.81 33.70
CA PRO H 199 -5.42 5.91 34.81
C PRO H 199 -4.93 4.56 35.35
N LYS H 200 -5.77 3.53 35.19
CA LYS H 200 -5.38 2.21 35.66
C LYS H 200 -4.42 1.46 34.73
N SER H 201 -4.06 2.06 33.61
CA SER H 201 -3.15 1.42 32.67
C SER H 201 -1.70 1.87 32.79
N PHE H 202 -1.38 2.73 33.75
CA PHE H 202 0.00 3.20 33.91
C PHE H 202 0.94 2.03 34.20
N LYS H 203 2.05 1.98 33.49
CA LYS H 203 3.03 0.92 33.66
C LYS H 203 4.43 1.46 33.43
N LEU H 204 5.41 0.72 33.94
CA LEU H 204 6.79 1.06 33.74
C LEU H 204 7.21 0.19 32.58
N VAL H 205 7.81 0.79 31.58
CA VAL H 205 8.24 0.03 30.43
C VAL H 205 9.71 0.32 30.17
N GLN H 206 10.48 -0.70 29.82
CA GLN H 206 11.89 -0.48 29.59
C GLN H 206 12.19 0.25 28.30
N ASN H 207 13.29 1.01 28.33
CA ASN H 207 13.75 1.78 27.19
C ASN H 207 15.27 1.75 27.29
N LYS H 208 15.90 1.20 26.27
CA LYS H 208 17.34 1.07 26.28
C LYS H 208 18.11 2.39 26.41
N TYR H 209 17.46 3.51 26.15
CA TYR H 209 18.15 4.80 26.24
C TYR H 209 17.93 5.55 27.54
N LEU H 210 16.78 5.34 28.16
CA LEU H 210 16.47 6.03 29.40
C LEU H 210 16.24 5.11 30.59
N GLY H 211 16.40 3.80 30.38
CA GLY H 211 16.16 2.86 31.47
C GLY H 211 14.70 2.46 31.41
N VAL H 212 13.83 3.29 32.02
CA VAL H 212 12.39 3.04 31.94
C VAL H 212 11.64 4.34 31.73
N ILE H 213 10.42 4.22 31.22
CA ILE H 213 9.56 5.35 30.99
C ILE H 213 8.18 4.92 31.41
N ILE H 214 7.33 5.89 31.71
CA ILE H 214 5.98 5.60 32.16
C ILE H 214 5.06 5.52 30.95
N GLN H 215 4.31 4.42 30.86
CA GLN H 215 3.39 4.22 29.75
C GLN H 215 1.95 4.02 30.22
N CYS H 216 1.01 4.66 29.53
CA CYS H 216 -0.41 4.50 29.86
C CYS H 216 -1.14 4.27 28.55
N LEU H 217 -2.41 3.91 28.63
CA LEU H 217 -3.16 3.62 27.41
C LEU H 217 -4.44 4.42 27.17
N VAL H 218 -4.66 4.81 25.92
CA VAL H 218 -5.88 5.53 25.57
C VAL H 218 -6.58 4.65 24.53
N THR H 219 -7.85 4.39 24.76
CA THR H 219 -8.61 3.54 23.85
C THR H 219 -9.59 4.38 23.04
N GLU H 220 -10.25 5.31 23.72
CA GLU H 220 -11.22 6.17 23.11
C GLU H 220 -10.62 7.35 22.35
N THR H 221 -9.88 7.06 21.28
CA THR H 221 -9.26 8.08 20.46
C THR H 221 -10.18 8.49 19.32
N LYS H 222 -9.84 9.58 18.66
CA LYS H 222 -10.67 10.08 17.58
C LYS H 222 -10.93 9.03 16.52
N THR H 223 -9.86 8.41 16.01
CA THR H 223 -9.96 7.39 14.96
C THR H 223 -10.19 6.00 15.54
N SER H 224 -10.51 5.94 16.83
CA SER H 224 -10.77 4.67 17.48
C SER H 224 -9.60 3.69 17.39
N VAL H 225 -8.42 4.17 17.06
CA VAL H 225 -7.25 3.32 17.03
C VAL H 225 -6.49 3.61 18.32
N SER H 226 -6.39 2.61 19.19
CA SER H 226 -5.71 2.81 20.47
C SER H 226 -4.24 3.22 20.35
N ARG H 227 -3.76 3.96 21.34
CA ARG H 227 -2.37 4.40 21.36
C ARG H 227 -1.93 4.54 22.79
N HIS H 228 -0.61 4.60 22.96
CA HIS H 228 -0.01 4.78 24.27
C HIS H 228 0.39 6.24 24.48
N ILE H 229 0.37 6.65 25.74
CA ILE H 229 0.77 7.99 26.13
C ILE H 229 1.91 7.80 27.12
N TYR H 230 3.01 8.53 26.93
CA TYR H 230 4.18 8.40 27.79
C TYR H 230 4.60 9.60 28.61
N PHE H 231 5.45 9.33 29.58
CA PHE H 231 6.00 10.34 30.47
C PHE H 231 7.39 9.83 30.81
N PHE H 232 8.38 10.69 30.66
CA PHE H 232 9.74 10.26 30.91
C PHE H 232 10.62 11.39 31.38
N SER H 233 11.74 11.01 32.00
CA SER H 233 12.71 11.97 32.49
C SER H 233 13.32 12.70 31.32
N ALA H 234 13.49 14.00 31.47
CA ALA H 234 14.09 14.78 30.41
C ALA H 234 15.17 15.67 31.00
N ARG H 235 16.31 15.75 30.32
CA ARG H 235 17.40 16.59 30.77
C ARG H 235 17.06 18.05 30.46
N GLY H 236 17.37 18.94 31.40
CA GLY H 236 17.08 20.35 31.19
C GLY H 236 16.10 20.91 32.19
N ARG H 237 15.61 22.13 31.93
CA ARG H 237 14.67 22.78 32.84
C ARG H 237 13.25 22.23 32.77
N ILE H 238 12.94 21.53 31.69
CA ILE H 238 11.60 20.96 31.55
C ILE H 238 11.63 19.46 31.70
N ASP H 239 11.09 18.97 32.82
CA ASP H 239 11.07 17.53 33.09
C ASP H 239 9.66 16.99 33.19
N PRO H 240 9.20 16.24 32.17
CA PRO H 240 7.87 15.67 32.17
C PRO H 240 7.53 14.99 33.49
N LEU H 241 8.45 14.21 34.03
CA LEU H 241 8.18 13.55 35.31
C LEU H 241 7.78 14.54 36.41
N VAL H 242 8.41 15.71 36.42
CA VAL H 242 8.12 16.73 37.41
C VAL H 242 6.71 17.24 37.26
N TYR H 243 6.32 17.55 36.03
CA TYR H 243 4.97 18.04 35.79
C TYR H 243 3.94 16.96 36.07
N LEU H 244 4.31 15.70 35.82
CA LEU H 244 3.40 14.60 36.11
C LEU H 244 3.17 14.58 37.62
N ASP H 245 4.26 14.78 38.34
CA ASP H 245 4.24 14.80 39.79
C ASP H 245 3.31 15.89 40.27
N GLU H 246 3.50 17.10 39.75
CA GLU H 246 2.66 18.23 40.16
C GLU H 246 1.20 17.96 39.82
N PHE H 247 0.98 17.38 38.64
CA PHE H 247 -0.37 17.04 38.23
C PHE H 247 -1.02 16.12 39.25
N LEU H 248 -0.41 14.95 39.43
CA LEU H 248 -0.94 13.97 40.36
C LEU H 248 -1.23 14.48 41.78
N ARG H 249 -0.40 15.37 42.29
CA ARG H 249 -0.60 15.88 43.64
C ARG H 249 -1.60 17.04 43.76
N ASN H 250 -2.36 17.31 42.71
CA ASN H 250 -3.31 18.42 42.78
C ASN H 250 -4.64 18.09 42.14
N SER H 251 -4.66 17.03 41.35
CA SER H 251 -5.89 16.60 40.68
C SER H 251 -6.24 15.21 41.19
N GLU H 252 -7.44 14.74 40.87
CA GLU H 252 -7.87 13.40 41.30
C GLU H 252 -8.46 12.66 40.13
N PRO H 253 -8.68 11.34 40.27
CA PRO H 253 -9.26 10.55 39.17
C PRO H 253 -10.63 11.09 38.77
N VAL H 254 -10.94 11.01 37.50
CA VAL H 254 -12.23 11.49 37.02
C VAL H 254 -13.06 10.30 36.52
N LEU H 255 -14.32 10.24 36.93
CA LEU H 255 -15.17 9.15 36.47
C LEU H 255 -15.32 9.26 34.96
N LYS H 256 -15.11 8.15 34.26
CA LYS H 256 -15.23 8.13 32.81
C LYS H 256 -16.62 8.55 32.30
N ARG H 257 -16.67 9.64 31.54
CA ARG H 257 -17.93 10.10 31.01
C ARG H 257 -18.40 9.12 29.96
N VAL H 258 -19.70 8.83 29.92
CA VAL H 258 -20.26 7.91 28.93
C VAL H 258 -20.27 8.67 27.61
N ASN H 259 -19.78 8.09 26.54
CA ASN H 259 -19.80 8.87 25.32
C ASN H 259 -20.46 8.24 24.11
N ARG H 260 -21.40 7.33 24.36
CA ARG H 260 -22.15 6.70 23.28
C ARG H 260 -23.42 6.09 23.80
N THR H 261 -24.45 6.07 22.95
CA THR H 261 -25.75 5.56 23.32
C THR H 261 -25.82 4.11 23.75
N GLY H 262 -24.76 3.36 23.46
CA GLY H 262 -24.78 1.97 23.87
C GLY H 262 -25.21 1.90 25.33
N ASN H 263 -25.82 0.80 25.75
CA ASN H 263 -26.22 0.67 27.15
C ASN H 263 -25.06 -0.02 27.84
N SER H 264 -24.23 -0.66 27.01
CA SER H 264 -23.06 -1.41 27.46
C SER H 264 -22.18 -0.68 28.47
N SER H 265 -22.13 -1.23 29.68
CA SER H 265 -21.32 -0.71 30.78
C SER H 265 -20.62 -1.92 31.34
N SER H 266 -21.00 -3.08 30.81
CA SER H 266 -20.45 -4.38 31.20
C SER H 266 -18.94 -4.35 31.39
N ASN H 267 -18.24 -3.74 30.43
CA ASN H 267 -16.79 -3.60 30.46
C ASN H 267 -16.41 -2.24 29.93
N LYS H 268 -15.58 -1.53 30.69
CA LYS H 268 -15.13 -0.21 30.30
C LYS H 268 -14.33 0.38 31.46
N GLN H 269 -13.58 1.43 31.18
CA GLN H 269 -12.78 2.08 32.22
C GLN H 269 -13.72 2.96 33.03
N GLU H 270 -13.53 3.00 34.34
CA GLU H 270 -14.40 3.83 35.18
C GLU H 270 -13.80 5.20 35.41
N TYR H 271 -12.51 5.32 35.13
CA TYR H 271 -11.80 6.57 35.30
C TYR H 271 -11.21 7.07 34.00
N GLN H 272 -11.02 8.38 33.93
CA GLN H 272 -10.35 9.02 32.81
C GLN H 272 -9.37 9.98 33.49
N LEU H 273 -8.28 10.32 32.82
CA LEU H 273 -7.26 11.17 33.40
C LEU H 273 -7.63 12.64 33.72
N LEU H 274 -8.30 13.32 32.79
CA LEU H 274 -8.64 14.72 33.00
C LEU H 274 -10.13 14.97 32.83
N LYS H 275 -10.56 16.17 33.14
CA LYS H 275 -11.97 16.53 33.00
C LYS H 275 -12.28 17.00 31.59
N ASP H 276 -13.43 16.59 31.08
CA ASP H 276 -13.82 16.95 29.74
C ASP H 276 -13.81 18.44 29.50
N ASN H 277 -14.24 19.21 30.48
CA ASN H 277 -14.27 20.66 30.31
C ASN H 277 -12.93 21.37 30.46
N LEU H 278 -11.91 20.64 30.91
CA LEU H 278 -10.60 21.25 31.09
C LEU H 278 -10.17 21.99 29.82
N VAL H 279 -10.50 21.42 28.65
CA VAL H 279 -10.10 22.05 27.41
C VAL H 279 -10.61 23.49 27.24
N ARG H 280 -11.83 23.77 27.72
CA ARG H 280 -12.39 25.11 27.57
C ARG H 280 -11.56 26.14 28.32
N SER H 281 -11.35 25.89 29.61
CA SER H 281 -10.58 26.79 30.45
C SER H 281 -9.14 26.84 29.95
N TYR H 282 -8.62 25.72 29.50
CA TYR H 282 -7.25 25.68 28.99
C TYR H 282 -7.07 26.57 27.75
N ASN H 283 -8.01 26.46 26.81
CA ASN H 283 -7.92 27.26 25.62
C ASN H 283 -8.12 28.72 26.00
N LYS H 284 -9.09 28.96 26.87
CA LYS H 284 -9.38 30.32 27.28
C LYS H 284 -8.10 30.93 27.87
N ALA H 285 -7.38 30.13 28.63
CA ALA H 285 -6.15 30.59 29.26
C ALA H 285 -5.10 30.84 28.21
N LEU H 286 -4.88 29.84 27.37
CA LEU H 286 -3.90 29.97 26.32
C LEU H 286 -4.18 31.23 25.51
N LYS H 287 -5.47 31.50 25.28
CA LYS H 287 -5.92 32.66 24.51
C LYS H 287 -5.48 33.96 25.15
N LYS H 288 -5.71 34.10 26.45
CA LYS H 288 -5.34 35.32 27.16
C LYS H 288 -3.87 35.53 27.33
N ASN H 289 -3.22 34.59 27.98
CA ASN H 289 -1.79 34.71 28.20
C ASN H 289 -1.01 34.58 26.91
N ALA H 290 -1.70 34.72 25.79
CA ALA H 290 -1.09 34.59 24.46
C ALA H 290 0.44 34.81 24.40
N PRO H 291 1.22 33.76 24.69
CA PRO H 291 2.68 33.85 24.68
C PRO H 291 3.20 34.24 23.31
N TYR H 292 2.41 33.94 22.29
CA TYR H 292 2.75 34.23 20.90
C TYR H 292 1.52 34.70 20.15
N PRO H 293 1.74 35.42 19.04
CA PRO H 293 0.63 35.94 18.21
C PRO H 293 -0.37 34.88 17.78
N ILE H 294 0.12 33.75 17.28
CA ILE H 294 -0.72 32.65 16.83
C ILE H 294 -1.94 32.43 17.73
N PHE H 295 -1.73 32.49 19.04
CA PHE H 295 -2.81 32.27 19.98
C PHE H 295 -3.89 33.34 20.03
N ALA H 296 -3.67 34.44 19.34
CA ALA H 296 -4.66 35.50 19.35
C ALA H 296 -5.70 35.27 18.26
N ILE H 297 -5.33 34.50 17.24
CA ILE H 297 -6.23 34.23 16.14
C ILE H 297 -7.47 33.39 16.50
N LYS H 298 -8.65 33.91 16.22
CA LYS H 298 -9.87 33.18 16.51
C LYS H 298 -9.86 31.87 15.71
N ASN H 299 -10.25 30.78 16.37
CA ASN H 299 -10.28 29.45 15.76
C ASN H 299 -8.90 28.93 15.40
N GLY H 300 -7.86 29.61 15.87
CA GLY H 300 -6.52 29.15 15.61
C GLY H 300 -6.25 27.99 16.56
N PRO H 301 -5.19 27.20 16.33
CA PRO H 301 -4.93 26.09 17.25
C PRO H 301 -4.72 26.60 18.67
N LYS H 302 -5.25 25.86 19.63
CA LYS H 302 -5.06 26.19 21.05
C LYS H 302 -4.45 24.94 21.66
N SER H 303 -5.29 24.09 22.27
CA SER H 303 -4.78 22.86 22.87
C SER H 303 -4.12 22.03 21.79
N HIS H 304 -4.43 22.31 20.55
CA HIS H 304 -3.84 21.54 19.47
C HIS H 304 -2.41 21.92 19.16
N ILE H 305 -1.96 23.06 19.68
CA ILE H 305 -0.62 23.55 19.42
C ILE H 305 0.44 22.48 19.64
N GLY H 306 0.33 21.75 20.74
CA GLY H 306 1.29 20.70 21.04
C GLY H 306 1.50 19.78 19.86
N ARG H 307 0.40 19.31 19.28
CA ARG H 307 0.43 18.41 18.12
C ARG H 307 1.20 19.02 16.94
N HIS H 308 0.92 20.28 16.63
CA HIS H 308 1.61 20.96 15.53
C HIS H 308 3.09 21.13 15.85
N LEU H 309 3.40 21.46 17.09
CA LEU H 309 4.79 21.65 17.46
C LEU H 309 5.63 20.40 17.20
N MET H 310 5.22 19.28 17.79
CA MET H 310 5.98 18.04 17.63
C MET H 310 6.06 17.59 16.19
N THR H 311 4.94 17.67 15.48
CA THR H 311 4.90 17.30 14.07
C THR H 311 5.96 18.12 13.33
N SER H 312 6.03 19.41 13.63
CA SER H 312 7.00 20.27 13.00
C SER H 312 8.40 19.86 13.47
N PHE H 313 8.57 19.68 14.77
CA PHE H 313 9.87 19.27 15.27
C PHE H 313 10.40 18.06 14.51
N LEU H 314 9.60 17.01 14.38
CA LEU H 314 10.05 15.81 13.68
C LEU H 314 10.39 16.05 12.21
N SER H 315 9.55 16.83 11.54
CA SER H 315 9.76 17.15 10.13
C SER H 315 11.06 17.90 9.97
N MET H 316 11.25 18.90 10.83
CA MET H 316 12.43 19.72 10.78
C MET H 316 13.67 18.87 10.95
N LYS H 317 13.65 17.99 11.94
CA LYS H 317 14.78 17.08 12.21
C LYS H 317 14.86 15.99 11.14
N GLY H 318 13.87 15.98 10.25
CA GLY H 318 13.85 14.98 9.20
C GLY H 318 13.67 13.57 9.73
N LEU H 319 12.58 13.37 10.46
CA LEU H 319 12.27 12.07 11.03
C LEU H 319 10.79 11.78 10.80
N THR H 320 10.30 12.23 9.66
CA THR H 320 8.89 12.07 9.32
C THR H 320 8.41 10.63 9.42
N GLU H 321 9.34 9.70 9.36
CA GLU H 321 8.98 8.28 9.46
C GLU H 321 8.33 8.02 10.83
N LEU H 322 8.74 8.79 11.83
CA LEU H 322 8.21 8.65 13.17
C LEU H 322 6.88 9.36 13.32
N THR H 323 6.75 10.49 12.64
CA THR H 323 5.54 11.29 12.73
C THR H 323 4.26 10.47 12.81
N ASN H 324 4.05 9.59 11.83
CA ASN H 324 2.83 8.79 11.81
C ASN H 324 2.60 7.98 13.09
N VAL H 325 3.64 7.25 13.51
CA VAL H 325 3.54 6.43 14.69
C VAL H 325 3.28 7.26 15.92
N VAL H 326 4.06 8.31 16.11
CA VAL H 326 3.93 9.15 17.30
C VAL H 326 2.62 9.90 17.36
N GLY H 327 2.19 10.43 16.22
CA GLY H 327 0.95 11.16 16.21
C GLY H 327 -0.23 10.24 16.04
N ASN H 328 0.04 8.94 15.85
CA ASN H 328 -1.02 7.96 15.66
C ASN H 328 -1.90 8.41 14.49
N PHE H 329 -1.28 8.70 13.35
CA PHE H 329 -2.02 9.08 12.14
C PHE H 329 -2.21 7.76 11.41
N SER H 330 -3.45 7.44 11.04
CA SER H 330 -3.73 6.19 10.34
C SER H 330 -2.90 6.13 9.05
N ASP H 331 -2.54 4.92 8.62
CA ASP H 331 -1.74 4.76 7.41
C ASP H 331 -2.52 4.24 6.20
N THR H 340 -0.05 -13.07 11.78
CA THR H 340 -0.68 -12.12 12.69
C THR H 340 -0.90 -12.80 14.04
N THR H 341 -1.63 -12.12 14.94
CA THR H 341 -1.92 -12.65 16.27
C THR H 341 -3.33 -12.23 16.74
N TYR H 342 -3.69 -12.67 17.93
CA TYR H 342 -4.97 -12.33 18.54
C TYR H 342 -4.57 -11.25 19.55
N THR H 343 -4.38 -10.04 19.03
CA THR H 343 -3.91 -8.97 19.87
C THR H 343 -4.53 -7.61 19.67
N HIS H 344 -4.81 -6.96 20.79
CA HIS H 344 -5.36 -5.62 20.83
C HIS H 344 -4.28 -4.83 20.09
N GLN H 345 -4.59 -4.46 18.85
CA GLN H 345 -3.63 -3.72 18.04
C GLN H 345 -3.42 -2.28 18.49
N ILE H 346 -2.18 -2.00 18.89
CA ILE H 346 -1.72 -0.69 19.36
C ILE H 346 -0.27 -0.65 18.91
N THR H 347 0.09 0.28 18.04
CA THR H 347 1.49 0.34 17.63
C THR H 347 2.17 1.34 18.54
N ALA H 348 3.37 0.97 18.97
CA ALA H 348 4.14 1.79 19.87
C ALA H 348 5.16 2.64 19.15
N ILE H 349 5.77 3.52 19.93
CA ILE H 349 6.79 4.41 19.44
C ILE H 349 8.17 3.79 19.65
N PRO H 350 9.03 3.83 18.61
CA PRO H 350 10.38 3.29 18.68
C PRO H 350 11.16 3.88 19.86
N ASP H 351 12.03 3.08 20.45
CA ASP H 351 12.84 3.50 21.58
C ASP H 351 13.55 4.83 21.39
N HIS H 352 14.21 5.03 20.25
CA HIS H 352 14.95 6.26 20.05
C HIS H 352 14.14 7.54 20.06
N TYR H 353 12.86 7.45 19.75
CA TYR H 353 12.03 8.65 19.79
C TYR H 353 12.19 9.33 21.14
N PHE H 354 11.96 8.57 22.20
CA PHE H 354 12.08 9.10 23.55
C PHE H 354 13.50 9.56 23.87
N ALA H 355 14.48 8.86 23.32
CA ALA H 355 15.85 9.25 23.57
C ALA H 355 15.98 10.71 23.16
N LEU H 356 15.52 11.01 21.94
CA LEU H 356 15.57 12.37 21.43
C LEU H 356 14.79 13.34 22.29
N VAL H 357 13.48 13.18 22.32
CA VAL H 357 12.63 14.08 23.08
C VAL H 357 13.08 14.31 24.53
N SER H 358 13.77 13.35 25.11
CA SER H 358 14.21 13.46 26.50
C SER H 358 15.37 14.44 26.61
N ARG H 359 16.04 14.68 25.49
CA ARG H 359 17.16 15.60 25.42
C ARG H 359 18.47 15.06 25.98
N TYR H 360 18.46 13.80 26.41
CA TYR H 360 19.68 13.19 26.93
C TYR H 360 20.53 12.70 25.75
N TYR H 361 19.97 12.78 24.55
CA TYR H 361 20.69 12.33 23.37
C TYR H 361 20.45 13.27 22.22
N ALA H 362 21.21 13.07 21.15
CA ALA H 362 21.09 13.87 19.94
C ALA H 362 20.99 12.94 18.75
N TYR H 363 20.26 13.35 17.73
CA TYR H 363 20.11 12.53 16.53
C TYR H 363 21.19 12.88 15.51
N ASP H 364 21.96 11.88 15.10
CA ASP H 364 23.02 12.07 14.12
C ASP H 364 22.52 11.59 12.77
N PRO H 365 22.23 12.55 11.84
CA PRO H 365 21.72 12.30 10.49
C PRO H 365 22.61 11.40 9.63
N ILE H 366 23.91 11.57 9.81
CA ILE H 366 24.87 10.81 9.03
C ILE H 366 24.80 9.31 9.30
N SER H 367 24.70 8.90 10.56
CA SER H 367 24.65 7.47 10.89
C SER H 367 23.27 6.97 11.28
N LYS H 368 22.43 7.87 11.75
CA LYS H 368 21.07 7.55 12.17
C LYS H 368 20.96 6.95 13.57
N GLU H 369 21.99 7.15 14.39
CA GLU H 369 21.97 6.63 15.73
C GLU H 369 21.80 7.77 16.72
N MET H 370 21.45 7.43 17.95
CA MET H 370 21.27 8.41 19.00
C MET H 370 22.55 8.53 19.80
N ILE H 371 23.09 9.74 19.89
CA ILE H 371 24.33 9.97 20.59
C ILE H 371 24.15 10.75 21.89
N ALA H 372 24.43 10.11 23.01
CA ALA H 372 24.28 10.75 24.30
C ALA H 372 25.23 11.94 24.42
N LEU H 373 24.81 12.94 25.18
CA LEU H 373 25.63 14.13 25.40
C LEU H 373 26.53 13.85 26.59
N LYS H 374 27.83 14.12 26.42
CA LYS H 374 28.82 13.87 27.48
C LYS H 374 28.51 14.49 28.83
N ASP H 375 27.31 15.05 28.96
CA ASP H 375 26.86 15.63 30.20
C ASP H 375 26.97 14.52 31.24
N GLU H 376 27.52 14.84 32.42
CA GLU H 376 27.69 13.86 33.48
C GLU H 376 26.56 12.87 33.68
N THR H 377 25.44 13.36 34.21
CA THR H 377 24.28 12.50 34.49
C THR H 377 23.77 11.69 33.30
N ASN H 378 23.83 10.37 33.46
CA ASN H 378 23.34 9.42 32.47
C ASN H 378 22.07 8.81 33.08
N PRO H 379 20.90 9.03 32.47
CA PRO H 379 19.61 8.52 32.95
C PRO H 379 19.52 7.05 33.34
N ILE H 380 20.00 6.15 32.48
CA ILE H 380 19.96 4.71 32.76
C ILE H 380 20.50 4.40 34.14
N GLU H 381 21.66 4.93 34.45
CA GLU H 381 22.27 4.68 35.74
C GLU H 381 21.45 5.18 36.91
N GLU H 382 20.73 6.28 36.72
CA GLU H 382 19.93 6.79 37.83
C GLU H 382 18.73 5.92 38.09
N TRP H 383 18.19 5.30 37.04
CA TRP H 383 17.04 4.42 37.22
C TRP H 383 17.50 3.24 38.09
N GLN H 384 18.70 2.75 37.80
CA GLN H 384 19.25 1.61 38.54
C GLN H 384 19.37 1.95 40.02
N HIS H 385 19.84 3.15 40.33
CA HIS H 385 19.97 3.58 41.71
C HIS H 385 18.59 3.58 42.36
N ILE H 386 17.59 4.00 41.59
CA ILE H 386 16.22 4.07 42.08
C ILE H 386 15.60 2.68 42.22
N GLU H 387 15.84 1.84 41.21
CA GLU H 387 15.32 0.48 41.20
C GLU H 387 15.80 -0.33 42.39
N GLN H 388 17.04 -0.06 42.83
CA GLN H 388 17.64 -0.78 43.96
C GLN H 388 16.87 -0.61 45.26
N LEU H 389 16.78 0.60 45.81
CA LEU H 389 16.00 0.65 47.03
C LEU H 389 14.53 0.83 46.72
N LYS H 390 13.75 -0.12 47.23
CA LYS H 390 12.31 -0.16 47.11
C LYS H 390 11.85 -0.30 48.56
N GLY H 391 10.76 -1.02 48.80
CA GLY H 391 10.27 -1.20 50.15
C GLY H 391 9.71 0.09 50.76
N SER H 392 10.11 1.22 50.18
CA SER H 392 9.67 2.54 50.61
C SER H 392 8.42 2.89 49.80
N ALA H 393 7.30 2.24 50.14
CA ALA H 393 6.03 2.46 49.46
C ALA H 393 5.56 3.90 49.72
N GLU H 394 6.52 4.82 49.68
CA GLU H 394 6.25 6.23 49.93
C GLU H 394 5.44 6.84 48.79
N GLY H 395 5.20 6.04 47.76
CA GLY H 395 4.45 6.53 46.63
C GLY H 395 2.99 6.70 46.96
N SER H 396 2.42 5.69 47.61
CA SER H 396 1.01 5.72 47.97
C SER H 396 0.71 6.81 49.00
N ILE H 397 1.76 7.37 49.58
CA ILE H 397 1.61 8.40 50.58
C ILE H 397 1.71 9.77 49.93
N ARG H 398 2.48 9.83 48.84
CA ARG H 398 2.66 11.08 48.10
C ARG H 398 1.50 11.37 47.13
N TYR H 399 0.90 10.32 46.62
CA TYR H 399 -0.22 10.45 45.68
C TYR H 399 -1.46 9.74 46.23
N PRO H 400 -1.98 10.21 47.36
CA PRO H 400 -3.16 9.58 47.96
C PRO H 400 -4.37 9.40 47.05
N ALA H 401 -4.71 10.43 46.26
CA ALA H 401 -5.89 10.36 45.39
C ALA H 401 -5.83 9.31 44.28
N TRP H 402 -4.62 8.90 43.91
CA TRP H 402 -4.44 7.91 42.85
C TRP H 402 -4.09 6.54 43.41
N ASN H 403 -3.94 6.48 44.73
CA ASN H 403 -3.60 5.24 45.40
C ASN H 403 -4.74 4.26 45.13
N GLY H 404 -4.37 3.05 44.71
CA GLY H 404 -5.36 2.05 44.41
C GLY H 404 -5.83 2.16 42.98
N ILE H 405 -5.51 3.27 42.35
CA ILE H 405 -5.90 3.49 40.96
C ILE H 405 -4.68 3.28 40.08
N ILE H 406 -3.63 4.06 40.32
CA ILE H 406 -2.42 3.96 39.54
C ILE H 406 -1.49 2.97 40.17
N SER H 407 -1.02 2.02 39.36
CA SER H 407 -0.11 0.99 39.80
C SER H 407 0.83 1.48 40.88
N GLN H 408 1.01 0.72 41.94
CA GLN H 408 1.90 1.14 43.00
C GLN H 408 3.34 1.18 42.48
N GLU H 409 3.68 0.24 41.61
CA GLU H 409 5.02 0.19 41.05
C GLU H 409 5.34 1.52 40.38
N VAL H 410 4.32 2.13 39.78
CA VAL H 410 4.49 3.41 39.10
C VAL H 410 4.60 4.54 40.11
N LEU H 411 3.66 4.60 41.04
CA LEU H 411 3.68 5.65 42.05
C LEU H 411 4.98 5.64 42.84
N ASP H 412 5.53 4.45 43.10
CA ASP H 412 6.76 4.35 43.86
C ASP H 412 7.93 4.87 43.02
N TYR H 413 7.96 4.50 41.75
CA TYR H 413 9.02 4.96 40.88
C TYR H 413 9.02 6.46 40.80
N LEU H 414 7.87 7.05 40.45
CA LEU H 414 7.78 8.49 40.33
C LEU H 414 8.20 9.11 41.63
N SER H 415 7.53 8.69 42.70
CA SER H 415 7.84 9.21 44.02
C SER H 415 9.35 9.25 44.28
N SER H 416 10.03 8.14 44.07
CA SER H 416 11.47 8.05 44.28
C SER H 416 12.18 9.09 43.42
N TYR H 417 12.03 8.96 42.11
CA TYR H 417 12.64 9.89 41.16
C TYR H 417 12.51 11.33 41.66
N ILE H 418 11.30 11.71 42.07
CA ILE H 418 11.06 13.05 42.57
C ILE H 418 11.89 13.37 43.81
N ASN H 419 11.79 12.53 44.84
CA ASN H 419 12.54 12.74 46.07
C ASN H 419 14.05 12.66 45.80
N ARG H 420 14.43 11.65 45.04
CA ARG H 420 15.83 11.41 44.68
C ARG H 420 16.35 12.56 43.81
N ARG H 421 15.48 13.53 43.57
CA ARG H 421 15.79 14.68 42.71
C ARG H 421 16.02 15.93 43.55
N ILE H 422 14.99 16.33 44.29
CA ILE H 422 15.09 17.51 45.14
C ILE H 422 16.23 17.35 46.13
N GLY H 423 16.44 16.10 46.54
CA GLY H 423 17.48 15.79 47.49
C GLY H 423 16.87 15.48 48.84
N HIS H 424 17.56 14.65 49.62
CA HIS H 424 17.15 14.23 50.95
C HIS H 424 18.15 13.15 51.29
N HIS H 425 18.53 13.04 52.57
CA HIS H 425 19.52 12.04 52.92
C HIS H 425 18.99 10.61 52.87
N HIS H 426 17.79 10.36 53.39
CA HIS H 426 17.25 8.99 53.37
C HIS H 426 17.05 8.45 51.96
N HIS H 427 16.79 9.34 51.03
CA HIS H 427 16.58 8.93 49.66
C HIS H 427 17.93 8.80 48.94
N HIS H 428 19.02 8.98 49.69
CA HIS H 428 20.37 8.90 49.14
C HIS H 428 21.33 8.00 49.93
N HIS H 429 20.83 7.35 50.97
CA HIS H 429 21.65 6.47 51.78
C HIS H 429 22.28 5.33 50.99
N SER I 1 2.88 42.24 -20.50
CA SER I 1 2.36 40.91 -20.92
C SER I 1 0.86 40.82 -20.69
N GLN I 2 0.21 39.85 -21.34
CA GLN I 2 -1.22 39.68 -21.18
C GLN I 2 -1.57 39.40 -19.73
N PHE I 3 -0.89 38.43 -19.14
CA PHE I 3 -1.15 38.07 -17.75
C PHE I 3 -1.03 39.28 -16.82
N ASP I 4 -0.06 40.14 -17.07
CA ASP I 4 0.10 41.31 -16.21
C ASP I 4 -1.12 42.20 -16.33
N ILE I 5 -1.61 42.36 -17.55
CA ILE I 5 -2.78 43.19 -17.80
C ILE I 5 -3.97 42.57 -17.11
N LEU I 6 -4.03 41.25 -17.10
CA LEU I 6 -5.13 40.56 -16.46
C LEU I 6 -5.15 40.97 -14.99
N CYS I 7 -3.99 40.85 -14.34
CA CYS I 7 -3.86 41.19 -12.94
C CYS I 7 -4.18 42.64 -12.63
N LYS I 8 -3.96 43.51 -13.61
CA LYS I 8 -4.23 44.94 -13.45
C LYS I 8 -5.71 45.29 -13.64
N THR I 9 -6.42 44.47 -14.41
CA THR I 9 -7.84 44.69 -14.67
C THR I 9 -8.76 44.27 -13.52
N PRO I 10 -9.65 45.17 -13.09
CA PRO I 10 -10.58 44.88 -12.00
C PRO I 10 -11.57 43.80 -12.42
N PRO I 11 -11.84 42.83 -11.55
CA PRO I 11 -12.78 41.75 -11.85
C PRO I 11 -14.05 42.21 -12.56
N LYS I 12 -14.79 43.12 -11.95
CA LYS I 12 -16.02 43.61 -12.56
C LYS I 12 -15.76 44.11 -13.97
N VAL I 13 -14.59 44.70 -14.18
CA VAL I 13 -14.24 45.20 -15.50
C VAL I 13 -14.04 44.06 -16.51
N LEU I 14 -13.39 42.99 -16.07
CA LEU I 14 -13.15 41.83 -16.93
C LEU I 14 -14.48 41.30 -17.43
N VAL I 15 -15.38 40.99 -16.49
CA VAL I 15 -16.70 40.48 -16.86
C VAL I 15 -17.39 41.47 -17.77
N ARG I 16 -17.11 42.76 -17.57
CA ARG I 16 -17.68 43.81 -18.39
C ARG I 16 -17.17 43.61 -19.81
N GLN I 17 -15.86 43.78 -19.98
CA GLN I 17 -15.20 43.64 -21.27
C GLN I 17 -15.59 42.37 -22.01
N PHE I 18 -15.82 41.28 -21.28
CA PHE I 18 -16.21 40.02 -21.89
C PHE I 18 -17.62 40.11 -22.48
N VAL I 19 -18.55 40.60 -21.67
CA VAL I 19 -19.94 40.73 -22.08
C VAL I 19 -20.07 41.65 -23.31
N GLU I 20 -19.37 42.78 -23.31
CA GLU I 20 -19.41 43.72 -24.42
C GLU I 20 -19.16 43.04 -25.76
N ARG I 21 -18.19 42.12 -25.78
CA ARG I 21 -17.84 41.41 -27.00
C ARG I 21 -19.03 40.74 -27.67
N PHE I 22 -20.06 40.41 -26.89
CA PHE I 22 -21.23 39.72 -27.43
C PHE I 22 -22.48 40.57 -27.71
N GLU I 23 -22.39 41.88 -27.53
CA GLU I 23 -23.54 42.73 -27.80
C GLU I 23 -23.55 43.09 -29.28
N ARG I 24 -22.37 43.43 -29.79
CA ARG I 24 -22.22 43.76 -31.21
C ARG I 24 -21.34 42.66 -31.82
N PRO I 25 -21.85 41.42 -31.85
CA PRO I 25 -21.13 40.26 -32.39
C PRO I 25 -20.17 40.54 -33.54
N SER I 26 -18.90 40.78 -33.20
CA SER I 26 -17.85 41.08 -34.17
C SER I 26 -16.71 40.05 -34.09
N GLY I 27 -16.30 39.54 -35.24
CA GLY I 27 -15.22 38.56 -35.25
C GLY I 27 -14.00 39.11 -34.54
N GLU I 28 -13.72 40.40 -34.78
CA GLU I 28 -12.57 41.06 -34.17
C GLU I 28 -12.67 41.08 -32.65
N LYS I 29 -13.89 41.09 -32.13
CA LYS I 29 -14.10 41.14 -30.68
C LYS I 29 -14.18 39.78 -30.01
N ILE I 30 -14.97 38.87 -30.58
CA ILE I 30 -15.11 37.54 -29.99
C ILE I 30 -13.80 36.76 -30.02
N ALA I 31 -13.00 36.97 -31.06
CA ALA I 31 -11.73 36.27 -31.18
C ALA I 31 -10.66 36.70 -30.17
N SER I 32 -10.94 37.77 -29.43
CA SER I 32 -9.98 38.27 -28.43
C SER I 32 -10.44 38.03 -26.99
N CYS I 33 -11.42 37.14 -26.81
CA CYS I 33 -11.94 36.85 -25.48
C CYS I 33 -11.15 35.77 -24.74
N ALA I 34 -10.16 35.20 -25.42
CA ALA I 34 -9.33 34.14 -24.84
C ALA I 34 -8.84 34.37 -23.40
N ALA I 35 -8.12 35.48 -23.18
CA ALA I 35 -7.61 35.79 -21.85
C ALA I 35 -8.75 35.83 -20.85
N GLU I 36 -9.74 36.65 -21.14
CA GLU I 36 -10.91 36.80 -20.28
C GLU I 36 -11.60 35.47 -20.01
N LEU I 37 -11.82 34.72 -21.08
CA LEU I 37 -12.49 33.42 -20.98
C LEU I 37 -11.70 32.48 -20.07
N THR I 38 -10.37 32.53 -20.19
CA THR I 38 -9.49 31.68 -19.37
C THR I 38 -9.74 32.00 -17.91
N TYR I 39 -9.60 33.28 -17.58
CA TYR I 39 -9.82 33.77 -16.22
C TYR I 39 -11.16 33.28 -15.68
N LEU I 40 -12.22 33.52 -16.45
CA LEU I 40 -13.56 33.11 -16.05
C LEU I 40 -13.72 31.61 -15.82
N CYS I 41 -13.31 30.81 -16.79
CA CYS I 41 -13.45 29.37 -16.64
C CYS I 41 -12.76 28.91 -15.35
N TRP I 42 -11.67 29.58 -15.01
CA TRP I 42 -10.92 29.22 -13.81
C TRP I 42 -11.70 29.65 -12.58
N MET I 43 -12.00 30.94 -12.50
CA MET I 43 -12.74 31.48 -11.37
C MET I 43 -13.99 30.66 -11.10
N ILE I 44 -14.64 30.23 -12.17
CA ILE I 44 -15.85 29.43 -12.03
C ILE I 44 -15.52 28.08 -11.39
N THR I 45 -14.71 27.29 -12.08
CA THR I 45 -14.33 25.97 -11.60
C THR I 45 -13.58 25.93 -10.28
N HIS I 46 -13.10 27.09 -9.81
CA HIS I 46 -12.37 27.12 -8.55
C HIS I 46 -12.96 28.05 -7.51
N ASN I 47 -14.16 28.55 -7.81
CA ASN I 47 -14.86 29.44 -6.90
C ASN I 47 -14.03 30.63 -6.42
N GLY I 48 -13.50 31.40 -7.36
CA GLY I 48 -12.73 32.59 -7.00
C GLY I 48 -11.26 32.44 -6.65
N THR I 49 -10.78 31.21 -6.44
CA THR I 49 -9.37 31.01 -6.11
C THR I 49 -8.52 31.70 -7.17
N ALA I 50 -7.35 32.22 -6.79
CA ALA I 50 -6.49 32.89 -7.74
C ALA I 50 -5.89 31.91 -8.74
N ILE I 51 -5.38 32.43 -9.86
CA ILE I 51 -4.77 31.58 -10.86
C ILE I 51 -3.31 31.98 -11.02
N LYS I 52 -2.43 31.00 -11.16
CA LYS I 52 -1.01 31.26 -11.31
C LYS I 52 -0.63 31.63 -12.72
N ARG I 53 0.34 32.53 -12.86
CA ARG I 53 0.84 32.98 -14.15
C ARG I 53 1.03 31.85 -15.16
N ALA I 54 1.85 30.87 -14.80
CA ALA I 54 2.12 29.74 -15.68
C ALA I 54 0.85 29.02 -16.09
N THR I 55 0.00 28.71 -15.12
CA THR I 55 -1.23 28.02 -15.43
C THR I 55 -2.09 28.85 -16.35
N PHE I 56 -2.21 30.14 -16.07
CA PHE I 56 -3.00 31.00 -16.94
C PHE I 56 -2.42 30.97 -18.35
N MET I 57 -1.12 31.20 -18.46
CA MET I 57 -0.45 31.18 -19.76
C MET I 57 -0.83 29.91 -20.54
N SER I 58 -0.64 28.76 -19.92
CA SER I 58 -0.94 27.48 -20.55
C SER I 58 -2.37 27.36 -21.06
N TYR I 59 -3.32 27.59 -20.16
CA TYR I 59 -4.73 27.50 -20.48
C TYR I 59 -5.11 28.51 -21.54
N ASN I 60 -4.59 29.72 -21.44
CA ASN I 60 -4.92 30.74 -22.43
C ASN I 60 -4.49 30.29 -23.81
N THR I 61 -3.35 29.62 -23.89
CA THR I 61 -2.86 29.14 -25.17
C THR I 61 -3.86 28.11 -25.70
N ILE I 62 -4.19 27.14 -24.85
CA ILE I 62 -5.12 26.08 -25.21
C ILE I 62 -6.46 26.64 -25.71
N ILE I 63 -6.99 27.64 -25.02
CA ILE I 63 -8.23 28.25 -25.45
C ILE I 63 -8.01 28.91 -26.80
N SER I 64 -7.00 29.76 -26.92
CA SER I 64 -6.71 30.44 -28.18
C SER I 64 -6.66 29.47 -29.35
N ASN I 65 -5.90 28.39 -29.20
CA ASN I 65 -5.78 27.41 -30.28
C ASN I 65 -7.09 26.70 -30.65
N SER I 66 -8.03 26.63 -29.72
CA SER I 66 -9.28 25.92 -29.98
C SER I 66 -10.52 26.78 -30.19
N LEU I 67 -10.46 28.04 -29.79
CA LEU I 67 -11.60 28.94 -29.91
C LEU I 67 -12.16 28.96 -31.33
N SER I 68 -13.47 28.80 -31.45
CA SER I 68 -14.18 28.82 -32.72
C SER I 68 -15.62 29.21 -32.40
N PHE I 69 -16.26 29.94 -33.31
CA PHE I 69 -17.62 30.38 -33.05
C PHE I 69 -18.45 30.71 -34.28
N ASP I 70 -19.76 30.68 -34.09
CA ASP I 70 -20.71 31.01 -35.15
C ASP I 70 -21.49 32.22 -34.66
N ILE I 71 -21.26 33.36 -35.32
CA ILE I 71 -21.95 34.59 -34.92
C ILE I 71 -23.44 34.55 -35.21
N VAL I 72 -23.83 33.78 -36.22
CA VAL I 72 -25.24 33.67 -36.58
C VAL I 72 -26.03 32.80 -35.60
N ASN I 73 -25.53 31.60 -35.32
CA ASN I 73 -26.22 30.70 -34.40
C ASN I 73 -25.89 31.03 -32.95
N LYS I 74 -25.08 32.07 -32.78
CA LYS I 74 -24.67 32.51 -31.45
C LYS I 74 -24.15 31.36 -30.60
N SER I 75 -23.17 30.64 -31.14
CA SER I 75 -22.56 29.51 -30.45
C SER I 75 -21.06 29.71 -30.42
N LEU I 76 -20.41 29.19 -29.39
CA LEU I 76 -18.96 29.33 -29.24
C LEU I 76 -18.39 28.14 -28.46
N GLN I 77 -17.31 27.56 -28.96
CA GLN I 77 -16.70 26.44 -28.29
C GLN I 77 -15.18 26.55 -28.18
N PHE I 78 -14.61 25.77 -27.26
CA PHE I 78 -13.18 25.76 -27.03
C PHE I 78 -12.82 24.66 -26.06
N LYS I 79 -11.54 24.35 -25.97
CA LYS I 79 -11.05 23.31 -25.06
C LYS I 79 -10.58 23.90 -23.75
N TYR I 80 -10.72 23.13 -22.68
CA TYR I 80 -10.31 23.58 -21.37
C TYR I 80 -10.09 22.36 -20.49
N LYS I 81 -9.00 22.35 -19.74
CA LYS I 81 -8.72 21.22 -18.86
C LYS I 81 -9.75 21.17 -17.74
N THR I 82 -10.81 20.40 -17.96
CA THR I 82 -11.86 20.24 -16.96
C THR I 82 -12.67 19.01 -17.27
N GLN I 83 -13.43 18.53 -16.28
CA GLN I 83 -14.27 17.36 -16.47
C GLN I 83 -15.72 17.66 -16.17
N LYS I 84 -15.96 18.85 -15.62
CA LYS I 84 -17.31 19.29 -15.30
C LYS I 84 -17.68 20.38 -16.29
N ALA I 85 -17.55 20.04 -17.57
CA ALA I 85 -17.84 20.97 -18.67
C ALA I 85 -19.23 21.59 -18.54
N THR I 86 -20.21 20.77 -18.17
CA THR I 86 -21.57 21.24 -18.04
C THR I 86 -21.71 22.43 -17.10
N ILE I 87 -21.26 22.25 -15.86
CA ILE I 87 -21.32 23.31 -14.87
C ILE I 87 -20.76 24.60 -15.46
N LEU I 88 -19.65 24.47 -16.17
CA LEU I 88 -18.97 25.59 -16.79
C LEU I 88 -19.80 26.21 -17.91
N GLU I 89 -20.29 25.36 -18.81
CA GLU I 89 -21.11 25.81 -19.92
C GLU I 89 -22.28 26.63 -19.40
N ALA I 90 -22.96 26.07 -18.40
CA ALA I 90 -24.11 26.72 -17.79
C ALA I 90 -23.75 28.11 -17.28
N SER I 91 -22.76 28.16 -16.39
CA SER I 91 -22.31 29.41 -15.81
C SER I 91 -22.03 30.44 -16.89
N LEU I 92 -21.39 30.00 -17.97
CA LEU I 92 -21.08 30.91 -19.07
C LEU I 92 -22.36 31.46 -19.68
N LYS I 93 -23.30 30.57 -19.96
CA LYS I 93 -24.58 30.98 -20.55
C LYS I 93 -25.26 32.05 -19.71
N LYS I 94 -25.30 31.83 -18.40
CA LYS I 94 -25.93 32.79 -17.50
C LYS I 94 -25.38 34.19 -17.68
N LEU I 95 -24.13 34.28 -18.11
CA LEU I 95 -23.49 35.58 -18.31
C LEU I 95 -23.84 36.16 -19.67
N ILE I 96 -24.18 35.28 -20.59
CA ILE I 96 -24.54 35.67 -21.96
C ILE I 96 -25.56 34.65 -22.45
N PRO I 97 -26.83 34.79 -22.00
CA PRO I 97 -27.99 33.94 -22.31
C PRO I 97 -28.23 33.62 -23.79
N ALA I 98 -28.07 34.61 -24.65
CA ALA I 98 -28.28 34.45 -26.07
C ALA I 98 -27.41 33.34 -26.67
N TRP I 99 -26.20 33.19 -26.15
CA TRP I 99 -25.27 32.21 -26.67
C TRP I 99 -25.28 30.82 -26.04
N GLU I 100 -24.79 29.86 -26.81
CA GLU I 100 -24.69 28.46 -26.41
C GLU I 100 -23.20 28.11 -26.41
N PHE I 101 -22.67 27.70 -25.27
CA PHE I 101 -21.26 27.35 -25.18
C PHE I 101 -21.03 25.84 -25.15
N THR I 102 -19.85 25.42 -25.63
CA THR I 102 -19.51 24.01 -25.64
C THR I 102 -18.06 23.81 -25.24
N ILE I 103 -17.84 23.31 -24.03
CA ILE I 103 -16.48 23.08 -23.57
C ILE I 103 -16.03 21.70 -24.01
N ILE I 104 -14.90 21.66 -24.71
CA ILE I 104 -14.36 20.40 -25.20
C ILE I 104 -13.16 19.98 -24.37
N PRO I 105 -13.20 18.76 -23.80
CA PRO I 105 -12.11 18.25 -22.98
C PRO I 105 -10.77 18.31 -23.72
N TYR I 106 -9.73 18.73 -23.00
CA TYR I 106 -8.39 18.82 -23.59
C TYR I 106 -7.75 17.46 -23.72
N ASN I 107 -7.96 16.65 -22.68
CA ASN I 107 -7.39 15.31 -22.59
C ASN I 107 -5.86 15.34 -22.61
N SER I 113 -15.19 10.02 -30.39
CA SER I 113 -14.55 10.64 -31.54
C SER I 113 -15.22 10.26 -32.86
N ASP I 114 -14.50 10.38 -33.96
CA ASP I 114 -15.03 10.06 -35.28
C ASP I 114 -13.97 9.43 -36.18
N ILE I 115 -14.33 8.34 -36.85
CA ILE I 115 -13.43 7.60 -37.73
C ILE I 115 -12.59 8.45 -38.68
N THR I 116 -13.24 9.10 -39.64
CA THR I 116 -12.55 9.93 -40.62
C THR I 116 -11.43 10.79 -40.03
N ASP I 117 -11.61 11.23 -38.79
CA ASP I 117 -10.59 12.03 -38.12
C ASP I 117 -9.48 11.09 -37.72
N ILE I 118 -9.86 10.05 -37.00
CA ILE I 118 -8.93 9.03 -36.53
C ILE I 118 -8.09 8.59 -37.71
N VAL I 119 -8.75 8.34 -38.83
CA VAL I 119 -8.08 7.90 -40.05
C VAL I 119 -7.07 8.93 -40.54
N SER I 120 -7.55 10.10 -40.95
CA SER I 120 -6.67 11.16 -41.45
C SER I 120 -5.50 11.37 -40.49
N SER I 121 -5.76 11.22 -39.20
CA SER I 121 -4.72 11.38 -38.20
C SER I 121 -3.71 10.25 -38.35
N LEU I 122 -4.22 9.03 -38.52
CA LEU I 122 -3.37 7.87 -38.69
C LEU I 122 -2.61 8.00 -40.01
N GLN I 123 -3.33 8.41 -41.06
CA GLN I 123 -2.75 8.60 -42.38
C GLN I 123 -1.58 9.56 -42.28
N LEU I 124 -1.72 10.54 -41.40
CA LEU I 124 -0.70 11.55 -41.17
C LEU I 124 0.53 10.88 -40.56
N GLN I 125 0.30 10.16 -39.46
CA GLN I 125 1.36 9.44 -38.77
C GLN I 125 2.07 8.46 -39.69
N PHE I 126 1.29 7.71 -40.47
CA PHE I 126 1.82 6.72 -41.41
C PHE I 126 2.94 7.30 -42.27
N GLU I 127 2.76 8.56 -42.68
CA GLU I 127 3.70 9.25 -43.53
C GLU I 127 4.97 9.76 -42.83
N SER I 128 4.82 10.37 -41.66
CA SER I 128 5.97 10.88 -40.92
C SER I 128 6.98 9.76 -40.61
N ASN I 136 12.50 11.56 -25.43
CA ASN I 136 12.41 11.37 -23.99
C ASN I 136 13.33 10.25 -23.51
N SER I 137 13.38 9.16 -24.26
CA SER I 137 14.20 8.02 -23.92
C SER I 137 15.69 8.27 -24.21
N HIS I 138 15.94 9.05 -25.25
CA HIS I 138 17.29 9.38 -25.69
C HIS I 138 18.06 10.21 -24.66
N SER I 139 17.40 11.25 -24.15
CA SER I 139 18.02 12.15 -23.18
C SER I 139 18.52 11.42 -21.93
N LYS I 140 17.68 10.56 -21.36
CA LYS I 140 18.08 9.81 -20.16
C LYS I 140 19.28 8.93 -20.45
N LYS I 141 19.28 8.33 -21.63
CA LYS I 141 20.39 7.46 -22.02
C LYS I 141 21.67 8.30 -22.12
N MET I 142 21.56 9.45 -22.78
CA MET I 142 22.71 10.35 -22.94
C MET I 142 23.28 10.87 -21.63
N LEU I 143 22.42 11.04 -20.63
CA LEU I 143 22.88 11.50 -19.33
C LEU I 143 23.68 10.38 -18.68
N LYS I 144 23.15 9.16 -18.79
CA LYS I 144 23.83 8.01 -18.22
C LYS I 144 25.21 7.88 -18.85
N ALA I 145 25.29 8.19 -20.14
CA ALA I 145 26.56 8.13 -20.87
C ALA I 145 27.45 9.19 -20.25
N LEU I 146 26.95 10.42 -20.29
CA LEU I 146 27.63 11.58 -19.73
C LEU I 146 28.27 11.22 -18.40
N LEU I 147 27.54 10.47 -17.58
CA LEU I 147 28.01 10.06 -16.26
C LEU I 147 28.96 8.86 -16.27
N SER I 148 28.59 7.82 -17.02
CA SER I 148 29.38 6.59 -17.10
C SER I 148 30.60 6.67 -18.02
N GLU I 149 31.45 7.68 -17.80
CA GLU I 149 32.66 7.86 -18.61
C GLU I 149 33.67 8.71 -17.83
N GLY I 150 34.89 8.18 -17.67
CA GLY I 150 35.99 8.84 -16.98
C GLY I 150 35.83 10.08 -16.11
N GLU I 151 35.28 11.16 -16.69
CA GLU I 151 35.08 12.42 -15.97
C GLU I 151 34.15 12.35 -14.76
N SER I 152 34.62 12.83 -13.63
CA SER I 152 33.85 12.83 -12.38
C SER I 152 32.84 13.96 -12.41
N ILE I 153 31.89 13.94 -11.49
CA ILE I 153 30.88 14.99 -11.45
C ILE I 153 31.53 16.35 -11.38
N TRP I 154 32.51 16.51 -10.50
CA TRP I 154 33.19 17.79 -10.37
C TRP I 154 33.94 18.21 -11.63
N GLU I 155 34.49 17.25 -12.37
CA GLU I 155 35.19 17.58 -13.60
C GLU I 155 34.18 18.11 -14.62
N ILE I 156 33.02 17.47 -14.71
CA ILE I 156 31.97 17.88 -15.64
C ILE I 156 31.45 19.26 -15.27
N THR I 157 31.32 19.50 -13.97
CA THR I 157 30.84 20.77 -13.45
C THR I 157 31.77 21.90 -13.88
N GLU I 158 33.06 21.70 -13.69
CA GLU I 158 34.05 22.70 -14.04
C GLU I 158 34.06 22.99 -15.53
N LYS I 159 33.99 21.94 -16.33
CA LYS I 159 33.98 22.08 -17.78
C LYS I 159 32.80 22.92 -18.26
N ILE I 160 31.61 22.62 -17.75
CA ILE I 160 30.43 23.37 -18.13
C ILE I 160 30.60 24.80 -17.67
N LEU I 161 31.01 24.95 -16.41
CA LEU I 161 31.21 26.28 -15.85
C LEU I 161 32.14 27.10 -16.75
N ASN I 162 33.17 26.46 -17.28
CA ASN I 162 34.15 27.11 -18.16
C ASN I 162 33.61 27.49 -19.53
N SER I 163 32.74 26.65 -20.09
CA SER I 163 32.17 26.91 -21.40
C SER I 163 31.58 28.31 -21.59
N PHE I 164 31.30 29.01 -20.49
CA PHE I 164 30.74 30.37 -20.58
C PHE I 164 31.84 31.42 -20.48
N GLU I 165 32.95 31.03 -19.85
CA GLU I 165 34.08 31.93 -19.62
C GLU I 165 34.44 32.89 -20.73
N TYR I 166 34.41 32.45 -21.97
CA TYR I 166 34.78 33.34 -23.05
C TYR I 166 33.65 33.56 -24.04
N THR I 167 32.86 32.53 -24.25
CA THR I 167 31.76 32.61 -25.19
C THR I 167 30.74 33.69 -24.86
N SER I 168 30.74 34.19 -23.63
CA SER I 168 29.77 35.22 -23.22
C SER I 168 30.08 36.59 -23.80
N ARG I 169 29.03 37.32 -24.17
CA ARG I 169 29.21 38.64 -24.75
C ARG I 169 29.45 39.74 -23.73
N PHE I 170 28.96 39.55 -22.51
CA PHE I 170 29.17 40.56 -21.47
C PHE I 170 29.65 39.88 -20.20
N THR I 171 30.22 40.67 -19.30
CA THR I 171 30.70 40.13 -18.04
C THR I 171 29.49 39.75 -17.19
N LYS I 172 28.43 40.54 -17.30
CA LYS I 172 27.21 40.27 -16.53
C LYS I 172 26.64 38.92 -16.90
N THR I 173 26.42 38.67 -18.19
CA THR I 173 25.88 37.39 -18.62
C THR I 173 26.80 36.25 -18.23
N LYS I 174 28.11 36.47 -18.39
CA LYS I 174 29.07 35.44 -18.03
C LYS I 174 28.89 35.11 -16.55
N THR I 175 28.87 36.18 -15.77
CA THR I 175 28.70 36.13 -14.32
C THR I 175 27.41 35.41 -13.95
N LEU I 176 26.31 35.80 -14.59
CA LEU I 176 25.01 35.20 -14.32
C LEU I 176 24.97 33.71 -14.67
N TYR I 177 25.40 33.35 -15.87
CA TYR I 177 25.39 31.96 -16.26
C TYR I 177 26.14 31.08 -15.28
N GLN I 178 27.39 31.43 -14.99
CA GLN I 178 28.18 30.62 -14.07
C GLN I 178 27.56 30.54 -12.68
N PHE I 179 27.06 31.68 -12.19
CA PHE I 179 26.43 31.73 -10.88
C PHE I 179 25.22 30.80 -10.87
N LEU I 180 24.31 31.03 -11.82
CA LEU I 180 23.13 30.21 -11.92
C LEU I 180 23.48 28.72 -12.00
N PHE I 181 24.37 28.36 -12.90
CA PHE I 181 24.73 26.96 -13.03
C PHE I 181 25.27 26.38 -11.72
N LEU I 182 26.28 27.03 -11.16
CA LEU I 182 26.87 26.51 -9.93
C LEU I 182 25.85 26.48 -8.79
N ALA I 183 24.98 27.48 -8.76
CA ALA I 183 23.96 27.54 -7.73
C ALA I 183 23.02 26.35 -7.85
N THR I 184 22.54 26.09 -9.07
CA THR I 184 21.63 24.98 -9.31
C THR I 184 22.26 23.65 -8.91
N PHE I 185 23.52 23.44 -9.27
CA PHE I 185 24.20 22.20 -8.93
C PHE I 185 24.32 22.04 -7.42
N ILE I 186 24.90 23.05 -6.79
CA ILE I 186 25.10 23.07 -5.36
C ILE I 186 23.86 22.79 -4.51
N ASN I 187 22.73 23.37 -4.91
CA ASN I 187 21.49 23.18 -4.18
C ASN I 187 20.55 22.13 -4.78
N CYS I 188 20.96 21.57 -5.91
CA CYS I 188 20.12 20.57 -6.56
C CYS I 188 18.76 21.22 -6.78
N GLY I 189 18.77 22.51 -7.10
CA GLY I 189 17.53 23.20 -7.32
C GLY I 189 17.27 23.51 -8.77
N ARG I 190 16.04 23.89 -9.08
CA ARG I 190 15.67 24.25 -10.44
C ARG I 190 16.02 25.72 -10.65
N PHE I 191 15.76 26.21 -11.86
CA PHE I 191 16.05 27.60 -12.17
C PHE I 191 15.29 28.47 -11.19
N SER I 192 13.98 28.26 -11.14
CA SER I 192 13.08 29.02 -10.26
C SER I 192 13.50 29.00 -8.79
N ASP I 193 14.08 27.89 -8.34
CA ASP I 193 14.53 27.78 -6.97
C ASP I 193 15.61 28.81 -6.69
N ILE I 194 16.35 29.18 -7.71
CA ILE I 194 17.41 30.17 -7.55
C ILE I 194 16.86 31.56 -7.81
N LYS I 195 16.07 31.67 -8.88
CA LYS I 195 15.49 32.94 -9.26
C LYS I 195 14.55 33.56 -8.22
N ASN I 196 13.69 32.75 -7.62
CA ASN I 196 12.73 33.27 -6.65
C ASN I 196 13.22 33.47 -5.23
N VAL I 197 14.53 33.36 -5.01
CA VAL I 197 15.09 33.57 -3.69
C VAL I 197 14.79 35.00 -3.25
N ASP I 198 14.44 35.18 -1.99
CA ASP I 198 14.18 36.51 -1.46
C ASP I 198 15.52 37.05 -1.01
N PRO I 199 16.11 37.96 -1.80
CA PRO I 199 17.42 38.53 -1.45
C PRO I 199 17.53 39.02 -0.01
N LYS I 200 16.40 39.40 0.57
CA LYS I 200 16.38 39.89 1.95
C LYS I 200 16.45 38.78 3.00
N SER I 201 16.48 37.52 2.56
CA SER I 201 16.54 36.42 3.50
C SER I 201 17.93 35.84 3.72
N PHE I 202 18.95 36.44 3.10
CA PHE I 202 20.31 35.91 3.27
C PHE I 202 20.73 35.97 4.72
N LYS I 203 21.33 34.88 5.20
CA LYS I 203 21.76 34.77 6.59
C LYS I 203 23.04 33.97 6.69
N LEU I 204 23.63 34.02 7.88
CA LEU I 204 24.81 33.24 8.17
C LEU I 204 24.27 32.14 9.05
N VAL I 205 24.55 30.90 8.72
CA VAL I 205 24.05 29.79 9.50
C VAL I 205 25.22 28.91 9.90
N GLN I 206 25.19 28.36 11.10
CA GLN I 206 26.29 27.52 11.52
C GLN I 206 26.25 26.14 10.87
N ASN I 207 27.43 25.57 10.67
CA ASN I 207 27.63 24.25 10.10
C ASN I 207 28.81 23.66 10.88
N LYS I 208 28.62 22.53 11.54
CA LYS I 208 29.68 21.98 12.34
C LYS I 208 30.92 21.55 11.58
N TYR I 209 30.86 21.61 10.26
CA TYR I 209 32.01 21.22 9.45
C TYR I 209 32.74 22.38 8.78
N LEU I 210 32.00 23.34 8.24
CA LEU I 210 32.58 24.48 7.53
C LEU I 210 32.57 25.78 8.30
N GLY I 211 32.11 25.75 9.55
CA GLY I 211 32.04 26.98 10.33
C GLY I 211 30.70 27.61 10.07
N VAL I 212 30.58 28.36 8.97
CA VAL I 212 29.31 28.96 8.60
C VAL I 212 29.12 28.87 7.09
N ILE I 213 27.85 28.96 6.67
CA ILE I 213 27.52 28.92 5.27
C ILE I 213 26.43 29.95 5.07
N ILE I 214 26.27 30.42 3.85
CA ILE I 214 25.27 31.41 3.58
C ILE I 214 23.96 30.72 3.23
N GLN I 215 22.87 31.16 3.88
CA GLN I 215 21.56 30.59 3.64
C GLN I 215 20.52 31.64 3.22
N CYS I 216 19.72 31.31 2.21
CA CYS I 216 18.68 32.23 1.79
C CYS I 216 17.42 31.39 1.63
N LEU I 217 16.28 32.04 1.43
CA LEU I 217 15.01 31.34 1.34
C LEU I 217 14.18 31.55 0.06
N VAL I 218 13.61 30.46 -0.43
CA VAL I 218 12.74 30.53 -1.61
C VAL I 218 11.38 30.05 -1.14
N THR I 219 10.36 30.83 -1.43
CA THR I 219 9.01 30.49 -1.02
C THR I 219 8.19 30.03 -2.20
N GLU I 220 8.34 30.75 -3.30
CA GLU I 220 7.59 30.47 -4.51
C GLU I 220 8.20 29.35 -5.35
N THR I 221 8.18 28.14 -4.82
CA THR I 221 8.73 26.96 -5.52
C THR I 221 7.61 26.28 -6.31
N LYS I 222 7.98 25.35 -7.19
CA LYS I 222 6.97 24.63 -7.98
C LYS I 222 5.89 24.00 -7.11
N THR I 223 6.33 23.16 -6.17
CA THR I 223 5.41 22.46 -5.29
C THR I 223 4.93 23.32 -4.12
N SER I 224 5.24 24.61 -4.17
CA SER I 224 4.84 25.52 -3.13
C SER I 224 5.35 25.15 -1.75
N VAL I 225 6.34 24.26 -1.70
CA VAL I 225 6.93 23.88 -0.43
C VAL I 225 8.24 24.67 -0.32
N SER I 226 8.32 25.60 0.61
CA SER I 226 9.52 26.40 0.77
C SER I 226 10.81 25.60 1.02
N ARG I 227 11.92 26.15 0.59
CA ARG I 227 13.21 25.50 0.79
C ARG I 227 14.30 26.57 0.88
N HIS I 228 15.44 26.15 1.40
CA HIS I 228 16.59 27.03 1.54
C HIS I 228 17.59 26.81 0.43
N ILE I 229 18.27 27.88 0.06
CA ILE I 229 19.30 27.82 -0.98
C ILE I 229 20.59 28.24 -0.28
N TYR I 230 21.67 27.51 -0.52
CA TYR I 230 22.93 27.81 0.13
C TYR I 230 24.10 28.18 -0.76
N PHE I 231 25.14 28.71 -0.11
CA PHE I 231 26.36 29.11 -0.77
C PHE I 231 27.42 28.92 0.27
N PHE I 232 28.50 28.26 -0.10
CA PHE I 232 29.54 27.99 0.87
C PHE I 232 30.90 27.85 0.24
N SER I 233 31.92 27.98 1.07
CA SER I 233 33.31 27.85 0.64
C SER I 233 33.56 26.42 0.21
N ALA I 234 34.26 26.25 -0.90
CA ALA I 234 34.57 24.91 -1.39
C ALA I 234 36.05 24.84 -1.72
N ARG I 235 36.68 23.74 -1.31
CA ARG I 235 38.10 23.55 -1.59
C ARG I 235 38.24 23.19 -3.07
N GLY I 236 39.27 23.73 -3.72
CA GLY I 236 39.48 23.42 -5.12
C GLY I 236 39.38 24.62 -6.05
N ARG I 237 39.35 24.36 -7.35
CA ARG I 237 39.26 25.41 -8.36
C ARG I 237 37.88 26.04 -8.52
N ILE I 238 36.88 25.42 -7.90
CA ILE I 238 35.51 25.96 -7.97
C ILE I 238 35.01 26.32 -6.59
N ASP I 239 34.88 27.62 -6.35
CA ASP I 239 34.43 28.12 -5.05
C ASP I 239 33.12 28.91 -5.16
N PRO I 240 32.02 28.31 -4.71
CA PRO I 240 30.71 28.98 -4.76
C PRO I 240 30.77 30.43 -4.28
N LEU I 241 31.44 30.65 -3.15
CA LEU I 241 31.55 32.00 -2.61
C LEU I 241 32.12 32.98 -3.63
N VAL I 242 33.09 32.52 -4.41
CA VAL I 242 33.70 33.36 -5.43
C VAL I 242 32.71 33.74 -6.52
N TYR I 243 31.92 32.76 -6.98
CA TYR I 243 30.95 33.04 -8.01
C TYR I 243 29.82 33.88 -7.47
N LEU I 244 29.52 33.73 -6.17
CA LEU I 244 28.47 34.54 -5.56
C LEU I 244 28.96 36.00 -5.56
N ASP I 245 30.24 36.16 -5.26
CA ASP I 245 30.89 37.45 -5.25
C ASP I 245 30.78 38.10 -6.62
N GLU I 246 31.20 37.36 -7.65
CA GLU I 246 31.13 37.88 -9.02
C GLU I 246 29.69 38.24 -9.38
N PHE I 247 28.76 37.37 -9.00
CA PHE I 247 27.35 37.59 -9.29
C PHE I 247 26.92 38.93 -8.71
N LEU I 248 27.08 39.06 -7.39
CA LEU I 248 26.69 40.26 -6.68
C LEU I 248 27.29 41.56 -7.21
N ARG I 249 28.53 41.52 -7.66
CA ARG I 249 29.18 42.73 -8.17
C ARG I 249 28.89 43.06 -9.63
N ASN I 250 27.93 42.38 -10.24
CA ASN I 250 27.60 42.64 -11.65
C ASN I 250 26.11 42.69 -11.94
N SER I 251 25.31 42.16 -11.02
CA SER I 251 23.87 42.16 -11.16
C SER I 251 23.27 42.97 -10.01
N GLU I 252 21.95 43.14 -10.06
CA GLU I 252 21.30 43.87 -8.99
C GLU I 252 19.89 43.39 -8.77
N PRO I 253 19.38 43.62 -7.55
CA PRO I 253 18.04 43.20 -7.16
C PRO I 253 17.03 43.36 -8.29
N VAL I 254 16.17 42.36 -8.43
CA VAL I 254 15.13 42.37 -9.44
C VAL I 254 13.78 42.48 -8.73
N LEU I 255 12.93 43.39 -9.21
CA LEU I 255 11.61 43.55 -8.62
C LEU I 255 10.81 42.27 -8.79
N LYS I 256 10.31 41.73 -7.69
CA LYS I 256 9.51 40.49 -7.72
C LYS I 256 8.33 40.59 -8.69
N ARG I 257 8.33 39.73 -9.70
CA ARG I 257 7.26 39.73 -10.67
C ARG I 257 6.02 39.14 -9.99
N VAL I 258 4.85 39.73 -10.25
CA VAL I 258 3.60 39.25 -9.68
C VAL I 258 3.27 37.95 -10.40
N ASN I 259 2.95 36.88 -9.67
CA ASN I 259 2.67 35.62 -10.32
C ASN I 259 1.32 34.95 -10.04
N ARG I 260 0.32 35.76 -9.72
CA ARG I 260 -1.01 35.25 -9.47
C ARG I 260 -2.03 36.38 -9.43
N THR I 261 -3.24 36.08 -9.89
CA THR I 261 -4.32 37.05 -9.95
C THR I 261 -4.74 37.68 -8.64
N GLY I 262 -4.26 37.14 -7.52
CA GLY I 262 -4.62 37.70 -6.24
C GLY I 262 -4.34 39.20 -6.16
N ASN I 267 0.51 38.86 -0.04
CA ASN I 267 1.75 38.29 0.50
C ASN I 267 2.96 38.79 -0.30
N LYS I 268 3.35 40.02 -0.03
CA LYS I 268 4.46 40.66 -0.70
C LYS I 268 5.81 39.93 -0.55
N GLN I 269 6.80 40.44 -1.25
CA GLN I 269 8.18 39.97 -1.30
C GLN I 269 8.66 40.96 -2.34
N GLU I 270 9.24 42.06 -1.90
CA GLU I 270 9.65 43.07 -2.85
C GLU I 270 10.75 42.75 -3.86
N TYR I 271 11.49 41.67 -3.69
CA TYR I 271 12.52 41.40 -4.68
C TYR I 271 12.77 39.92 -4.94
N GLN I 272 13.43 39.64 -6.05
CA GLN I 272 13.78 38.28 -6.42
C GLN I 272 15.24 38.31 -6.85
N LEU I 273 15.94 37.19 -6.72
CA LEU I 273 17.36 37.15 -7.04
C LEU I 273 17.80 37.31 -8.50
N LEU I 274 17.09 36.69 -9.43
CA LEU I 274 17.45 36.77 -10.86
C LEU I 274 16.28 37.22 -11.70
N LYS I 275 16.55 37.48 -12.98
CA LYS I 275 15.49 37.91 -13.89
C LYS I 275 14.79 36.69 -14.49
N ASP I 276 13.48 36.79 -14.62
CA ASP I 276 12.68 35.70 -15.16
C ASP I 276 13.15 35.21 -16.53
N ASN I 277 13.56 36.14 -17.39
CA ASN I 277 14.03 35.75 -18.71
C ASN I 277 15.47 35.23 -18.76
N LEU I 278 16.20 35.31 -17.66
CA LEU I 278 17.57 34.83 -17.64
C LEU I 278 17.63 33.39 -18.15
N VAL I 279 16.62 32.59 -17.84
CA VAL I 279 16.61 31.20 -18.28
C VAL I 279 16.71 31.02 -19.81
N ARG I 280 16.01 31.89 -20.57
CA ARG I 280 16.04 31.77 -22.02
C ARG I 280 17.46 31.94 -22.52
N SER I 281 18.05 33.07 -22.13
CA SER I 281 19.39 33.43 -22.48
C SER I 281 20.36 32.34 -22.06
N TYR I 282 20.16 31.83 -20.85
CA TYR I 282 21.02 30.80 -20.29
C TYR I 282 20.96 29.48 -21.07
N ASN I 283 19.74 29.05 -21.39
CA ASN I 283 19.59 27.81 -22.13
C ASN I 283 20.17 27.99 -23.52
N LYS I 284 19.87 29.13 -24.13
CA LYS I 284 20.36 29.42 -25.48
C LYS I 284 21.88 29.31 -25.47
N ALA I 285 22.50 29.81 -24.41
CA ALA I 285 23.95 29.79 -24.29
C ALA I 285 24.44 28.36 -24.10
N LEU I 286 23.83 27.67 -23.14
CA LEU I 286 24.19 26.30 -22.85
C LEU I 286 24.08 25.46 -24.13
N LYS I 287 23.07 25.78 -24.94
CA LYS I 287 22.81 25.09 -26.20
C LYS I 287 23.97 25.24 -27.18
N LYS I 288 24.41 26.49 -27.38
CA LYS I 288 25.49 26.76 -28.31
C LYS I 288 26.84 26.25 -27.84
N ASN I 289 27.29 26.73 -26.70
CA ASN I 289 28.58 26.31 -26.18
C ASN I 289 28.58 24.84 -25.75
N ALA I 290 27.57 24.11 -26.21
CA ALA I 290 27.40 22.69 -25.89
C ALA I 290 28.69 21.98 -25.46
N PRO I 291 29.05 22.07 -24.17
CA PRO I 291 30.26 21.44 -23.65
C PRO I 291 30.21 19.93 -23.81
N TYR I 292 28.99 19.41 -23.88
CA TYR I 292 28.76 17.98 -24.05
C TYR I 292 27.62 17.74 -25.02
N PRO I 293 27.57 16.55 -25.63
CA PRO I 293 26.52 16.19 -26.59
C PRO I 293 25.10 16.40 -26.07
N ILE I 294 24.85 15.93 -24.85
CA ILE I 294 23.53 16.06 -24.23
C ILE I 294 22.84 17.40 -24.52
N PHE I 295 23.62 18.47 -24.45
CA PHE I 295 23.08 19.81 -24.67
C PHE I 295 22.66 20.13 -26.09
N ALA I 296 22.96 19.24 -27.03
CA ALA I 296 22.60 19.48 -28.41
C ALA I 296 21.17 19.00 -28.66
N ILE I 297 20.72 18.06 -27.84
CA ILE I 297 19.38 17.49 -28.00
C ILE I 297 18.25 18.48 -27.75
N LYS I 298 17.36 18.61 -28.73
CA LYS I 298 16.23 19.52 -28.58
C LYS I 298 15.37 19.04 -27.41
N ASN I 299 14.94 19.97 -26.57
CA ASN I 299 14.12 19.65 -25.40
C ASN I 299 14.87 18.84 -24.36
N GLY I 300 16.18 18.73 -24.52
CA GLY I 300 16.97 18.00 -23.55
C GLY I 300 17.15 18.91 -22.35
N PRO I 301 17.58 18.38 -21.20
CA PRO I 301 17.76 19.27 -20.06
C PRO I 301 18.76 20.38 -20.40
N LYS I 302 18.46 21.57 -19.91
CA LYS I 302 19.30 22.73 -20.10
C LYS I 302 19.68 23.23 -18.71
N SER I 303 18.94 24.22 -18.22
CA SER I 303 19.16 24.78 -16.90
C SER I 303 18.97 23.69 -15.85
N HIS I 304 18.25 22.64 -16.25
CA HIS I 304 17.97 21.51 -15.36
C HIS I 304 19.14 20.56 -15.16
N ILE I 305 20.21 20.80 -15.91
CA ILE I 305 21.38 19.96 -15.81
C ILE I 305 21.92 19.91 -14.39
N GLY I 306 21.95 21.07 -13.74
CA GLY I 306 22.47 21.18 -12.38
C GLY I 306 21.85 20.18 -11.43
N ARG I 307 20.51 20.15 -11.39
CA ARG I 307 19.81 19.23 -10.51
C ARG I 307 20.20 17.79 -10.84
N HIS I 308 20.06 17.42 -12.11
CA HIS I 308 20.40 16.08 -12.54
C HIS I 308 21.80 15.73 -12.07
N LEU I 309 22.73 16.64 -12.24
CA LEU I 309 24.10 16.39 -11.81
C LEU I 309 24.20 16.09 -10.31
N MET I 310 23.63 16.95 -9.47
CA MET I 310 23.71 16.71 -8.04
C MET I 310 22.98 15.43 -7.66
N THR I 311 21.80 15.23 -8.24
CA THR I 311 21.01 14.03 -7.98
C THR I 311 21.86 12.80 -8.22
N SER I 312 22.61 12.84 -9.31
CA SER I 312 23.47 11.73 -9.66
C SER I 312 24.62 11.66 -8.66
N PHE I 313 25.22 12.81 -8.39
CA PHE I 313 26.34 12.84 -7.46
C PHE I 313 26.02 12.14 -6.14
N LEU I 314 24.87 12.48 -5.57
CA LEU I 314 24.44 11.89 -4.31
C LEU I 314 24.14 10.38 -4.41
N SER I 315 23.47 9.99 -5.49
CA SER I 315 23.15 8.60 -5.70
C SER I 315 24.44 7.81 -5.84
N MET I 316 25.34 8.31 -6.70
CA MET I 316 26.61 7.66 -6.93
C MET I 316 27.39 7.49 -5.63
N LYS I 317 27.42 8.54 -4.81
CA LYS I 317 28.11 8.47 -3.53
C LYS I 317 27.28 7.63 -2.55
N GLY I 318 26.13 7.15 -3.03
CA GLY I 318 25.25 6.33 -2.21
C GLY I 318 24.73 7.10 -1.00
N LEU I 319 24.06 8.21 -1.26
CA LEU I 319 23.51 9.04 -0.18
C LEU I 319 22.12 9.52 -0.58
N THR I 320 21.37 8.64 -1.23
CA THR I 320 20.02 8.97 -1.70
C THR I 320 19.10 9.46 -0.58
N GLU I 321 19.43 9.14 0.66
CA GLU I 321 18.62 9.58 1.78
C GLU I 321 18.59 11.11 1.78
N LEU I 322 19.70 11.72 1.37
CA LEU I 322 19.82 13.17 1.33
C LEU I 322 19.10 13.77 0.14
N THR I 323 19.19 13.09 -1.00
CA THR I 323 18.56 13.56 -2.21
C THR I 323 17.22 14.26 -2.00
N ASN I 324 16.30 13.60 -1.33
CA ASN I 324 14.99 14.18 -1.09
C ASN I 324 15.03 15.52 -0.40
N VAL I 325 15.77 15.57 0.70
CA VAL I 325 15.92 16.78 1.49
C VAL I 325 16.54 17.90 0.66
N VAL I 326 17.68 17.60 0.05
CA VAL I 326 18.41 18.58 -0.75
C VAL I 326 17.65 19.04 -1.99
N GLY I 327 17.01 18.10 -2.67
CA GLY I 327 16.28 18.42 -3.87
C GLY I 327 14.88 18.91 -3.62
N ASN I 328 14.45 18.80 -2.38
CA ASN I 328 13.12 19.24 -2.00
C ASN I 328 12.06 18.48 -2.77
N PHE I 329 12.10 17.16 -2.60
CA PHE I 329 11.15 16.26 -3.23
C PHE I 329 10.04 16.06 -2.20
N SER I 330 8.79 16.20 -2.62
CA SER I 330 7.67 16.03 -1.71
C SER I 330 7.75 14.74 -0.88
N ASP I 331 7.74 14.89 0.43
CA ASP I 331 7.82 13.77 1.38
C ASP I 331 6.53 12.92 1.38
N LYS I 332 6.70 11.61 1.38
CA LYS I 332 5.56 10.71 1.37
C LYS I 332 5.46 9.83 2.62
N ARG I 333 6.38 10.03 3.55
CA ARG I 333 6.40 9.28 4.81
C ARG I 333 5.22 9.70 5.69
N ALA I 334 5.28 10.92 6.22
CA ALA I 334 4.20 11.47 7.05
C ALA I 334 2.98 11.60 6.16
N SER I 335 1.81 11.25 6.68
CA SER I 335 0.57 11.32 5.91
C SER I 335 0.28 12.72 5.36
N ALA I 336 -0.71 12.82 4.47
CA ALA I 336 -1.09 14.11 3.89
C ALA I 336 -1.62 15.02 5.00
N VAL I 337 -2.43 14.44 5.90
CA VAL I 337 -2.99 15.18 7.03
C VAL I 337 -1.85 15.77 7.85
N ALA I 338 -0.82 14.96 8.05
CA ALA I 338 0.34 15.40 8.79
C ALA I 338 0.98 16.55 8.02
N ARG I 339 1.38 16.26 6.77
CA ARG I 339 2.05 17.22 5.90
C ARG I 339 1.29 18.52 5.70
N THR I 340 0.02 18.40 5.33
CA THR I 340 -0.79 19.60 5.13
C THR I 340 -0.89 20.38 6.45
N THR I 341 -1.89 19.97 7.22
CA THR I 341 -2.25 20.57 8.48
C THR I 341 -1.24 20.84 9.59
N THR I 343 2.32 20.44 9.66
CA THR I 343 3.72 20.73 9.38
C THR I 343 4.02 22.18 8.97
N HIS I 344 4.72 22.88 9.85
CA HIS I 344 5.02 24.29 9.63
C HIS I 344 6.49 24.67 9.65
N GLN I 345 7.41 23.72 9.48
CA GLN I 345 8.83 24.07 9.46
C GLN I 345 9.60 23.27 8.43
N ILE I 346 10.21 23.97 7.49
CA ILE I 346 11.02 23.38 6.42
C ILE I 346 12.03 22.34 6.93
N THR I 347 12.05 21.17 6.31
CA THR I 347 12.99 20.13 6.71
C THR I 347 14.40 20.67 6.50
N ALA I 348 15.26 20.50 7.49
CA ALA I 348 16.63 21.01 7.41
C ALA I 348 17.59 20.09 6.67
N ILE I 349 18.40 20.65 5.77
CA ILE I 349 19.37 19.86 5.02
C ILE I 349 20.46 19.59 6.03
N PRO I 350 20.85 18.32 6.16
CA PRO I 350 21.88 17.90 7.11
C PRO I 350 23.25 18.52 6.93
N ASP I 351 23.88 18.82 8.06
CA ASP I 351 25.19 19.44 8.06
C ASP I 351 26.20 18.75 7.14
N HIS I 352 26.31 17.44 7.23
CA HIS I 352 27.29 16.73 6.41
C HIS I 352 27.13 16.89 4.89
N TYR I 353 25.91 17.16 4.43
CA TYR I 353 25.72 17.34 3.00
C TYR I 353 26.73 18.35 2.47
N PHE I 354 26.75 19.54 3.10
CA PHE I 354 27.65 20.62 2.71
C PHE I 354 29.11 20.24 2.92
N ALA I 355 29.38 19.47 3.95
CA ALA I 355 30.75 19.03 4.19
C ALA I 355 31.22 18.35 2.90
N LEU I 356 30.41 17.43 2.39
CA LEU I 356 30.75 16.70 1.18
C LEU I 356 30.90 17.64 -0.01
N VAL I 357 29.80 18.22 -0.44
CA VAL I 357 29.81 19.12 -1.59
C VAL I 357 30.90 20.19 -1.55
N SER I 358 31.35 20.56 -0.36
CA SER I 358 32.38 21.60 -0.23
C SER I 358 33.75 21.06 -0.64
N ARG I 359 33.88 19.74 -0.61
CA ARG I 359 35.11 19.05 -0.97
C ARG I 359 36.19 19.10 0.10
N TYR I 360 35.88 19.67 1.26
CA TYR I 360 36.85 19.74 2.33
C TYR I 360 36.84 18.42 3.09
N TYR I 361 35.86 17.57 2.77
CA TYR I 361 35.71 16.27 3.43
C TYR I 361 35.31 15.21 2.43
N ALA I 362 35.23 13.98 2.92
CA ALA I 362 34.81 12.86 2.10
C ALA I 362 33.87 12.02 2.94
N TYR I 363 33.05 11.21 2.27
CA TYR I 363 32.11 10.36 2.98
C TYR I 363 32.60 8.91 3.02
N ASP I 364 32.57 8.33 4.20
CA ASP I 364 32.97 6.94 4.38
C ASP I 364 31.71 6.11 4.56
N PRO I 365 31.28 5.39 3.50
CA PRO I 365 30.07 4.57 3.54
C PRO I 365 30.10 3.52 4.63
N ILE I 366 31.29 3.07 5.01
CA ILE I 366 31.42 2.06 6.04
C ILE I 366 31.36 2.65 7.45
N SER I 367 32.25 3.58 7.77
CA SER I 367 32.26 4.16 9.10
C SER I 367 31.14 5.17 9.31
N LYS I 368 30.38 5.48 8.26
CA LYS I 368 29.29 6.44 8.36
C LYS I 368 29.85 7.70 9.01
N GLU I 369 30.87 8.28 8.38
CA GLU I 369 31.49 9.48 8.92
C GLU I 369 32.05 10.40 7.84
N MET I 370 32.30 11.63 8.24
CA MET I 370 32.88 12.63 7.35
C MET I 370 34.36 12.70 7.66
N ILE I 371 35.17 12.28 6.70
CA ILE I 371 36.60 12.30 6.87
C ILE I 371 37.19 13.53 6.20
N ALA I 372 37.67 14.45 7.02
CA ALA I 372 38.26 15.68 6.54
C ALA I 372 39.47 15.38 5.66
N LEU I 373 39.55 16.04 4.52
CA LEU I 373 40.68 15.86 3.62
C LEU I 373 41.78 16.76 4.17
N LYS I 374 42.94 16.17 4.44
CA LYS I 374 44.05 16.91 5.02
C LYS I 374 44.46 18.22 4.35
N ASP I 375 43.69 18.69 3.37
CA ASP I 375 44.01 19.95 2.72
C ASP I 375 44.42 20.92 3.83
N GLU I 376 45.50 21.66 3.61
CA GLU I 376 46.01 22.61 4.60
C GLU I 376 44.94 23.56 5.14
N THR I 377 44.37 24.37 4.25
CA THR I 377 43.34 25.33 4.59
C THR I 377 42.16 24.68 5.31
N ASN I 378 41.92 25.09 6.55
CA ASN I 378 40.80 24.56 7.33
C ASN I 378 39.66 25.56 7.33
N PRO I 379 38.50 25.18 6.75
CA PRO I 379 37.29 26.00 6.65
C PRO I 379 36.81 26.58 7.96
N ILE I 380 36.82 25.77 9.01
CA ILE I 380 36.38 26.24 10.32
C ILE I 380 37.32 27.30 10.87
N GLU I 381 38.61 27.00 10.89
CA GLU I 381 39.59 27.92 11.41
C GLU I 381 39.67 29.23 10.64
N GLU I 382 39.42 29.19 9.33
CA GLU I 382 39.49 30.41 8.56
C GLU I 382 38.29 31.31 8.85
N TRP I 383 37.14 30.71 9.16
CA TRP I 383 35.96 31.50 9.48
C TRP I 383 36.24 32.26 10.77
N GLN I 384 36.88 31.59 11.72
CA GLN I 384 37.21 32.22 13.00
C GLN I 384 38.10 33.43 12.79
N HIS I 385 39.11 33.31 11.91
CA HIS I 385 40.00 34.42 11.63
C HIS I 385 39.20 35.58 11.06
N ILE I 386 38.22 35.25 10.21
CA ILE I 386 37.36 36.24 9.59
C ILE I 386 36.37 36.84 10.58
N GLU I 387 35.80 35.99 11.42
CA GLU I 387 34.83 36.42 12.42
C GLU I 387 35.44 37.41 13.41
N GLN I 388 36.73 37.24 13.70
CA GLN I 388 37.44 38.12 14.64
C GLN I 388 37.49 39.56 14.16
N GLU I 394 32.19 48.34 4.58
CA GLU I 394 33.19 47.45 4.01
C GLU I 394 32.55 46.60 2.92
N GLY I 395 31.72 45.67 3.37
CA GLY I 395 30.98 44.82 2.47
C GLY I 395 29.97 45.70 1.74
N SER I 396 29.41 46.67 2.45
CA SER I 396 28.44 47.59 1.85
C SER I 396 29.08 48.46 0.76
N ILE I 397 30.41 48.46 0.72
CA ILE I 397 31.13 49.24 -0.26
C ILE I 397 31.44 48.38 -1.48
N ARG I 398 31.60 47.08 -1.24
CA ARG I 398 31.91 46.13 -2.31
C ARG I 398 30.68 45.72 -3.08
N TYR I 399 29.53 45.70 -2.40
CA TYR I 399 28.28 45.30 -3.03
C TYR I 399 27.24 46.41 -2.90
N PRO I 400 27.51 47.58 -3.50
CA PRO I 400 26.57 48.71 -3.44
C PRO I 400 25.13 48.44 -3.81
N ALA I 401 24.91 47.71 -4.90
CA ALA I 401 23.55 47.42 -5.36
C ALA I 401 22.69 46.59 -4.41
N TRP I 402 23.33 45.80 -3.55
CA TRP I 402 22.62 44.95 -2.60
C TRP I 402 22.63 45.54 -1.19
N ASN I 403 23.31 46.66 -1.05
CA ASN I 403 23.40 47.33 0.23
C ASN I 403 21.99 47.74 0.65
N GLY I 404 21.63 47.38 1.87
CA GLY I 404 20.31 47.71 2.37
C GLY I 404 19.33 46.61 2.03
N ILE I 405 19.73 45.72 1.12
CA ILE I 405 18.89 44.60 0.70
C ILE I 405 19.39 43.33 1.37
N ILE I 406 20.64 42.98 1.10
CA ILE I 406 21.21 41.79 1.70
C ILE I 406 21.85 42.16 3.04
N SER I 407 21.49 41.39 4.06
CA SER I 407 22.01 41.58 5.41
C SER I 407 23.46 42.04 5.37
N GLN I 408 23.78 43.05 6.15
CA GLN I 408 25.15 43.54 6.18
C GLN I 408 26.08 42.46 6.74
N GLU I 409 25.58 41.71 7.73
CA GLU I 409 26.38 40.66 8.33
C GLU I 409 26.87 39.70 7.24
N VAL I 410 26.02 39.48 6.24
CA VAL I 410 26.36 38.60 5.14
C VAL I 410 27.35 39.26 4.19
N LEU I 411 27.03 40.47 3.77
CA LEU I 411 27.90 41.20 2.85
C LEU I 411 29.30 41.35 3.44
N ASP I 412 29.38 41.57 4.76
CA ASP I 412 30.69 41.74 5.38
C ASP I 412 31.44 40.43 5.37
N TYR I 413 30.75 39.35 5.69
CA TYR I 413 31.39 38.04 5.70
C TYR I 413 31.94 37.70 4.33
N LEU I 414 31.10 37.78 3.32
CA LEU I 414 31.53 37.46 1.97
C LEU I 414 32.70 38.34 1.62
N SER I 415 32.50 39.65 1.77
CA SER I 415 33.53 40.63 1.46
C SER I 415 34.87 40.22 2.06
N SER I 416 34.87 39.92 3.35
CA SER I 416 36.09 39.51 4.03
C SER I 416 36.67 38.28 3.37
N TYR I 417 35.91 37.20 3.37
CA TYR I 417 36.32 35.94 2.76
C TYR I 417 37.02 36.19 1.43
N ILE I 418 36.39 37.00 0.59
CA ILE I 418 36.96 37.32 -0.72
C ILE I 418 38.31 38.02 -0.61
N ASN I 419 38.34 39.13 0.12
CA ASN I 419 39.59 39.89 0.30
C ASN I 419 40.64 39.02 0.99
N ARG I 420 40.21 38.34 2.05
CA ARG I 420 41.05 37.46 2.85
C ARG I 420 41.56 36.27 2.02
N ARG I 421 41.22 36.25 0.73
CA ARG I 421 41.63 35.17 -0.18
C ARG I 421 42.91 35.51 -0.96
N SER J 1 -29.48 -34.15 7.94
CA SER J 1 -29.48 -32.65 7.90
C SER J 1 -30.09 -32.15 6.59
N GLN J 2 -30.50 -30.88 6.57
CA GLN J 2 -31.07 -30.31 5.36
C GLN J 2 -30.08 -30.37 4.22
N PHE J 3 -28.87 -29.88 4.46
CA PHE J 3 -27.85 -29.89 3.42
C PHE J 3 -27.61 -31.28 2.83
N ASP J 4 -27.64 -32.30 3.69
CA ASP J 4 -27.43 -33.65 3.19
C ASP J 4 -28.56 -34.03 2.22
N ILE J 5 -29.79 -33.68 2.59
CA ILE J 5 -30.93 -33.97 1.75
C ILE J 5 -30.81 -33.22 0.43
N LEU J 6 -30.29 -32.00 0.50
CA LEU J 6 -30.12 -31.21 -0.71
C LEU J 6 -29.22 -31.99 -1.65
N CYS J 7 -28.08 -32.45 -1.14
CA CYS J 7 -27.12 -33.21 -1.93
C CYS J 7 -27.69 -34.51 -2.48
N LYS J 8 -28.67 -35.08 -1.77
CA LYS J 8 -29.30 -36.33 -2.19
C LYS J 8 -30.36 -36.12 -3.26
N THR J 9 -30.94 -34.92 -3.28
CA THR J 9 -31.99 -34.59 -4.24
C THR J 9 -31.45 -34.24 -5.63
N PRO J 10 -31.99 -34.89 -6.69
CA PRO J 10 -31.56 -34.64 -8.06
C PRO J 10 -31.96 -33.23 -8.48
N PRO J 11 -31.07 -32.51 -9.16
CA PRO J 11 -31.33 -31.15 -9.61
C PRO J 11 -32.73 -30.94 -10.19
N LYS J 12 -33.06 -31.70 -11.23
CA LYS J 12 -34.37 -31.56 -11.85
C LYS J 12 -35.48 -31.68 -10.82
N VAL J 13 -35.26 -32.54 -9.82
CA VAL J 13 -36.24 -32.73 -8.77
C VAL J 13 -36.38 -31.48 -7.91
N LEU J 14 -35.25 -30.85 -7.58
CA LEU J 14 -35.26 -29.63 -6.77
C LEU J 14 -36.10 -28.58 -7.47
N VAL J 15 -35.78 -28.29 -8.72
CA VAL J 15 -36.52 -27.30 -9.48
C VAL J 15 -37.99 -27.70 -9.54
N ARG J 16 -38.23 -29.01 -9.54
CA ARG J 16 -39.59 -29.52 -9.56
C ARG J 16 -40.26 -29.10 -8.26
N GLN J 17 -39.77 -29.62 -7.14
CA GLN J 17 -40.30 -29.34 -5.82
C GLN J 17 -40.50 -27.85 -5.56
N PHE J 18 -39.63 -27.01 -6.12
CA PHE J 18 -39.76 -25.57 -5.94
C PHE J 18 -40.95 -25.03 -6.69
N VAL J 19 -41.08 -25.41 -7.94
CA VAL J 19 -42.19 -24.97 -8.79
C VAL J 19 -43.55 -25.39 -8.21
N GLU J 20 -43.65 -26.63 -7.74
CA GLU J 20 -44.88 -27.14 -7.15
C GLU J 20 -45.44 -26.21 -6.07
N ARG J 21 -44.54 -25.68 -5.24
CA ARG J 21 -44.95 -24.81 -4.15
C ARG J 21 -45.80 -23.62 -4.62
N PHE J 22 -45.64 -23.22 -5.87
CA PHE J 22 -46.37 -22.07 -6.38
C PHE J 22 -47.60 -22.35 -7.23
N GLU J 23 -47.96 -23.61 -7.40
CA GLU J 23 -49.14 -23.94 -8.19
C GLU J 23 -50.38 -23.81 -7.31
N ARG J 24 -50.31 -24.38 -6.12
CA ARG J 24 -51.42 -24.27 -5.17
C ARG J 24 -50.88 -23.42 -4.03
N PRO J 25 -50.68 -22.12 -4.28
CA PRO J 25 -50.15 -21.14 -3.31
C PRO J 25 -50.57 -21.36 -1.86
N SER J 26 -49.72 -22.04 -1.10
CA SER J 26 -50.03 -22.31 0.30
C SER J 26 -48.95 -21.71 1.16
N GLY J 27 -49.33 -21.25 2.34
CA GLY J 27 -48.34 -20.69 3.22
C GLY J 27 -47.41 -21.79 3.69
N GLU J 28 -47.98 -22.98 3.95
CA GLU J 28 -47.20 -24.13 4.42
C GLU J 28 -46.16 -24.57 3.41
N LYS J 29 -46.43 -24.31 2.13
CA LYS J 29 -45.51 -24.71 1.07
C LYS J 29 -44.50 -23.65 0.69
N ILE J 30 -44.94 -22.41 0.51
CA ILE J 30 -44.01 -21.34 0.15
C ILE J 30 -42.99 -21.05 1.25
N ALA J 31 -43.40 -21.22 2.51
CA ALA J 31 -42.52 -20.94 3.63
C ALA J 31 -41.41 -21.97 3.80
N SER J 32 -41.47 -23.05 3.03
CA SER J 32 -40.45 -24.10 3.12
C SER J 32 -39.53 -24.15 1.89
N CYS J 33 -39.54 -23.10 1.10
CA CYS J 33 -38.73 -23.07 -0.12
C CYS J 33 -37.30 -22.56 0.12
N ALA J 34 -37.02 -22.17 1.36
CA ALA J 34 -35.71 -21.64 1.71
C ALA J 34 -34.51 -22.44 1.20
N ALA J 35 -34.44 -23.73 1.52
CA ALA J 35 -33.32 -24.56 1.09
C ALA J 35 -33.20 -24.53 -0.42
N GLU J 36 -34.30 -24.86 -1.08
CA GLU J 36 -34.35 -24.86 -2.53
C GLU J 36 -33.97 -23.51 -3.10
N LEU J 37 -34.56 -22.44 -2.57
CA LEU J 37 -34.28 -21.10 -3.05
C LEU J 37 -32.81 -20.76 -2.93
N THR J 38 -32.19 -21.19 -1.82
CA THR J 38 -30.77 -20.97 -1.58
C THR J 38 -29.96 -21.60 -2.69
N TYR J 39 -30.19 -22.89 -2.91
CA TYR J 39 -29.53 -23.65 -3.95
C TYR J 39 -29.65 -22.94 -5.29
N LEU J 40 -30.88 -22.58 -5.66
CA LEU J 40 -31.13 -21.91 -6.93
C LEU J 40 -30.41 -20.57 -7.07
N CYS J 41 -30.56 -19.70 -6.08
CA CYS J 41 -29.90 -18.40 -6.18
C CYS J 41 -28.40 -18.58 -6.38
N TRP J 42 -27.86 -19.64 -5.80
CA TRP J 42 -26.44 -19.90 -5.94
C TRP J 42 -26.14 -20.37 -7.35
N MET J 43 -26.78 -21.47 -7.74
CA MET J 43 -26.58 -22.05 -9.05
C MET J 43 -26.70 -20.98 -10.13
N ILE J 44 -27.64 -20.07 -9.93
CA ILE J 44 -27.84 -19.00 -10.90
C ILE J 44 -26.64 -18.10 -10.93
N THR J 45 -26.36 -17.45 -9.80
CA THR J 45 -25.24 -16.51 -9.71
C THR J 45 -23.87 -17.11 -9.94
N HIS J 46 -23.75 -18.43 -9.96
CA HIS J 46 -22.44 -19.05 -10.16
C HIS J 46 -22.40 -19.99 -11.36
N ASN J 47 -23.47 -19.98 -12.14
CA ASN J 47 -23.56 -20.82 -13.32
C ASN J 47 -23.28 -22.30 -13.06
N GLY J 48 -24.02 -22.89 -12.12
CA GLY J 48 -23.85 -24.30 -11.83
C GLY J 48 -22.74 -24.75 -10.91
N THR J 49 -21.80 -23.86 -10.57
CA THR J 49 -20.74 -24.23 -9.65
C THR J 49 -21.34 -24.84 -8.36
N ALA J 50 -20.64 -25.78 -7.74
CA ALA J 50 -21.18 -26.38 -6.53
C ALA J 50 -21.18 -25.40 -5.37
N ILE J 51 -21.95 -25.70 -4.33
CA ILE J 51 -21.99 -24.84 -3.16
C ILE J 51 -21.50 -25.65 -1.96
N LYS J 52 -20.71 -25.01 -1.11
CA LYS J 52 -20.16 -25.68 0.07
C LYS J 52 -21.15 -25.71 1.27
N ARG J 53 -21.14 -26.82 1.99
CA ARG J 53 -21.99 -26.99 3.15
C ARG J 53 -22.13 -25.71 4.00
N ALA J 54 -21.02 -25.23 4.53
CA ALA J 54 -21.07 -24.04 5.37
C ALA J 54 -21.72 -22.86 4.69
N THR J 55 -21.36 -22.63 3.43
CA THR J 55 -21.93 -21.49 2.74
C THR J 55 -23.42 -21.69 2.57
N PHE J 56 -23.83 -22.89 2.18
CA PHE J 56 -25.23 -23.14 2.03
C PHE J 56 -25.93 -22.88 3.37
N MET J 57 -25.42 -23.49 4.44
CA MET J 57 -26.01 -23.32 5.76
C MET J 57 -26.24 -21.84 6.07
N SER J 58 -25.20 -21.04 5.90
CA SER J 58 -25.27 -19.61 6.17
C SER J 58 -26.36 -18.91 5.36
N TYR J 59 -26.29 -19.06 4.05
CA TYR J 59 -27.24 -18.41 3.18
C TYR J 59 -28.66 -18.87 3.48
N ASN J 60 -28.81 -20.17 3.72
CA ASN J 60 -30.14 -20.70 3.98
C ASN J 60 -30.75 -20.04 5.21
N THR J 61 -29.91 -19.79 6.21
CA THR J 61 -30.40 -19.14 7.41
C THR J 61 -30.84 -17.75 7.03
N ILE J 62 -29.97 -17.02 6.32
CA ILE J 62 -30.29 -15.65 5.91
C ILE J 62 -31.62 -15.58 5.14
N ILE J 63 -31.82 -16.50 4.20
CA ILE J 63 -33.07 -16.51 3.46
C ILE J 63 -34.22 -16.79 4.42
N SER J 64 -34.12 -17.86 5.20
CA SER J 64 -35.18 -18.19 6.14
C SER J 64 -35.58 -16.98 6.99
N ASN J 65 -34.61 -16.30 7.58
CA ASN J 65 -34.93 -15.17 8.42
C ASN J 65 -35.58 -14.01 7.68
N SER J 66 -35.38 -13.91 6.37
CA SER J 66 -35.94 -12.78 5.63
C SER J 66 -37.11 -13.09 4.71
N LEU J 67 -37.32 -14.37 4.41
CA LEU J 67 -38.40 -14.75 3.52
C LEU J 67 -39.74 -14.18 3.96
N SER J 68 -40.46 -13.57 3.03
CA SER J 68 -41.79 -12.99 3.25
C SER J 68 -42.50 -12.97 1.90
N PHE J 69 -43.80 -13.18 1.90
CA PHE J 69 -44.54 -13.20 0.64
C PHE J 69 -46.02 -12.88 0.74
N ASP J 70 -46.57 -12.48 -0.40
CA ASP J 70 -47.98 -12.15 -0.52
C ASP J 70 -48.58 -13.12 -1.51
N ILE J 71 -49.42 -14.03 -1.02
CA ILE J 71 -50.01 -15.03 -1.90
C ILE J 71 -50.99 -14.43 -2.87
N VAL J 72 -51.60 -13.31 -2.48
CA VAL J 72 -52.56 -12.65 -3.34
C VAL J 72 -51.92 -11.90 -4.50
N ASN J 73 -50.92 -11.07 -4.20
CA ASN J 73 -50.24 -10.31 -5.24
C ASN J 73 -49.15 -11.12 -5.90
N LYS J 74 -49.06 -12.38 -5.48
CA LYS J 74 -48.06 -13.29 -6.00
C LYS J 74 -46.66 -12.66 -6.04
N SER J 75 -46.24 -12.17 -4.88
CA SER J 75 -44.92 -11.56 -4.75
C SER J 75 -44.16 -12.25 -3.60
N LEU J 76 -42.83 -12.28 -3.69
CA LEU J 76 -42.01 -12.92 -2.67
C LEU J 76 -40.64 -12.27 -2.60
N GLN J 77 -40.19 -11.95 -1.40
CA GLN J 77 -38.89 -11.31 -1.24
C GLN J 77 -38.04 -11.94 -0.13
N PHE J 78 -36.73 -11.69 -0.21
CA PHE J 78 -35.81 -12.22 0.77
C PHE J 78 -34.43 -11.62 0.53
N LYS J 79 -33.54 -11.79 1.50
CA LYS J 79 -32.18 -11.26 1.41
C LYS J 79 -31.22 -12.32 0.92
N TYR J 80 -30.19 -11.90 0.20
CA TYR J 80 -29.21 -12.82 -0.33
C TYR J 80 -27.93 -12.06 -0.62
N LYS J 81 -26.79 -12.61 -0.22
CA LYS J 81 -25.52 -11.94 -0.46
C LYS J 81 -25.24 -11.89 -1.96
N THR J 82 -25.65 -10.80 -2.59
CA THR J 82 -25.40 -10.61 -4.01
C THR J 82 -25.53 -9.14 -4.37
N GLN J 83 -24.98 -8.77 -5.53
CA GLN J 83 -25.06 -7.39 -5.96
C GLN J 83 -25.77 -7.28 -7.30
N LYS J 84 -25.98 -8.42 -7.92
CA LYS J 84 -26.67 -8.47 -9.19
C LYS J 84 -28.07 -9.06 -8.96
N ALA J 85 -28.80 -8.42 -8.05
CA ALA J 85 -30.13 -8.84 -7.67
C ALA J 85 -31.05 -8.98 -8.88
N THR J 86 -30.93 -8.03 -9.80
CA THR J 86 -31.77 -8.03 -11.00
C THR J 86 -31.67 -9.33 -11.78
N ILE J 87 -30.45 -9.68 -12.18
CA ILE J 87 -30.24 -10.91 -12.94
C ILE J 87 -30.92 -12.07 -12.24
N LEU J 88 -30.77 -12.11 -10.91
CA LEU J 88 -31.35 -13.17 -10.08
C LEU J 88 -32.88 -13.13 -10.08
N GLU J 89 -33.45 -11.95 -9.83
CA GLU J 89 -34.88 -11.76 -9.82
C GLU J 89 -35.46 -12.27 -11.14
N ALA J 90 -34.86 -11.84 -12.24
CA ALA J 90 -35.31 -12.25 -13.56
C ALA J 90 -35.32 -13.76 -13.73
N SER J 91 -34.17 -14.37 -13.49
CA SER J 91 -34.05 -15.83 -13.61
C SER J 91 -35.11 -16.52 -12.79
N LEU J 92 -35.38 -16.01 -11.60
CA LEU J 92 -36.41 -16.60 -10.75
C LEU J 92 -37.78 -16.51 -11.41
N LYS J 93 -38.11 -15.33 -11.91
CA LYS J 93 -39.39 -15.11 -12.57
C LYS J 93 -39.58 -16.11 -13.70
N LYS J 94 -38.55 -16.28 -14.53
CA LYS J 94 -38.65 -17.19 -15.66
C LYS J 94 -39.08 -18.57 -15.23
N LEU J 95 -38.78 -18.93 -13.98
CA LEU J 95 -39.13 -20.25 -13.49
C LEU J 95 -40.57 -20.28 -12.96
N ILE J 96 -41.06 -19.11 -12.58
CA ILE J 96 -42.41 -18.95 -12.03
C ILE J 96 -42.89 -17.55 -12.44
N PRO J 97 -43.28 -17.40 -13.71
CA PRO J 97 -43.78 -16.18 -14.36
C PRO J 97 -44.83 -15.37 -13.62
N ALA J 98 -45.80 -16.07 -13.04
CA ALA J 98 -46.89 -15.42 -12.32
C ALA J 98 -46.38 -14.54 -11.18
N TRP J 99 -45.29 -14.95 -10.54
CA TRP J 99 -44.75 -14.21 -9.41
C TRP J 99 -43.69 -13.16 -9.69
N GLU J 100 -43.60 -12.22 -8.77
CA GLU J 100 -42.65 -11.11 -8.82
C GLU J 100 -41.70 -11.28 -7.63
N PHE J 101 -40.41 -11.42 -7.89
CA PHE J 101 -39.45 -11.58 -6.81
C PHE J 101 -38.65 -10.31 -6.53
N THR J 102 -38.20 -10.16 -5.29
CA THR J 102 -37.42 -9.00 -4.91
C THR J 102 -36.26 -9.41 -4.02
N ILE J 103 -35.05 -9.37 -4.53
CA ILE J 103 -33.89 -9.74 -3.74
C ILE J 103 -33.38 -8.53 -3.00
N ILE J 104 -33.29 -8.63 -1.68
CA ILE J 104 -32.81 -7.53 -0.85
C ILE J 104 -31.38 -7.78 -0.39
N PRO J 105 -30.47 -6.83 -0.67
CA PRO J 105 -29.06 -6.96 -0.29
C PRO J 105 -28.90 -7.25 1.19
N TYR J 106 -27.99 -8.16 1.53
CA TYR J 106 -27.78 -8.49 2.93
C TYR J 106 -27.15 -7.32 3.70
N ASN J 107 -26.80 -6.22 3.02
CA ASN J 107 -26.25 -5.02 3.71
C ASN J 107 -26.88 -4.90 5.11
N SER J 113 -32.93 -1.65 7.27
CA SER J 113 -34.10 -2.38 7.73
C SER J 113 -35.24 -1.44 8.09
N ASP J 114 -36.19 -1.96 8.86
CA ASP J 114 -37.35 -1.20 9.29
C ASP J 114 -37.20 -0.67 10.73
N ILE J 115 -37.52 0.60 10.92
CA ILE J 115 -37.40 1.24 12.22
C ILE J 115 -37.91 0.45 13.41
N THR J 116 -39.22 0.23 13.47
CA THR J 116 -39.83 -0.50 14.58
C THR J 116 -39.06 -1.75 15.02
N ASP J 117 -38.38 -2.39 14.08
CA ASP J 117 -37.58 -3.57 14.40
C ASP J 117 -36.32 -3.07 15.06
N ILE J 118 -35.65 -2.16 14.36
CA ILE J 118 -34.42 -1.55 14.85
C ILE J 118 -34.64 -1.09 16.28
N VAL J 119 -35.78 -0.45 16.50
CA VAL J 119 -36.13 0.06 17.80
C VAL J 119 -36.26 -1.05 18.83
N SER J 120 -37.25 -1.92 18.63
CA SER J 120 -37.48 -3.02 19.56
C SER J 120 -36.18 -3.75 19.85
N SER J 121 -35.33 -3.86 18.84
CA SER J 121 -34.04 -4.51 19.01
C SER J 121 -33.18 -3.68 19.96
N LEU J 122 -33.19 -2.37 19.77
CA LEU J 122 -32.41 -1.46 20.60
C LEU J 122 -32.99 -1.49 22.00
N GLN J 123 -34.32 -1.47 22.08
CA GLN J 123 -35.02 -1.48 23.34
C GLN J 123 -34.62 -2.71 24.13
N LEU J 124 -34.37 -3.79 23.40
CA LEU J 124 -33.97 -5.06 23.98
C LEU J 124 -32.59 -4.90 24.58
N GLN J 125 -31.66 -4.42 23.76
CA GLN J 125 -30.28 -4.20 24.20
C GLN J 125 -30.21 -3.25 25.39
N PHE J 126 -30.98 -2.16 25.33
CA PHE J 126 -31.01 -1.16 26.40
C PHE J 126 -31.22 -1.81 27.76
N GLU J 127 -32.06 -2.84 27.78
CA GLU J 127 -32.39 -3.55 29.02
C GLU J 127 -31.35 -4.53 29.55
N SER J 128 -30.81 -5.39 28.68
CA SER J 128 -29.81 -6.37 29.14
C SER J 128 -28.38 -5.84 29.16
N SER J 129 -27.78 -5.83 30.35
CA SER J 129 -26.41 -5.38 30.54
C SER J 129 -25.47 -5.99 29.49
N GLY J 135 -16.75 -5.75 20.44
CA GLY J 135 -17.17 -7.13 20.23
C GLY J 135 -16.21 -8.21 20.74
N ASN J 136 -15.02 -8.27 20.15
CA ASN J 136 -14.01 -9.28 20.53
C ASN J 136 -12.85 -8.71 21.35
N SER J 137 -12.90 -7.40 21.60
CA SER J 137 -11.88 -6.71 22.36
C SER J 137 -11.57 -7.39 23.70
N HIS J 138 -12.61 -7.64 24.51
CA HIS J 138 -12.40 -8.28 25.81
C HIS J 138 -11.57 -9.56 25.71
N SER J 139 -11.89 -10.41 24.73
CA SER J 139 -11.17 -11.66 24.53
C SER J 139 -9.67 -11.47 24.30
N LYS J 140 -9.31 -10.53 23.42
CA LYS J 140 -7.89 -10.28 23.15
C LYS J 140 -7.17 -9.81 24.42
N LYS J 141 -7.86 -8.97 25.20
CA LYS J 141 -7.27 -8.47 26.43
C LYS J 141 -7.05 -9.64 27.38
N MET J 142 -8.06 -10.51 27.51
CA MET J 142 -7.96 -11.67 28.38
C MET J 142 -6.86 -12.65 27.99
N LEU J 143 -6.58 -12.74 26.70
CA LEU J 143 -5.53 -13.64 26.25
C LEU J 143 -4.20 -13.04 26.67
N LYS J 144 -4.06 -11.73 26.49
CA LYS J 144 -2.83 -11.05 26.88
C LYS J 144 -2.59 -11.25 28.36
N ALA J 145 -3.67 -11.26 29.14
CA ALA J 145 -3.58 -11.47 30.58
C ALA J 145 -3.07 -12.88 30.78
N LEU J 146 -3.83 -13.82 30.23
CA LEU J 146 -3.50 -15.24 30.28
C LEU J 146 -2.00 -15.46 30.06
N LEU J 147 -1.44 -14.72 29.11
CA LEU J 147 -0.03 -14.82 28.77
C LEU J 147 0.89 -14.03 29.71
N SER J 148 0.53 -12.78 30.01
CA SER J 148 1.33 -11.91 30.88
C SER J 148 1.20 -12.18 32.37
N GLU J 149 1.39 -13.43 32.78
CA GLU J 149 1.29 -13.79 34.19
C GLU J 149 2.10 -15.07 34.39
N GLY J 150 3.11 -15.02 35.24
CA GLY J 150 3.96 -16.16 35.50
C GLY J 150 4.12 -17.21 34.42
N GLU J 151 3.05 -17.99 34.21
CA GLU J 151 2.98 -19.08 33.24
C GLU J 151 3.38 -18.84 31.80
N SER J 152 4.17 -19.79 31.30
CA SER J 152 4.69 -19.82 29.94
C SER J 152 3.68 -20.52 29.03
N ILE J 153 3.88 -20.42 27.72
CA ILE J 153 2.94 -21.06 26.81
C ILE J 153 2.78 -22.54 27.16
N TRP J 154 3.90 -23.22 27.38
CA TRP J 154 3.82 -24.63 27.71
C TRP J 154 3.10 -24.92 29.02
N GLU J 155 3.22 -24.02 29.98
CA GLU J 155 2.54 -24.21 31.25
C GLU J 155 1.03 -24.10 31.01
N ILE J 156 0.62 -23.10 30.24
CA ILE J 156 -0.79 -22.87 29.92
C ILE J 156 -1.35 -24.06 29.16
N THR J 157 -0.55 -24.59 28.24
CA THR J 157 -0.95 -25.73 27.43
C THR J 157 -1.26 -26.95 28.30
N GLU J 158 -0.35 -27.24 29.23
CA GLU J 158 -0.52 -28.38 30.12
C GLU J 158 -1.74 -28.24 31.02
N LYS J 159 -1.93 -27.03 31.55
CA LYS J 159 -3.04 -26.77 32.42
C LYS J 159 -4.37 -27.02 31.68
N ILE J 160 -4.49 -26.51 30.46
CA ILE J 160 -5.72 -26.69 29.70
C ILE J 160 -5.87 -28.18 29.42
N LEU J 161 -4.79 -28.77 28.94
CA LEU J 161 -4.81 -30.18 28.61
C LEU J 161 -5.35 -30.97 29.82
N ASN J 162 -4.99 -30.52 31.02
CA ASN J 162 -5.39 -31.20 32.24
C ASN J 162 -6.84 -31.01 32.60
N SER J 163 -7.34 -29.81 32.38
CA SER J 163 -8.72 -29.53 32.72
C SER J 163 -9.73 -30.56 32.24
N PHE J 164 -9.36 -31.41 31.28
CA PHE J 164 -10.28 -32.43 30.77
C PHE J 164 -10.07 -33.75 31.47
N GLU J 165 -8.85 -33.95 32.00
CA GLU J 165 -8.46 -35.19 32.66
C GLU J 165 -9.49 -35.87 33.56
N TYR J 166 -10.17 -35.07 34.39
CA TYR J 166 -11.15 -35.62 35.30
C TYR J 166 -12.58 -35.27 34.94
N THR J 167 -12.78 -34.04 34.50
CA THR J 167 -14.10 -33.55 34.15
C THR J 167 -14.84 -34.30 33.05
N SER J 168 -14.12 -35.06 32.23
CA SER J 168 -14.76 -35.78 31.13
C SER J 168 -15.60 -36.96 31.59
N ARG J 169 -16.71 -37.20 30.92
CA ARG J 169 -17.58 -38.29 31.30
C ARG J 169 -17.16 -39.64 30.75
N PHE J 170 -16.42 -39.65 29.65
CA PHE J 170 -15.95 -40.91 29.07
C PHE J 170 -14.47 -40.80 28.74
N THR J 171 -13.83 -41.95 28.57
CA THR J 171 -12.42 -41.97 28.25
C THR J 171 -12.28 -41.46 26.83
N LYS J 172 -13.24 -41.82 25.98
CA LYS J 172 -13.19 -41.39 24.59
C LYS J 172 -13.20 -39.87 24.49
N THR J 173 -14.17 -39.24 25.14
CA THR J 173 -14.26 -37.78 25.09
C THR J 173 -13.00 -37.16 25.67
N LYS J 174 -12.52 -37.71 26.77
CA LYS J 174 -11.32 -37.18 27.40
C LYS J 174 -10.19 -37.27 26.39
N THR J 175 -10.06 -38.44 25.80
CA THR J 175 -9.05 -38.72 24.80
C THR J 175 -9.15 -37.74 23.62
N LEU J 176 -10.37 -37.56 23.11
CA LEU J 176 -10.61 -36.67 21.98
C LEU J 176 -10.28 -35.22 22.30
N TYR J 177 -10.81 -34.71 23.39
CA TYR J 177 -10.52 -33.33 23.75
C TYR J 177 -9.03 -33.05 23.82
N GLN J 178 -8.30 -33.84 24.60
CA GLN J 178 -6.87 -33.63 24.75
C GLN J 178 -6.15 -33.74 23.39
N PHE J 179 -6.46 -34.77 22.64
CA PHE J 179 -5.84 -34.95 21.34
C PHE J 179 -6.09 -33.73 20.47
N LEU J 180 -7.35 -33.37 20.32
CA LEU J 180 -7.73 -32.22 19.51
C LEU J 180 -6.98 -30.96 19.97
N PHE J 181 -7.03 -30.69 21.26
CA PHE J 181 -6.37 -29.50 21.77
C PHE J 181 -4.87 -29.49 21.45
N LEU J 182 -4.19 -30.57 21.83
CA LEU J 182 -2.77 -30.62 21.60
C LEU J 182 -2.47 -30.57 20.12
N ALA J 183 -3.30 -31.21 19.32
CA ALA J 183 -3.11 -31.23 17.86
C ALA J 183 -3.20 -29.81 17.31
N THR J 184 -4.23 -29.08 17.73
CA THR J 184 -4.43 -27.72 17.25
C THR J 184 -3.27 -26.83 17.62
N PHE J 185 -2.77 -26.96 18.86
CA PHE J 185 -1.65 -26.13 19.31
C PHE J 185 -0.40 -26.43 18.50
N ILE J 186 -0.02 -27.70 18.50
CA ILE J 186 1.14 -28.19 17.78
C ILE J 186 1.23 -27.76 16.31
N ASN J 187 0.11 -27.81 15.59
CA ASN J 187 0.06 -27.45 14.18
C ASN J 187 -0.45 -26.05 13.92
N CYS J 188 -0.83 -25.35 14.98
CA CYS J 188 -1.34 -24.00 14.81
C CYS J 188 -2.50 -24.07 13.83
N GLY J 189 -3.24 -25.17 13.89
CA GLY J 189 -4.35 -25.35 13.00
C GLY J 189 -5.70 -25.16 13.66
N ARG J 190 -6.73 -25.04 12.83
CA ARG J 190 -8.07 -24.87 13.33
C ARG J 190 -8.64 -26.24 13.62
N PHE J 191 -9.89 -26.28 14.08
CA PHE J 191 -10.57 -27.53 14.34
C PHE J 191 -10.60 -28.33 13.06
N SER J 192 -11.17 -27.71 12.03
CA SER J 192 -11.29 -28.33 10.70
C SER J 192 -9.97 -28.86 10.12
N ASP J 193 -8.87 -28.18 10.40
CA ASP J 193 -7.56 -28.62 9.92
C ASP J 193 -7.22 -29.98 10.52
N ILE J 194 -7.73 -30.25 11.71
CA ILE J 194 -7.46 -31.52 12.34
C ILE J 194 -8.52 -32.54 11.93
N LYS J 195 -9.77 -32.11 11.95
CA LYS J 195 -10.89 -32.96 11.59
C LYS J 195 -10.86 -33.52 10.16
N ASN J 196 -10.53 -32.68 9.19
CA ASN J 196 -10.53 -33.12 7.81
C ASN J 196 -9.29 -33.85 7.33
N VAL J 197 -8.43 -34.23 8.24
CA VAL J 197 -7.22 -34.95 7.85
C VAL J 197 -7.64 -36.26 7.22
N ASP J 198 -6.93 -36.68 6.16
CA ASP J 198 -7.23 -37.94 5.51
C ASP J 198 -6.41 -38.99 6.23
N PRO J 199 -7.07 -39.74 7.12
CA PRO J 199 -6.34 -40.77 7.87
C PRO J 199 -5.43 -41.65 7.02
N LYS J 200 -5.74 -41.79 5.73
CA LYS J 200 -4.91 -42.62 4.85
C LYS J 200 -3.64 -41.92 4.40
N SER J 201 -3.46 -40.67 4.78
CA SER J 201 -2.27 -39.95 4.34
C SER J 201 -1.13 -39.93 5.37
N PHE J 202 -1.30 -40.61 6.50
CA PHE J 202 -0.25 -40.64 7.52
C PHE J 202 1.05 -41.25 6.94
N LYS J 203 2.17 -40.54 7.11
CA LYS J 203 3.47 -41.01 6.63
C LYS J 203 4.52 -40.66 7.66
N LEU J 204 5.68 -41.29 7.52
CA LEU J 204 6.82 -40.99 8.38
C LEU J 204 7.70 -40.12 7.49
N VAL J 205 8.12 -38.97 8.03
CA VAL J 205 8.94 -38.05 7.28
C VAL J 205 10.15 -37.70 8.11
N GLN J 206 11.32 -37.57 7.48
CA GLN J 206 12.51 -37.24 8.23
C GLN J 206 12.61 -35.79 8.63
N ASN J 207 13.24 -35.56 9.77
CA ASN J 207 13.41 -34.24 10.33
C ASN J 207 14.79 -34.32 10.95
N LYS J 208 15.68 -33.44 10.50
CA LYS J 208 17.05 -33.47 10.98
C LYS J 208 17.26 -33.26 12.46
N TYR J 209 16.23 -32.79 13.17
CA TYR J 209 16.38 -32.58 14.60
C TYR J 209 15.77 -33.69 15.45
N LEU J 210 14.75 -34.37 14.92
CA LEU J 210 14.06 -35.41 15.69
C LEU J 210 14.09 -36.79 15.07
N GLY J 211 14.79 -36.94 13.95
CA GLY J 211 14.84 -38.24 13.31
C GLY J 211 13.67 -38.31 12.35
N VAL J 212 12.50 -38.66 12.86
CA VAL J 212 11.29 -38.70 12.03
C VAL J 212 10.11 -38.15 12.80
N ILE J 213 9.12 -37.71 12.06
CA ILE J 213 7.91 -37.18 12.66
C ILE J 213 6.77 -37.71 11.81
N ILE J 214 5.58 -37.77 12.39
CA ILE J 214 4.42 -38.26 11.66
C ILE J 214 3.75 -37.13 10.89
N GLN J 215 3.49 -37.36 9.61
CA GLN J 215 2.86 -36.34 8.78
C GLN J 215 1.58 -36.85 8.13
N CYS J 216 0.54 -36.03 8.12
CA CYS J 216 -0.70 -36.41 7.47
C CYS J 216 -1.13 -35.18 6.66
N LEU J 217 -2.14 -35.35 5.81
CA LEU J 217 -2.58 -34.27 4.94
C LEU J 217 -4.04 -33.85 5.03
N VAL J 218 -4.27 -32.53 5.00
CA VAL J 218 -5.63 -32.00 5.03
C VAL J 218 -5.80 -31.25 3.71
N THR J 219 -6.87 -31.56 3.00
CA THR J 219 -7.15 -30.94 1.73
C THR J 219 -8.26 -29.93 1.83
N GLU J 220 -9.30 -30.33 2.56
CA GLU J 220 -10.47 -29.49 2.74
C GLU J 220 -10.30 -28.44 3.84
N THR J 221 -9.41 -27.48 3.61
CA THR J 221 -9.18 -26.40 4.57
C THR J 221 -10.05 -25.19 4.28
N LYS J 222 -10.09 -24.24 5.20
CA LYS J 222 -10.93 -23.06 5.03
C LYS J 222 -10.62 -22.30 3.75
N THR J 223 -9.33 -22.05 3.48
CA THR J 223 -8.92 -21.33 2.28
C THR J 223 -8.64 -22.27 1.11
N SER J 224 -9.04 -23.53 1.25
CA SER J 224 -8.85 -24.51 0.20
C SER J 224 -7.41 -24.71 -0.19
N VAL J 225 -6.49 -24.21 0.62
CA VAL J 225 -5.05 -24.42 0.37
C VAL J 225 -4.62 -25.59 1.26
N SER J 226 -4.26 -26.71 0.67
CA SER J 226 -3.85 -27.86 1.45
C SER J 226 -2.65 -27.60 2.38
N ARG J 227 -2.60 -28.37 3.47
CA ARG J 227 -1.51 -28.24 4.42
C ARG J 227 -1.33 -29.57 5.09
N HIS J 228 -0.16 -29.71 5.72
CA HIS J 228 0.17 -30.92 6.47
C HIS J 228 -0.07 -30.73 7.97
N ILE J 229 -0.41 -31.84 8.63
CA ILE J 229 -0.62 -31.84 10.08
C ILE J 229 0.39 -32.82 10.64
N TYR J 230 1.09 -32.43 11.70
CA TYR J 230 2.12 -33.30 12.27
C TYR J 230 1.92 -33.76 13.70
N PHE J 231 2.71 -34.75 14.08
CA PHE J 231 2.72 -35.33 15.41
C PHE J 231 4.13 -35.79 15.62
N PHE J 232 4.71 -35.41 16.74
CA PHE J 232 6.08 -35.78 16.99
C PHE J 232 6.38 -35.92 18.48
N SER J 233 7.48 -36.60 18.77
CA SER J 233 7.93 -36.82 20.14
C SER J 233 8.33 -35.48 20.73
N ALA J 234 7.95 -35.25 21.98
CA ALA J 234 8.31 -34.01 22.63
C ALA J 234 8.88 -34.34 24.00
N ARG J 235 9.94 -33.65 24.37
CA ARG J 235 10.56 -33.85 25.66
C ARG J 235 9.69 -33.17 26.71
N GLY J 236 9.52 -33.81 27.85
CA GLY J 236 8.72 -33.20 28.89
C GLY J 236 7.50 -34.01 29.26
N ARG J 237 6.65 -33.39 30.08
CA ARG J 237 5.44 -34.04 30.53
C ARG J 237 4.40 -34.24 29.42
N ILE J 238 4.43 -33.38 28.41
CA ILE J 238 3.46 -33.44 27.30
C ILE J 238 4.07 -34.00 26.03
N ASP J 239 3.65 -35.21 25.66
CA ASP J 239 4.17 -35.85 24.46
C ASP J 239 3.07 -36.12 23.43
N PRO J 240 3.07 -35.34 22.32
CA PRO J 240 2.08 -35.51 21.27
C PRO J 240 1.88 -36.97 20.90
N LEU J 241 2.98 -37.70 20.72
CA LEU J 241 2.88 -39.11 20.34
C LEU J 241 2.02 -39.91 21.31
N VAL J 242 2.11 -39.56 22.58
CA VAL J 242 1.33 -40.23 23.59
C VAL J 242 -0.15 -39.96 23.41
N TYR J 243 -0.50 -38.70 23.22
CA TYR J 243 -1.90 -38.36 23.04
C TYR J 243 -2.43 -38.93 21.73
N LEU J 244 -1.56 -39.05 20.72
CA LEU J 244 -1.98 -39.62 19.44
C LEU J 244 -2.30 -41.08 19.68
N ASP J 245 -1.48 -41.71 20.53
CA ASP J 245 -1.67 -43.10 20.89
C ASP J 245 -3.01 -43.27 21.58
N GLU J 246 -3.28 -42.45 22.60
CA GLU J 246 -4.54 -42.53 23.32
C GLU J 246 -5.71 -42.29 22.38
N PHE J 247 -5.56 -41.31 21.50
CA PHE J 247 -6.61 -40.99 20.54
C PHE J 247 -6.95 -42.23 19.71
N LEU J 248 -5.94 -42.75 19.03
CA LEU J 248 -6.13 -43.91 18.17
C LEU J 248 -6.75 -45.12 18.85
N ARG J 249 -6.41 -45.35 20.11
CA ARG J 249 -6.94 -46.53 20.81
C ARG J 249 -8.32 -46.33 21.43
N ASN J 250 -8.98 -45.23 21.12
CA ASN J 250 -10.31 -44.99 21.68
C ASN J 250 -11.33 -44.49 20.67
N SER J 251 -10.84 -44.01 19.53
CA SER J 251 -11.72 -43.52 18.48
C SER J 251 -11.55 -44.39 17.25
N GLU J 252 -12.47 -44.29 16.29
CA GLU J 252 -12.37 -45.08 15.08
C GLU J 252 -12.51 -44.19 13.87
N PRO J 253 -12.09 -44.68 12.69
CA PRO J 253 -12.18 -43.90 11.45
C PRO J 253 -13.60 -43.35 11.25
N VAL J 254 -13.69 -42.11 10.77
CA VAL J 254 -14.97 -41.45 10.53
C VAL J 254 -15.17 -41.30 9.03
N LEU J 255 -16.33 -41.71 8.54
CA LEU J 255 -16.64 -41.60 7.12
C LEU J 255 -16.68 -40.14 6.74
N LYS J 256 -15.93 -39.78 5.71
CA LYS J 256 -15.85 -38.40 5.23
C LYS J 256 -17.20 -37.79 4.93
N ARG J 257 -17.57 -36.74 5.64
CA ARG J 257 -18.84 -36.09 5.39
C ARG J 257 -18.75 -35.37 4.05
N VAL J 258 -19.85 -35.38 3.29
CA VAL J 258 -19.85 -34.71 2.00
C VAL J 258 -20.04 -33.25 2.30
N ASN J 259 -19.22 -32.37 1.74
CA ASN J 259 -19.33 -30.96 2.04
C ASN J 259 -19.55 -29.98 0.87
N ARG J 260 -20.09 -30.49 -0.23
CA ARG J 260 -20.39 -29.63 -1.36
C ARG J 260 -21.38 -30.31 -2.30
N THR J 261 -22.25 -29.50 -2.89
CA THR J 261 -23.28 -30.00 -3.79
C THR J 261 -22.78 -30.76 -5.00
N GLY J 262 -21.49 -30.64 -5.32
CA GLY J 262 -20.99 -31.34 -6.48
C GLY J 262 -21.28 -32.83 -6.36
N ASN J 263 -20.71 -33.61 -7.27
CA ASN J 263 -20.90 -35.04 -7.22
C ASN J 263 -19.56 -35.79 -7.24
N SER J 266 -13.88 -38.12 -9.45
CA SER J 266 -14.09 -37.48 -8.14
C SER J 266 -13.00 -37.85 -7.12
N ASN J 267 -12.17 -36.85 -6.79
CA ASN J 267 -11.06 -37.01 -5.83
C ASN J 267 -11.58 -37.38 -4.42
N LYS J 268 -11.96 -38.66 -4.29
CA LYS J 268 -12.48 -39.21 -3.05
C LYS J 268 -11.50 -39.11 -1.88
N GLN J 269 -12.02 -39.49 -0.71
CA GLN J 269 -11.33 -39.54 0.57
C GLN J 269 -12.49 -40.08 1.37
N GLU J 270 -12.52 -41.39 1.61
CA GLU J 270 -13.64 -41.96 2.32
C GLU J 270 -13.77 -41.67 3.82
N TYR J 271 -12.64 -41.38 4.45
CA TYR J 271 -12.64 -41.07 5.88
C TYR J 271 -12.09 -39.69 6.22
N GLN J 272 -12.36 -39.27 7.45
CA GLN J 272 -11.87 -38.03 8.02
C GLN J 272 -11.43 -38.42 9.43
N LEU J 273 -10.51 -37.67 10.02
CA LEU J 273 -9.99 -37.99 11.34
C LEU J 273 -10.92 -37.87 12.55
N LEU J 274 -11.73 -36.82 12.62
CA LEU J 274 -12.63 -36.65 13.75
C LEU J 274 -14.07 -36.45 13.32
N LYS J 275 -14.98 -36.40 14.28
CA LYS J 275 -16.40 -36.18 13.96
C LYS J 275 -16.73 -34.69 13.89
N ASP J 276 -17.53 -34.33 12.91
CA ASP J 276 -17.88 -32.94 12.73
C ASP J 276 -18.45 -32.29 13.98
N ASN J 277 -19.25 -33.02 14.74
CA ASN J 277 -19.85 -32.46 15.95
C ASN J 277 -18.93 -32.43 17.16
N LEU J 278 -17.75 -33.04 17.04
CA LEU J 278 -16.81 -33.05 18.16
C LEU J 278 -16.58 -31.63 18.68
N VAL J 279 -16.54 -30.67 17.76
CA VAL J 279 -16.31 -29.28 18.16
C VAL J 279 -17.33 -28.73 19.16
N ARG J 280 -18.59 -29.12 19.01
CA ARG J 280 -19.62 -28.61 19.93
C ARG J 280 -19.35 -29.08 21.35
N SER J 281 -19.20 -30.38 21.53
CA SER J 281 -18.95 -30.90 22.87
C SER J 281 -17.61 -30.39 23.38
N TYR J 282 -16.62 -30.30 22.50
CA TYR J 282 -15.32 -29.79 22.89
C TYR J 282 -15.39 -28.36 23.43
N ASN J 283 -16.08 -27.48 22.70
CA ASN J 283 -16.21 -26.10 23.14
C ASN J 283 -17.02 -26.06 24.44
N LYS J 284 -18.10 -26.84 24.49
CA LYS J 284 -18.96 -26.88 25.66
C LYS J 284 -18.11 -27.28 26.87
N ALA J 285 -17.20 -28.22 26.66
CA ALA J 285 -16.34 -28.70 27.73
C ALA J 285 -15.36 -27.61 28.12
N LEU J 286 -14.69 -27.06 27.12
CA LEU J 286 -13.72 -26.00 27.36
C LEU J 286 -14.39 -24.86 28.13
N LYS J 287 -15.65 -24.61 27.80
CA LYS J 287 -16.45 -23.55 28.43
C LYS J 287 -16.65 -23.81 29.91
N LYS J 288 -17.06 -25.02 30.27
CA LYS J 288 -17.29 -25.37 31.66
C LYS J 288 -16.02 -25.48 32.50
N ASN J 289 -15.12 -26.37 32.13
CA ASN J 289 -13.91 -26.54 32.88
C ASN J 289 -13.00 -25.33 32.75
N ALA J 290 -13.57 -24.20 32.33
CA ALA J 290 -12.82 -22.95 32.12
C ALA J 290 -11.51 -22.83 32.93
N PRO J 291 -10.42 -23.40 32.42
CA PRO J 291 -9.14 -23.35 33.11
C PRO J 291 -8.68 -21.92 33.30
N TYR J 292 -9.15 -21.03 32.43
CA TYR J 292 -8.80 -19.62 32.51
C TYR J 292 -10.02 -18.78 32.22
N PRO J 293 -10.01 -17.51 32.68
CA PRO J 293 -11.12 -16.58 32.47
C PRO J 293 -11.55 -16.43 30.99
N ILE J 294 -10.58 -16.29 30.10
CA ILE J 294 -10.87 -16.13 28.67
C ILE J 294 -12.00 -17.04 28.18
N PHE J 295 -11.99 -18.29 28.64
CA PHE J 295 -12.99 -19.28 28.22
C PHE J 295 -14.40 -19.05 28.73
N ALA J 296 -14.57 -18.08 29.62
CA ALA J 296 -15.90 -17.79 30.14
C ALA J 296 -16.63 -16.81 29.23
N ILE J 297 -15.87 -16.07 28.44
CA ILE J 297 -16.44 -15.08 27.54
C ILE J 297 -17.25 -15.66 26.39
N LYS J 298 -18.51 -15.22 26.28
CA LYS J 298 -19.37 -15.72 25.22
C LYS J 298 -18.77 -15.32 23.88
N ASN J 299 -18.74 -16.27 22.94
CA ASN J 299 -18.17 -16.05 21.63
C ASN J 299 -16.68 -15.85 21.65
N GLY J 300 -16.05 -16.15 22.80
CA GLY J 300 -14.62 -15.99 22.88
C GLY J 300 -14.00 -17.21 22.23
N PRO J 301 -12.69 -17.17 21.91
CA PRO J 301 -12.12 -18.35 21.28
C PRO J 301 -12.32 -19.58 22.15
N LYS J 302 -12.60 -20.70 21.49
CA LYS J 302 -12.81 -21.99 22.12
C LYS J 302 -11.86 -22.96 21.45
N SER J 303 -12.32 -23.69 20.44
CA SER J 303 -11.40 -24.61 19.77
C SER J 303 -10.25 -23.82 19.12
N HIS J 304 -10.46 -22.53 18.92
CA HIS J 304 -9.45 -21.68 18.30
C HIS J 304 -8.27 -21.31 19.22
N ILE J 305 -8.45 -21.56 20.51
CA ILE J 305 -7.42 -21.25 21.47
C ILE J 305 -6.07 -21.83 21.05
N GLY J 306 -6.06 -23.10 20.64
CA GLY J 306 -4.83 -23.75 20.22
C GLY J 306 -4.06 -22.87 19.27
N ARG J 307 -4.73 -22.47 18.20
CA ARG J 307 -4.13 -21.63 17.16
C ARG J 307 -3.55 -20.32 17.77
N HIS J 308 -4.35 -19.60 18.54
CA HIS J 308 -3.87 -18.38 19.18
C HIS J 308 -2.66 -18.65 20.06
N LEU J 309 -2.69 -19.76 20.80
CA LEU J 309 -1.56 -20.09 21.67
C LEU J 309 -0.25 -20.27 20.90
N MET J 310 -0.25 -21.09 19.86
CA MET J 310 0.97 -21.30 19.12
C MET J 310 1.40 -20.02 18.42
N THR J 311 0.44 -19.26 17.91
CA THR J 311 0.77 -18.01 17.23
C THR J 311 1.51 -17.10 18.17
N SER J 312 1.05 -17.07 19.42
CA SER J 312 1.68 -16.26 20.46
C SER J 312 3.06 -16.86 20.77
N PHE J 313 3.09 -18.16 20.99
CA PHE J 313 4.34 -18.83 21.29
C PHE J 313 5.45 -18.46 20.31
N LEU J 314 5.16 -18.56 19.03
CA LEU J 314 6.16 -18.23 18.01
C LEU J 314 6.55 -16.76 18.04
N SER J 315 5.56 -15.89 18.19
CA SER J 315 5.81 -14.45 18.24
C SER J 315 6.69 -14.13 19.43
N MET J 316 6.30 -14.64 20.59
CA MET J 316 7.05 -14.42 21.82
C MET J 316 8.49 -14.89 21.67
N LYS J 317 8.68 -16.08 21.09
CA LYS J 317 10.02 -16.61 20.88
C LYS J 317 10.66 -15.85 19.72
N GLY J 318 9.90 -14.92 19.16
CA GLY J 318 10.38 -14.09 18.06
C GLY J 318 10.69 -14.89 16.80
N LEU J 319 9.67 -15.57 16.27
CA LEU J 319 9.82 -16.37 15.07
C LEU J 319 8.59 -16.21 14.17
N THR J 320 8.04 -15.00 14.16
CA THR J 320 6.86 -14.69 13.38
C THR J 320 6.99 -15.02 11.88
N GLU J 321 8.22 -15.18 11.41
CA GLU J 321 8.45 -15.53 10.01
C GLU J 321 7.81 -16.90 9.76
N LEU J 322 7.85 -17.75 10.76
CA LEU J 322 7.30 -19.10 10.66
C LEU J 322 5.78 -19.10 10.77
N THR J 323 5.25 -18.25 11.65
CA THR J 323 3.81 -18.16 11.87
C THR J 323 2.98 -18.35 10.61
N ASN J 324 3.29 -17.58 9.57
CA ASN J 324 2.54 -17.67 8.33
C ASN J 324 2.56 -19.06 7.72
N VAL J 325 3.74 -19.65 7.64
CA VAL J 325 3.89 -20.97 7.05
C VAL J 325 3.20 -22.05 7.89
N VAL J 326 3.40 -21.99 9.20
CA VAL J 326 2.84 -22.97 10.10
C VAL J 326 1.32 -22.87 10.22
N GLY J 327 0.82 -21.64 10.28
CA GLY J 327 -0.61 -21.42 10.40
C GLY J 327 -1.31 -21.52 9.05
N ASN J 328 -0.53 -21.68 7.98
CA ASN J 328 -1.08 -21.79 6.65
C ASN J 328 -1.92 -20.57 6.30
N PHE J 329 -1.26 -19.43 6.22
CA PHE J 329 -1.91 -18.20 5.89
C PHE J 329 -1.67 -17.93 4.42
N SER J 330 -2.67 -17.40 3.72
CA SER J 330 -2.48 -17.07 2.31
C SER J 330 -1.33 -16.09 2.30
N ASP J 331 -0.32 -16.35 1.48
CA ASP J 331 0.81 -15.44 1.44
C ASP J 331 0.60 -14.34 0.42
N LYS J 332 0.67 -13.09 0.87
CA LYS J 332 0.44 -11.94 -0.01
C LYS J 332 1.69 -11.35 -0.66
N ARG J 333 2.87 -11.85 -0.28
CA ARG J 333 4.14 -11.33 -0.82
C ARG J 333 4.37 -11.79 -2.26
N ALA J 334 3.49 -12.64 -2.77
CA ALA J 334 3.62 -13.16 -4.12
C ALA J 334 2.38 -12.87 -4.93
N SER J 335 2.57 -12.39 -6.15
CA SER J 335 1.46 -12.07 -7.03
C SER J 335 0.30 -13.05 -6.92
N ALA J 336 -0.92 -12.53 -7.13
CA ALA J 336 -2.12 -13.34 -7.08
C ALA J 336 -1.98 -14.45 -8.11
N VAL J 337 -1.64 -14.07 -9.33
CA VAL J 337 -1.47 -15.02 -10.42
C VAL J 337 -0.32 -15.98 -10.11
N ALA J 338 0.75 -15.44 -9.54
CA ALA J 338 1.88 -16.28 -9.19
C ALA J 338 1.38 -17.43 -8.33
N ARG J 339 0.33 -17.18 -7.56
CA ARG J 339 -0.28 -18.18 -6.68
C ARG J 339 -1.31 -19.05 -7.37
N THR J 340 -2.39 -18.41 -7.79
CA THR J 340 -3.50 -19.09 -8.44
C THR J 340 -3.13 -20.16 -9.47
N THR J 341 -2.19 -19.87 -10.36
CA THR J 341 -1.85 -20.83 -11.40
C THR J 341 -0.40 -21.20 -11.70
N THR J 343 1.97 -21.83 -8.93
CA THR J 343 2.57 -22.53 -7.79
C THR J 343 1.87 -23.86 -7.60
N HIS J 344 2.66 -24.95 -7.62
CA HIS J 344 2.13 -26.30 -7.51
C HIS J 344 2.73 -27.16 -6.41
N GLN J 345 3.11 -26.57 -5.30
CA GLN J 345 3.69 -27.36 -4.24
C GLN J 345 3.54 -26.77 -2.83
N ILE J 346 2.82 -27.50 -1.99
CA ILE J 346 2.57 -27.08 -0.62
C ILE J 346 3.89 -26.62 0.03
N THR J 347 3.90 -25.40 0.60
CA THR J 347 5.11 -24.90 1.26
C THR J 347 5.39 -25.82 2.44
N ALA J 348 6.66 -26.01 2.77
CA ALA J 348 7.00 -26.90 3.86
C ALA J 348 7.30 -26.23 5.19
N ILE J 349 6.80 -26.84 6.28
CA ILE J 349 7.09 -26.31 7.59
C ILE J 349 8.57 -26.65 7.68
N PRO J 350 9.41 -25.66 8.00
CA PRO J 350 10.86 -25.86 8.12
C PRO J 350 11.20 -26.83 9.26
N ASP J 351 12.23 -27.64 9.04
CA ASP J 351 12.66 -28.61 10.02
C ASP J 351 12.79 -28.06 11.43
N HIS J 352 13.42 -26.89 11.59
CA HIS J 352 13.62 -26.37 12.93
C HIS J 352 12.38 -26.04 13.74
N TYR J 353 11.27 -25.77 13.05
CA TYR J 353 10.04 -25.48 13.76
C TYR J 353 9.75 -26.61 14.76
N PHE J 354 9.76 -27.85 14.26
CA PHE J 354 9.48 -28.99 15.11
C PHE J 354 10.54 -29.16 16.18
N ALA J 355 11.78 -28.84 15.83
CA ALA J 355 12.85 -28.95 16.80
C ALA J 355 12.42 -28.15 18.02
N LEU J 356 12.01 -26.91 17.79
CA LEU J 356 11.58 -26.02 18.86
C LEU J 356 10.39 -26.57 19.63
N VAL J 357 9.26 -26.67 18.94
CA VAL J 357 8.03 -27.17 19.56
C VAL J 357 8.19 -28.50 20.30
N SER J 358 9.15 -29.33 19.87
CA SER J 358 9.36 -30.62 20.53
C SER J 358 10.02 -30.44 21.89
N ARG J 359 10.65 -29.30 22.11
CA ARG J 359 11.30 -28.96 23.37
C ARG J 359 12.66 -29.66 23.58
N TYR J 360 13.11 -30.40 22.58
CA TYR J 360 14.41 -31.07 22.68
C TYR J 360 15.50 -30.07 22.33
N TYR J 361 15.09 -28.90 21.83
CA TYR J 361 16.03 -27.85 21.45
C TYR J 361 15.50 -26.50 21.87
N ALA J 362 16.35 -25.47 21.81
CA ALA J 362 15.91 -24.12 22.16
C ALA J 362 16.35 -23.23 21.01
N TYR J 363 15.80 -22.03 20.95
CA TYR J 363 16.17 -21.11 19.88
C TYR J 363 17.01 -19.97 20.41
N ASP J 364 18.13 -19.72 19.73
CA ASP J 364 19.03 -18.64 20.11
C ASP J 364 18.81 -17.50 19.12
N PRO J 365 18.10 -16.45 19.55
CA PRO J 365 17.81 -15.29 18.72
C PRO J 365 19.06 -14.62 18.17
N ILE J 366 20.14 -14.69 18.93
CA ILE J 366 21.39 -14.09 18.51
C ILE J 366 22.18 -14.95 17.52
N SER J 367 22.51 -16.18 17.90
CA SER J 367 23.28 -17.05 17.00
C SER J 367 22.45 -17.64 15.86
N LYS J 368 21.14 -17.40 15.88
CA LYS J 368 20.25 -17.92 14.85
C LYS J 368 20.52 -19.41 14.72
N GLU J 369 20.36 -20.13 15.83
CA GLU J 369 20.60 -21.57 15.82
C GLU J 369 19.76 -22.33 16.82
N MET J 370 19.68 -23.63 16.60
CA MET J 370 18.93 -24.51 17.47
C MET J 370 19.92 -25.16 18.43
N ILE J 371 19.76 -24.83 19.71
CA ILE J 371 20.64 -25.37 20.71
C ILE J 371 19.97 -26.51 21.46
N ALA J 372 20.45 -27.71 21.18
CA ALA J 372 19.93 -28.93 21.79
C ALA J 372 20.02 -28.84 23.31
N LEU J 373 18.92 -29.19 23.99
CA LEU J 373 18.93 -29.18 25.45
C LEU J 373 19.57 -30.49 25.85
N LYS J 374 20.59 -30.43 26.70
CA LYS J 374 21.33 -31.63 27.11
C LYS J 374 20.52 -32.78 27.70
N ASP J 375 19.20 -32.72 27.63
CA ASP J 375 18.38 -33.82 28.15
C ASP J 375 19.03 -35.09 27.63
N GLU J 376 19.15 -36.08 28.52
CA GLU J 376 19.77 -37.35 28.16
C GLU J 376 19.23 -37.97 26.87
N THR J 377 17.94 -38.32 26.89
CA THR J 377 17.27 -38.94 25.75
C THR J 377 17.45 -38.13 24.47
N ASN J 378 18.10 -38.72 23.47
CA ASN J 378 18.28 -38.03 22.20
C ASN J 378 17.28 -38.58 21.20
N PRO J 379 16.34 -37.74 20.74
CA PRO J 379 15.29 -38.09 19.78
C PRO J 379 15.81 -38.85 18.60
N ILE J 380 16.85 -38.35 17.97
CA ILE J 380 17.41 -39.00 16.81
C ILE J 380 17.88 -40.41 17.11
N GLU J 381 18.68 -40.56 18.15
CA GLU J 381 19.21 -41.87 18.51
C GLU J 381 18.13 -42.87 18.91
N GLU J 382 17.05 -42.38 19.52
CA GLU J 382 15.99 -43.30 19.93
C GLU J 382 15.22 -43.80 18.72
N TRP J 383 15.10 -42.98 17.69
CA TRP J 383 14.40 -43.41 16.50
C TRP J 383 15.19 -44.54 15.86
N GLN J 384 16.52 -44.40 15.85
CA GLN J 384 17.38 -45.42 15.27
C GLN J 384 17.19 -46.74 15.99
N HIS J 385 17.11 -46.71 17.31
CA HIS J 385 16.91 -47.92 18.10
C HIS J 385 15.60 -48.57 17.69
N ILE J 386 14.60 -47.72 17.45
CA ILE J 386 13.26 -48.17 17.07
C ILE J 386 13.24 -48.67 15.63
N GLU J 387 13.92 -47.94 14.75
CA GLU J 387 13.98 -48.30 13.34
C GLU J 387 14.62 -49.67 13.12
N GLN J 388 15.61 -50.00 13.96
CA GLN J 388 16.32 -51.28 13.86
C GLN J 388 15.31 -52.40 14.05
N LEU J 389 14.53 -52.26 15.11
CA LEU J 389 13.47 -53.18 15.51
C LEU J 389 12.57 -53.57 14.34
N LYS J 390 12.62 -54.84 13.96
CA LYS J 390 11.83 -55.38 12.84
C LYS J 390 10.89 -56.48 13.28
N GLY J 391 10.17 -57.04 12.31
CA GLY J 391 9.24 -58.12 12.57
C GLY J 391 8.08 -57.78 13.48
N SER J 392 8.36 -57.05 14.56
CA SER J 392 7.33 -56.66 15.52
C SER J 392 6.26 -55.79 14.86
N ALA J 393 5.25 -56.42 14.29
CA ALA J 393 4.16 -55.69 13.64
C ALA J 393 3.02 -55.49 14.63
N GLU J 394 3.36 -55.34 15.91
CA GLU J 394 2.36 -55.16 16.95
C GLU J 394 1.52 -53.91 16.73
N GLY J 395 1.82 -53.15 15.69
CA GLY J 395 1.09 -51.92 15.46
C GLY J 395 -0.36 -52.20 15.10
N SER J 396 -0.54 -53.10 14.14
CA SER J 396 -1.86 -53.46 13.67
C SER J 396 -2.69 -54.15 14.75
N ILE J 397 -2.02 -54.57 15.82
CA ILE J 397 -2.70 -55.24 16.92
C ILE J 397 -3.09 -54.24 18.00
N ARG J 398 -2.32 -53.17 18.09
CA ARG J 398 -2.55 -52.11 19.08
C ARG J 398 -3.60 -51.12 18.62
N TYR J 399 -3.67 -50.93 17.31
CA TYR J 399 -4.63 -49.99 16.73
C TYR J 399 -5.53 -50.71 15.72
N PRO J 400 -6.32 -51.67 16.18
CA PRO J 400 -7.22 -52.42 15.30
C PRO J 400 -8.15 -51.60 14.40
N ALA J 401 -8.81 -50.59 14.96
CA ALA J 401 -9.74 -49.75 14.21
C ALA J 401 -9.14 -48.97 13.04
N TRP J 402 -7.83 -48.74 13.09
CA TRP J 402 -7.14 -47.99 12.04
C TRP J 402 -6.33 -48.90 11.12
N ASN J 403 -6.34 -50.18 11.47
CA ASN J 403 -5.62 -51.16 10.69
C ASN J 403 -6.19 -51.18 9.30
N GLY J 404 -5.32 -51.09 8.30
CA GLY J 404 -5.78 -51.09 6.93
C GLY J 404 -6.10 -49.69 6.48
N ILE J 405 -6.19 -48.77 7.43
CA ILE J 405 -6.49 -47.37 7.11
C ILE J 405 -5.20 -46.57 7.21
N ILE J 406 -4.61 -46.58 8.41
CA ILE J 406 -3.36 -45.85 8.62
C ILE J 406 -2.18 -46.74 8.28
N SER J 407 -1.29 -46.22 7.43
CA SER J 407 -0.09 -46.92 7.01
C SER J 407 0.44 -47.81 8.12
N GLN J 408 0.78 -49.04 7.81
CA GLN J 408 1.32 -49.93 8.82
C GLN J 408 2.67 -49.41 9.31
N GLU J 409 3.45 -48.84 8.41
CA GLU J 409 4.74 -48.30 8.77
C GLU J 409 4.58 -47.29 9.90
N VAL J 410 3.49 -46.53 9.86
CA VAL J 410 3.20 -45.53 10.88
C VAL J 410 2.74 -46.21 12.17
N LEU J 411 1.75 -47.08 12.06
CA LEU J 411 1.25 -47.78 13.23
C LEU J 411 2.35 -48.53 13.97
N ASP J 412 3.28 -49.12 13.23
CA ASP J 412 4.36 -49.87 13.86
C ASP J 412 5.29 -48.91 14.58
N TYR J 413 5.63 -47.80 13.94
CA TYR J 413 6.52 -46.82 14.56
C TYR J 413 5.90 -46.32 15.86
N LEU J 414 4.67 -45.83 15.80
CA LEU J 414 4.03 -45.32 16.99
C LEU J 414 4.02 -46.40 18.04
N SER J 415 3.47 -47.55 17.68
CA SER J 415 3.38 -48.68 18.60
C SER J 415 4.70 -48.91 19.33
N SER J 416 5.78 -49.00 18.56
CA SER J 416 7.10 -49.20 19.15
C SER J 416 7.42 -48.09 20.14
N TYR J 417 7.48 -46.86 19.63
CA TYR J 417 7.77 -45.69 20.46
C TYR J 417 7.04 -45.78 21.78
N ILE J 418 5.75 -46.09 21.71
CA ILE J 418 4.94 -46.19 22.92
C ILE J 418 5.43 -47.28 23.85
N ASN J 419 5.54 -48.51 23.34
CA ASN J 419 6.01 -49.65 24.14
C ASN J 419 7.43 -49.40 24.63
N ARG J 420 8.27 -48.93 23.71
CA ARG J 420 9.66 -48.62 23.97
C ARG J 420 9.84 -47.54 25.05
N ARG J 421 8.76 -47.22 25.75
CA ARG J 421 8.80 -46.21 26.80
C ARG J 421 8.07 -46.66 28.06
#